data_7AGE
#
_entry.id   7AGE
#
_cell.length_a   87.260
_cell.length_b   87.290
_cell.length_c   157.950
_cell.angle_alpha   90.000
_cell.angle_beta   90.000
_cell.angle_gamma   90.000
#
_symmetry.space_group_name_H-M   'P 21 21 21'
#
loop_
_entity.id
_entity.type
_entity.pdbx_description
1 polymer Candidapepsin
2 polymer Pepstatin
3 non-polymer DI(HYDROXYETHYL)ETHER
4 water water
#
loop_
_entity_poly.entity_id
_entity_poly.type
_entity_poly.pdbx_seq_one_letter_code
_entity_poly.pdbx_strand_id
1 'polypeptide(L)'
;DSISLSLINEGPSYASKVSVGSNKQQQTVIIDTGSSDFWVVDSNAQCGKGVDCKSSGTFTPSSSSSYKNLGAAFTIRYGD
GSTSQGTWGKDTVTINGVSITGQQIADVTQTSVDQGILGIGYTSNEAVYDTSGRQTTPNYDNVPVTLKKQGKIRTNAYSL
YLNSPSAETGTIIFGGVDNAKYSGKLVAEQVTSSQALTISLASVNLKGSSFSFGDGALLDSGTTLTYFPSDFAAQLADKA
GARLVQVARDQYLYFIDCNTDTSGTTVFNFGNGAKITVPNTEYVYQNGDGTCLWGIQPSDDTILGDNFLRHAYLLYNLDA
NTISIAQVKYTTDSSISAV
;
A,B,D,F
2 'polypeptide(L)' (BOC)VV(PSA)A(PSA)A I,C,E,G
#
# COMPACT_ATOMS: atom_id res chain seq x y z
N ASP A 1 44.60 64.30 -20.39
CA ASP A 1 45.81 64.64 -21.22
C ASP A 1 47.09 64.37 -20.45
N SER A 2 48.21 64.27 -21.16
CA SER A 2 49.48 64.01 -20.46
C SER A 2 50.54 65.04 -20.76
N ILE A 3 51.48 65.21 -19.84
CA ILE A 3 52.50 66.17 -19.96
C ILE A 3 53.85 65.49 -19.70
N SER A 4 54.67 65.35 -20.72
CA SER A 4 55.98 64.74 -20.60
C SER A 4 56.99 65.83 -20.31
N LEU A 5 57.84 65.58 -19.32
CA LEU A 5 58.80 66.51 -18.91
C LEU A 5 60.14 65.80 -18.77
N SER A 6 61.15 66.34 -19.41
CA SER A 6 62.44 65.71 -19.40
C SER A 6 63.09 65.81 -18.01
N LEU A 7 63.77 64.74 -17.62
CA LEU A 7 64.52 64.68 -16.38
C LEU A 7 65.98 64.69 -16.69
N ILE A 8 66.66 65.72 -16.26
CA ILE A 8 68.05 65.84 -16.48
C ILE A 8 68.73 65.04 -15.37
N ASN A 9 69.56 64.06 -15.75
CA ASN A 9 70.33 63.28 -14.78
C ASN A 9 71.50 64.13 -14.35
N GLU A 10 71.39 64.73 -13.17
CA GLU A 10 72.44 65.62 -12.66
C GLU A 10 73.55 64.88 -11.87
N GLY A 11 73.33 63.61 -11.62
CA GLY A 11 74.24 62.78 -10.82
C GLY A 11 73.47 62.41 -9.58
N PRO A 12 73.52 63.25 -8.53
N PRO A 12 73.56 63.20 -8.50
CA PRO A 12 72.80 62.91 -7.31
CA PRO A 12 72.78 62.77 -7.33
C PRO A 12 71.28 62.98 -7.41
C PRO A 12 71.27 62.97 -7.40
N SER A 13 70.77 63.75 -8.37
CA SER A 13 69.34 64.11 -8.47
C SER A 13 68.96 64.24 -9.93
N TYR A 14 67.65 64.24 -10.17
CA TYR A 14 67.03 64.45 -11.45
C TYR A 14 66.21 65.73 -11.40
N ALA A 15 66.38 66.59 -12.40
CA ALA A 15 65.75 67.90 -12.40
C ALA A 15 65.05 68.16 -13.70
N SER A 16 64.10 69.09 -13.67
CA SER A 16 63.41 69.51 -14.86
C SER A 16 63.41 71.05 -14.95
N LYS A 17 63.32 71.56 -16.18
CA LYS A 17 63.10 72.97 -16.39
C LYS A 17 61.63 73.24 -16.18
N VAL A 18 61.34 74.26 -15.36
CA VAL A 18 59.98 74.66 -15.01
C VAL A 18 60.01 76.19 -14.97
N SER A 19 59.09 76.85 -15.65
CA SER A 19 59.10 78.31 -15.68
CA SER A 19 59.16 78.32 -15.59
C SER A 19 58.10 78.86 -14.68
N VAL A 20 58.43 80.01 -14.11
CA VAL A 20 57.56 80.60 -13.11
C VAL A 20 57.39 82.09 -13.46
N GLY A 21 56.16 82.60 -13.29
CA GLY A 21 55.89 84.02 -13.43
C GLY A 21 55.33 84.39 -14.78
N SER A 22 54.83 85.62 -14.84
CA SER A 22 54.33 86.20 -16.09
C SER A 22 55.37 86.20 -17.18
N ASN A 23 56.62 86.37 -16.80
CA ASN A 23 57.76 86.47 -17.73
C ASN A 23 58.48 85.13 -17.83
N LYS A 24 57.83 84.04 -17.36
CA LYS A 24 58.32 82.68 -17.61
C LYS A 24 59.79 82.53 -17.32
N GLN A 25 60.16 82.81 -16.08
CA GLN A 25 61.51 82.70 -15.64
C GLN A 25 61.87 81.24 -15.42
N GLN A 26 62.86 80.74 -16.14
CA GLN A 26 63.15 79.31 -16.12
C GLN A 26 63.94 78.92 -14.89
N GLN A 27 63.39 77.96 -14.19
CA GLN A 27 64.04 77.34 -13.03
C GLN A 27 64.43 75.90 -13.39
N THR A 28 65.59 75.47 -12.95
CA THR A 28 65.98 74.08 -13.11
C THR A 28 65.92 73.47 -11.70
N VAL A 29 64.92 72.61 -11.52
CA VAL A 29 64.49 72.16 -10.19
C VAL A 29 64.36 70.65 -10.08
N ILE A 30 64.70 70.13 -8.90
CA ILE A 30 64.70 68.70 -8.66
C ILE A 30 63.27 68.21 -8.60
N ILE A 31 62.95 67.13 -9.31
CA ILE A 31 61.67 66.51 -9.28
C ILE A 31 61.66 65.53 -8.13
N ASP A 32 60.83 65.79 -7.13
CA ASP A 32 60.93 65.14 -5.84
C ASP A 32 59.62 64.53 -5.42
N THR A 33 59.52 63.21 -5.52
CA THR A 33 58.37 62.53 -5.00
C THR A 33 58.39 62.37 -3.49
N GLY A 34 59.50 62.72 -2.86
CA GLY A 34 59.60 62.65 -1.41
C GLY A 34 59.27 63.94 -0.69
N SER A 35 58.86 65.00 -1.39
CA SER A 35 58.34 66.20 -0.72
C SER A 35 57.20 66.72 -1.57
N SER A 36 56.53 67.76 -1.07
CA SER A 36 55.24 68.17 -1.62
C SER A 36 55.15 69.65 -1.96
N ASP A 37 56.21 70.40 -1.74
CA ASP A 37 56.21 71.83 -1.97
C ASP A 37 57.15 72.18 -3.10
N PHE A 38 56.76 73.15 -3.92
CA PHE A 38 57.60 73.66 -4.97
C PHE A 38 58.16 74.97 -4.47
N TRP A 39 59.47 75.08 -4.36
CA TRP A 39 60.14 76.30 -4.04
C TRP A 39 61.23 76.62 -5.05
N VAL A 40 61.47 77.93 -5.22
CA VAL A 40 62.43 78.43 -6.16
C VAL A 40 63.43 79.31 -5.45
N VAL A 41 64.60 79.42 -6.06
CA VAL A 41 65.65 80.24 -5.50
C VAL A 41 65.43 81.69 -5.90
N ASP A 42 65.22 82.58 -4.93
CA ASP A 42 65.05 83.98 -5.24
C ASP A 42 66.35 84.52 -5.80
N SER A 43 66.25 85.42 -6.76
CA SER A 43 67.46 86.02 -7.36
CA SER A 43 67.44 86.04 -7.36
C SER A 43 68.31 86.77 -6.34
N ASN A 44 67.68 87.27 -5.28
CA ASN A 44 68.39 87.95 -4.17
C ASN A 44 68.59 87.03 -2.97
N ALA A 45 68.46 85.72 -3.16
CA ALA A 45 68.70 84.76 -2.07
C ALA A 45 70.14 84.87 -1.60
N GLN A 46 70.35 84.58 -0.33
CA GLN A 46 71.71 84.38 0.15
C GLN A 46 71.89 82.89 0.30
N CYS A 47 72.83 82.34 -0.45
CA CYS A 47 73.14 80.94 -0.34
C CYS A 47 73.86 80.67 0.97
N GLY A 48 73.71 79.46 1.48
CA GLY A 48 74.51 79.02 2.60
C GLY A 48 75.98 79.07 2.27
N LYS A 49 76.83 79.10 3.30
CA LYS A 49 78.29 79.07 3.13
C LYS A 49 78.74 77.94 2.19
N GLY A 50 79.48 78.33 1.16
CA GLY A 50 80.02 77.36 0.22
C GLY A 50 79.02 76.70 -0.71
N VAL A 51 77.76 77.17 -0.70
CA VAL A 51 76.71 76.62 -1.57
C VAL A 51 76.50 77.57 -2.75
N ASP A 52 76.60 77.02 -3.96
CA ASP A 52 76.40 77.75 -5.19
C ASP A 52 74.92 77.55 -5.56
N CYS A 53 74.03 78.34 -4.95
CA CYS A 53 72.58 78.15 -5.11
C CYS A 53 71.96 78.95 -6.24
N LYS A 54 72.75 79.79 -6.92
CA LYS A 54 72.19 80.67 -7.97
C LYS A 54 72.58 80.26 -9.41
N SER A 55 73.08 79.04 -9.56
CA SER A 55 73.54 78.58 -10.90
C SER A 55 72.54 77.68 -11.66
N SER A 56 71.33 77.46 -11.10
CA SER A 56 70.34 76.60 -11.70
C SER A 56 69.01 77.33 -11.98
N GLY A 57 69.12 78.62 -12.26
CA GLY A 57 67.96 79.50 -12.43
C GLY A 57 67.63 80.18 -11.13
N THR A 58 67.10 81.39 -11.25
CA THR A 58 66.55 82.08 -10.11
C THR A 58 65.28 82.78 -10.48
N PHE A 59 64.54 83.13 -9.44
CA PHE A 59 63.24 83.76 -9.62
C PHE A 59 63.24 85.14 -8.96
N THR A 60 62.79 86.13 -9.72
CA THR A 60 62.64 87.53 -9.28
C THR A 60 61.15 87.81 -9.20
N PRO A 61 60.56 87.68 -8.00
CA PRO A 61 59.11 87.89 -7.93
C PRO A 61 58.65 89.24 -8.44
N SER A 62 59.43 90.29 -8.21
CA SER A 62 59.04 91.63 -8.60
C SER A 62 58.95 91.86 -10.11
N SER A 63 59.55 91.00 -10.95
CA SER A 63 59.45 91.17 -12.38
C SER A 63 58.32 90.33 -12.97
N SER A 64 57.64 89.54 -12.11
CA SER A 64 56.44 88.82 -12.53
C SER A 64 55.21 89.65 -12.16
N SER A 65 54.43 90.02 -13.15
CA SER A 65 53.25 90.85 -12.87
C SER A 65 52.20 90.07 -12.09
N SER A 66 52.27 88.75 -12.14
CA SER A 66 51.25 87.88 -11.56
C SER A 66 51.58 87.33 -10.18
N TYR A 67 52.78 87.59 -9.66
CA TYR A 67 53.15 87.04 -8.38
C TYR A 67 52.31 87.64 -7.28
N LYS A 68 51.78 86.81 -6.41
CA LYS A 68 51.01 87.25 -5.24
C LYS A 68 51.62 86.71 -3.99
N ASN A 69 51.87 87.60 -3.05
CA ASN A 69 52.43 87.27 -1.77
C ASN A 69 51.34 86.73 -0.85
N LEU A 70 51.59 85.62 -0.18
CA LEU A 70 50.61 85.08 0.75
C LEU A 70 50.81 85.59 2.15
N GLY A 71 51.98 86.15 2.43
CA GLY A 71 52.20 86.79 3.74
C GLY A 71 52.59 85.83 4.85
N ALA A 72 53.14 84.66 4.51
CA ALA A 72 53.47 83.60 5.45
C ALA A 72 54.90 83.08 5.17
N ALA A 73 55.54 82.59 6.21
CA ALA A 73 56.89 82.04 6.14
C ALA A 73 56.86 80.61 5.64
N PHE A 74 57.85 80.27 4.84
CA PHE A 74 58.13 78.91 4.43
C PHE A 74 59.42 78.45 5.06
N THR A 75 59.40 77.25 5.64
CA THR A 75 60.57 76.62 6.15
C THR A 75 60.49 75.12 5.89
N ILE A 76 61.57 74.54 5.39
CA ILE A 76 61.63 73.08 5.20
C ILE A 76 63.00 72.55 5.56
N ARG A 77 63.00 71.34 6.10
CA ARG A 77 64.23 70.62 6.35
C ARG A 77 64.10 69.24 5.74
N TYR A 78 65.14 68.90 5.01
CA TYR A 78 65.14 67.64 4.29
C TYR A 78 65.86 66.56 5.10
N GLY A 79 65.72 65.32 4.67
CA GLY A 79 66.33 64.18 5.35
C GLY A 79 67.84 64.22 5.48
N ASP A 80 68.54 64.88 4.57
CA ASP A 80 69.99 65.02 4.61
C ASP A 80 70.47 66.25 5.40
N GLY A 81 69.54 66.96 6.05
CA GLY A 81 69.88 68.14 6.87
C GLY A 81 69.97 69.47 6.13
N SER A 82 69.86 69.49 4.81
CA SER A 82 69.83 70.79 4.10
C SER A 82 68.44 71.43 4.33
N THR A 83 68.41 72.75 4.19
CA THR A 83 67.21 73.49 4.53
C THR A 83 67.00 74.61 3.57
N SER A 84 65.76 75.12 3.56
CA SER A 84 65.42 76.32 2.80
C SER A 84 64.39 77.08 3.59
N GLN A 85 64.50 78.40 3.51
CA GLN A 85 63.52 79.29 4.13
C GLN A 85 63.17 80.42 3.20
N GLY A 86 61.94 80.90 3.28
CA GLY A 86 61.53 82.05 2.50
C GLY A 86 60.10 82.38 2.81
N THR A 87 59.35 82.73 1.78
CA THR A 87 57.97 83.13 1.97
CA THR A 87 57.97 83.12 1.98
C THR A 87 57.09 82.46 0.95
N TRP A 88 55.83 82.36 1.28
CA TRP A 88 54.85 81.75 0.40
C TRP A 88 54.27 82.75 -0.56
N GLY A 89 54.04 82.31 -1.79
CA GLY A 89 53.40 83.12 -2.81
C GLY A 89 52.67 82.24 -3.78
N LYS A 90 52.08 82.89 -4.77
CA LYS A 90 51.38 82.23 -5.87
C LYS A 90 51.79 82.84 -7.17
N ASP A 91 51.98 82.01 -8.18
CA ASP A 91 52.26 82.54 -9.50
C ASP A 91 51.94 81.47 -10.53
N THR A 92 52.06 81.88 -11.79
CA THR A 92 51.89 80.98 -12.93
C THR A 92 53.10 80.08 -13.02
N VAL A 93 52.82 78.79 -13.19
CA VAL A 93 53.89 77.78 -13.34
C VAL A 93 53.67 77.13 -14.70
N THR A 94 54.77 77.03 -15.46
CA THR A 94 54.68 76.48 -16.82
C THR A 94 55.64 75.28 -16.93
N ILE A 95 55.06 74.18 -17.36
CA ILE A 95 55.74 72.89 -17.48
C ILE A 95 55.56 72.39 -18.91
N ASN A 96 56.69 72.32 -19.62
CA ASN A 96 56.73 71.95 -21.04
C ASN A 96 55.60 72.63 -21.79
N GLY A 97 55.56 73.95 -21.64
CA GLY A 97 54.60 74.78 -22.32
C GLY A 97 53.17 74.83 -21.77
N VAL A 98 52.82 74.03 -20.76
CA VAL A 98 51.47 73.99 -20.20
C VAL A 98 51.50 74.86 -18.93
N SER A 99 50.65 75.89 -18.86
CA SER A 99 50.64 76.81 -17.72
C SER A 99 49.45 76.56 -16.79
N ILE A 100 49.75 76.60 -15.49
CA ILE A 100 48.75 76.65 -14.45
C ILE A 100 48.89 78.00 -13.75
N THR A 101 47.73 78.59 -13.48
CA THR A 101 47.68 79.90 -12.83
C THR A 101 47.55 79.74 -11.32
N GLY A 102 48.02 80.76 -10.61
CA GLY A 102 47.78 80.83 -9.17
C GLY A 102 48.31 79.67 -8.37
N GLN A 103 49.43 79.11 -8.80
CA GLN A 103 50.02 77.99 -8.09
C GLN A 103 50.83 78.49 -6.90
N GLN A 104 50.51 77.94 -5.74
CA GLN A 104 51.28 78.26 -4.53
C GLN A 104 52.66 77.63 -4.57
N ILE A 105 53.64 78.47 -4.34
CA ILE A 105 55.06 78.13 -4.33
C ILE A 105 55.72 78.87 -3.18
N ALA A 106 56.95 78.53 -2.87
CA ALA A 106 57.73 79.30 -1.93
C ALA A 106 58.88 79.99 -2.65
N ASP A 107 59.06 81.27 -2.33
CA ASP A 107 60.12 82.13 -2.78
C ASP A 107 61.20 82.04 -1.71
N VAL A 108 62.26 81.32 -2.00
CA VAL A 108 63.27 81.02 -0.99
C VAL A 108 64.39 82.02 -1.04
N THR A 109 64.70 82.61 0.13
CA THR A 109 65.75 83.63 0.21
C THR A 109 66.97 83.17 0.99
N GLN A 110 66.94 81.96 1.53
CA GLN A 110 68.09 81.39 2.19
C GLN A 110 67.98 79.90 2.03
N THR A 111 69.07 79.29 1.54
CA THR A 111 69.05 77.86 1.33
C THR A 111 70.43 77.30 1.30
N SER A 112 70.53 76.06 1.79
CA SER A 112 71.77 75.29 1.65
C SER A 112 71.64 74.24 0.59
N VAL A 113 70.54 74.27 -0.17
CA VAL A 113 70.32 73.39 -1.33
C VAL A 113 70.84 74.14 -2.58
N ASP A 114 71.42 73.39 -3.53
CA ASP A 114 71.98 73.97 -4.76
CA ASP A 114 72.00 74.03 -4.73
C ASP A 114 70.98 74.49 -5.76
N GLN A 115 69.73 74.03 -5.65
CA GLN A 115 68.70 74.42 -6.59
C GLN A 115 67.34 74.23 -5.98
N GLY A 116 66.34 74.79 -6.65
CA GLY A 116 64.97 74.65 -6.22
C GLY A 116 64.47 73.21 -6.34
N ILE A 117 63.36 72.92 -5.67
CA ILE A 117 62.80 71.58 -5.61
C ILE A 117 61.33 71.66 -5.94
N LEU A 118 60.88 70.84 -6.87
CA LEU A 118 59.50 70.70 -7.21
C LEU A 118 59.00 69.41 -6.54
N GLY A 119 58.47 69.54 -5.33
CA GLY A 119 57.86 68.46 -4.62
C GLY A 119 56.49 68.14 -5.18
N ILE A 120 56.26 66.87 -5.49
CA ILE A 120 55.04 66.42 -6.15
C ILE A 120 54.33 65.31 -5.41
N GLY A 121 54.64 65.17 -4.12
CA GLY A 121 53.96 64.23 -3.26
C GLY A 121 52.60 64.67 -2.81
N TYR A 122 52.06 63.97 -1.84
CA TYR A 122 50.74 64.24 -1.30
C TYR A 122 50.66 65.63 -0.66
N THR A 123 49.54 66.29 -0.80
CA THR A 123 49.38 67.60 -0.15
C THR A 123 49.44 67.47 1.36
N SER A 124 49.07 66.30 1.91
CA SER A 124 49.09 66.14 3.34
C SER A 124 50.50 66.16 3.91
N ASN A 125 51.53 66.05 3.08
CA ASN A 125 52.90 66.10 3.52
C ASN A 125 53.58 67.43 3.30
N GLU A 126 52.85 68.48 2.93
CA GLU A 126 53.41 69.80 2.76
C GLU A 126 54.08 70.31 4.04
N ALA A 127 55.11 71.08 3.83
CA ALA A 127 55.89 71.63 4.94
C ALA A 127 55.24 72.95 5.33
N VAL A 128 54.20 72.85 6.16
CA VAL A 128 53.35 74.01 6.49
C VAL A 128 53.63 74.53 7.90
N TYR A 129 54.74 74.14 8.48
CA TYR A 129 55.09 74.46 9.88
C TYR A 129 56.42 75.15 9.96
N ASP A 130 56.59 75.89 11.04
CA ASP A 130 57.93 76.38 11.43
C ASP A 130 58.59 75.43 12.42
N THR A 131 59.80 75.77 12.88
CA THR A 131 60.55 74.88 13.74
C THR A 131 59.94 74.70 15.13
N SER A 132 59.00 75.53 15.53
CA SER A 132 58.30 75.30 16.79
C SER A 132 57.07 74.43 16.64
N GLY A 133 56.79 73.99 15.41
CA GLY A 133 55.62 73.16 15.14
C GLY A 133 54.39 73.94 14.82
N ARG A 134 54.43 75.26 14.96
CA ARG A 134 53.35 76.12 14.63
C ARG A 134 53.16 76.15 13.13
N GLN A 135 51.92 76.17 12.71
CA GLN A 135 51.56 76.28 11.31
C GLN A 135 51.82 77.63 10.74
N THR A 136 52.44 77.69 9.57
CA THR A 136 52.75 78.94 8.84
C THR A 136 51.60 79.27 7.91
N THR A 137 50.98 78.22 7.33
CA THR A 137 49.95 78.40 6.33
C THR A 137 49.14 77.09 6.24
N PRO A 138 47.94 77.13 5.70
CA PRO A 138 47.19 75.87 5.59
C PRO A 138 47.74 74.96 4.50
N ASN A 139 47.38 73.69 4.59
CA ASN A 139 47.60 72.81 3.44
C ASN A 139 46.87 73.36 2.23
N TYR A 140 47.42 73.07 1.06
CA TYR A 140 47.06 73.78 -0.18
C TYR A 140 47.24 72.85 -1.36
N ASP A 141 46.75 73.28 -2.50
CA ASP A 141 46.87 72.50 -3.75
C ASP A 141 48.27 72.65 -4.32
N ASN A 142 49.06 71.59 -4.26
CA ASN A 142 50.38 71.59 -4.86
C ASN A 142 50.29 71.28 -6.36
N VAL A 143 51.44 71.23 -7.02
CA VAL A 143 51.43 71.27 -8.49
C VAL A 143 50.56 70.17 -9.11
N PRO A 144 50.68 68.90 -8.70
CA PRO A 144 49.87 67.86 -9.33
C PRO A 144 48.37 68.07 -9.14
N VAL A 145 47.98 68.55 -7.97
CA VAL A 145 46.58 68.82 -7.74
C VAL A 145 46.09 69.93 -8.66
N THR A 146 46.88 70.96 -8.80
CA THR A 146 46.48 72.10 -9.66
C THR A 146 46.44 71.69 -11.13
N LEU A 147 47.41 70.89 -11.56
CA LEU A 147 47.35 70.40 -12.95
C LEU A 147 46.03 69.68 -13.21
N LYS A 148 45.56 68.91 -12.27
CA LYS A 148 44.29 68.24 -12.43
C LYS A 148 43.14 69.24 -12.38
N LYS A 149 43.13 70.10 -11.38
CA LYS A 149 41.99 71.02 -11.19
CA LYS A 149 42.02 71.02 -11.16
C LYS A 149 41.79 71.96 -12.35
N GLN A 150 42.86 72.36 -13.02
CA GLN A 150 42.79 73.27 -14.16
C GLN A 150 42.65 72.49 -15.47
N GLY A 151 42.46 71.17 -15.36
CA GLY A 151 42.11 70.35 -16.54
C GLY A 151 43.27 69.99 -17.42
N LYS A 152 44.50 70.10 -16.91
CA LYS A 152 45.68 69.75 -17.68
C LYS A 152 45.97 68.26 -17.71
N ILE A 153 45.54 67.56 -16.68
CA ILE A 153 45.61 66.11 -16.57
C ILE A 153 44.31 65.61 -15.96
N ARG A 154 43.95 64.37 -16.24
CA ARG A 154 42.71 63.84 -15.79
C ARG A 154 42.78 63.40 -14.33
N THR A 155 43.95 62.87 -13.97
CA THR A 155 44.15 62.17 -12.71
C THR A 155 45.43 62.72 -12.11
N ASN A 156 45.44 62.82 -10.78
CA ASN A 156 46.70 63.18 -10.09
C ASN A 156 47.57 61.93 -10.06
N ALA A 157 48.36 61.79 -11.10
CA ALA A 157 49.19 60.62 -11.29
C ALA A 157 50.35 61.04 -12.16
N TYR A 158 51.48 60.34 -12.03
CA TYR A 158 52.64 60.59 -12.86
C TYR A 158 53.51 59.36 -12.95
N SER A 159 54.09 59.16 -14.14
CA SER A 159 55.01 58.05 -14.38
C SER A 159 56.43 58.54 -14.33
N LEU A 160 57.28 57.73 -13.67
CA LEU A 160 58.66 58.05 -13.49
C LEU A 160 59.58 57.06 -14.21
N TYR A 161 60.38 57.63 -15.11
CA TYR A 161 61.40 56.89 -15.87
C TYR A 161 62.70 57.62 -15.74
N LEU A 162 63.46 57.24 -14.70
CA LEU A 162 64.73 57.84 -14.51
C LEU A 162 65.72 57.46 -15.58
N ASN A 163 65.51 56.29 -16.22
CA ASN A 163 66.38 55.80 -17.27
C ASN A 163 67.66 55.21 -16.69
N SER A 164 68.55 54.74 -17.53
CA SER A 164 69.66 53.90 -17.08
C SER A 164 70.71 54.73 -16.36
N PRO A 165 71.61 54.05 -15.64
CA PRO A 165 72.64 54.81 -14.93
C PRO A 165 73.48 55.72 -15.81
N SER A 166 73.70 55.29 -17.06
CA SER A 166 74.48 56.07 -18.01
C SER A 166 73.70 57.13 -18.78
N ALA A 167 72.38 57.12 -18.67
CA ALA A 167 71.53 58.01 -19.46
C ALA A 167 71.72 59.46 -19.07
N GLU A 168 71.70 60.33 -20.07
CA GLU A 168 71.74 61.77 -19.85
C GLU A 168 70.39 62.29 -19.36
N THR A 169 69.30 61.67 -19.80
CA THR A 169 67.97 62.13 -19.47
C THR A 169 66.99 61.02 -19.32
N GLY A 170 65.98 61.26 -18.47
CA GLY A 170 64.84 60.44 -18.31
C GLY A 170 63.59 61.28 -18.53
N THR A 171 62.47 60.78 -18.09
CA THR A 171 61.18 61.45 -18.32
C THR A 171 60.28 61.21 -17.13
N ILE A 172 59.55 62.27 -16.74
CA ILE A 172 58.36 62.11 -15.93
C ILE A 172 57.16 62.49 -16.79
N ILE A 173 56.09 61.75 -16.67
CA ILE A 173 54.87 62.06 -17.43
C ILE A 173 53.77 62.28 -16.43
N PHE A 174 53.30 63.54 -16.33
CA PHE A 174 52.17 63.84 -15.54
C PHE A 174 50.92 63.40 -16.26
N GLY A 175 50.05 62.64 -15.63
CA GLY A 175 48.81 62.22 -16.23
C GLY A 175 48.96 61.24 -17.36
N GLY A 176 50.07 60.52 -17.43
CA GLY A 176 50.31 59.58 -18.55
C GLY A 176 51.23 58.48 -18.15
N VAL A 177 51.39 57.50 -19.04
CA VAL A 177 52.22 56.33 -18.81
C VAL A 177 52.80 55.92 -20.17
N ASP A 178 54.05 55.52 -20.20
CA ASP A 178 54.70 55.01 -21.41
C ASP A 178 54.83 53.52 -21.26
N ASN A 179 53.92 52.81 -21.92
CA ASN A 179 53.82 51.37 -21.85
C ASN A 179 54.94 50.64 -22.59
N ALA A 180 55.78 51.36 -23.31
CA ALA A 180 56.95 50.73 -23.96
C ALA A 180 58.13 50.50 -23.01
N LYS A 181 58.14 51.15 -21.85
CA LYS A 181 59.37 51.25 -21.04
C LYS A 181 59.36 50.34 -19.82
N TYR A 182 58.68 49.22 -19.91
CA TYR A 182 58.78 48.18 -18.89
C TYR A 182 58.48 46.83 -19.47
N SER A 183 58.95 45.80 -18.80
CA SER A 183 58.60 44.44 -19.15
C SER A 183 57.62 43.91 -18.11
N GLY A 184 56.95 42.83 -18.42
CA GLY A 184 55.83 42.36 -17.61
C GLY A 184 54.69 43.34 -17.54
N LYS A 185 53.87 43.22 -16.49
CA LYS A 185 52.74 44.10 -16.28
C LYS A 185 53.05 45.02 -15.11
N LEU A 186 52.55 46.24 -15.20
CA LEU A 186 52.54 47.14 -14.05
C LEU A 186 51.70 46.51 -12.96
N VAL A 187 52.27 46.38 -11.77
CA VAL A 187 51.53 45.82 -10.65
C VAL A 187 51.19 46.95 -9.67
N ALA A 188 49.90 47.17 -9.43
CA ALA A 188 49.47 48.25 -8.52
C ALA A 188 49.72 47.82 -7.11
N GLU A 189 50.39 48.67 -6.34
CA GLU A 189 50.68 48.41 -4.95
C GLU A 189 50.02 49.50 -4.13
N GLN A 190 49.35 49.11 -3.07
CA GLN A 190 48.66 50.06 -2.19
CA GLN A 190 48.68 50.07 -2.21
C GLN A 190 49.72 50.92 -1.53
N VAL A 191 49.52 52.24 -1.52
CA VAL A 191 50.37 53.15 -0.77
C VAL A 191 50.04 53.00 0.71
N THR A 192 51.07 52.84 1.54
CA THR A 192 50.86 52.41 2.93
C THR A 192 50.83 53.55 3.95
N SER A 193 50.92 54.77 3.46
CA SER A 193 50.84 55.99 4.28
C SER A 193 49.89 56.94 3.60
N SER A 194 49.25 57.83 4.35
CA SER A 194 48.46 58.91 3.73
C SER A 194 49.27 60.15 3.51
N GLN A 195 50.52 60.18 3.94
CA GLN A 195 51.39 61.33 3.74
C GLN A 195 52.59 61.06 2.87
N ALA A 196 53.12 59.82 2.85
CA ALA A 196 54.33 59.51 2.10
C ALA A 196 54.04 58.46 1.04
N LEU A 197 54.79 58.56 -0.06
CA LEU A 197 54.58 57.62 -1.18
C LEU A 197 55.39 56.33 -0.97
N THR A 198 54.88 55.56 -0.01
CA THR A 198 55.53 54.33 0.46
C THR A 198 54.68 53.15 0.05
N ILE A 199 55.36 52.05 -0.27
CA ILE A 199 54.68 50.77 -0.49
C ILE A 199 55.39 49.70 0.36
N SER A 200 54.70 48.60 0.60
CA SER A 200 55.24 47.55 1.45
CA SER A 200 55.21 47.51 1.44
C SER A 200 56.33 46.76 0.74
N LEU A 201 57.49 46.70 1.37
CA LEU A 201 58.62 45.93 0.85
C LEU A 201 58.69 44.67 1.71
N ALA A 202 58.41 43.52 1.09
CA ALA A 202 58.35 42.26 1.84
C ALA A 202 59.72 41.71 2.21
N SER A 203 60.67 41.80 1.26
CA SER A 203 61.97 41.17 1.45
C SER A 203 62.94 41.71 0.44
N VAL A 204 64.21 41.57 0.78
CA VAL A 204 65.33 41.92 -0.08
C VAL A 204 66.19 40.67 -0.23
N ASN A 205 66.53 40.31 -1.45
CA ASN A 205 67.43 39.19 -1.70
C ASN A 205 68.76 39.79 -2.14
N LEU A 206 69.77 39.61 -1.30
CA LEU A 206 71.09 40.14 -1.50
C LEU A 206 72.08 39.00 -1.41
N LYS A 207 72.98 38.94 -2.37
CA LYS A 207 73.93 37.84 -2.53
C LYS A 207 73.25 36.50 -2.46
N GLY A 208 72.07 36.42 -3.05
CA GLY A 208 71.34 35.18 -3.11
C GLY A 208 70.46 34.81 -1.92
N SER A 209 70.56 35.56 -0.82
CA SER A 209 69.86 35.24 0.41
C SER A 209 68.74 36.24 0.65
N SER A 210 67.58 35.74 1.03
CA SER A 210 66.48 36.61 1.36
C SER A 210 66.58 37.10 2.78
N PHE A 211 66.30 38.39 2.94
CA PHE A 211 66.23 39.10 4.23
C PHE A 211 64.82 39.65 4.37
N SER A 212 64.10 39.18 5.36
CA SER A 212 62.72 39.54 5.57
C SER A 212 62.62 40.95 6.09
N PHE A 213 61.71 41.72 5.51
CA PHE A 213 61.55 43.14 5.87
C PHE A 213 60.12 43.36 6.32
N GLY A 214 59.20 43.69 5.42
CA GLY A 214 57.77 43.75 5.75
C GLY A 214 57.22 45.11 6.14
N ASP A 215 57.99 46.17 5.92
CA ASP A 215 57.57 47.54 6.25
CA ASP A 215 57.61 47.54 6.27
C ASP A 215 57.58 48.39 5.01
N GLY A 216 57.11 49.63 5.12
CA GLY A 216 56.98 50.53 4.00
C GLY A 216 58.31 51.04 3.56
N ALA A 217 58.46 51.28 2.26
CA ALA A 217 59.61 51.91 1.69
C ALA A 217 59.16 53.08 0.85
N LEU A 218 59.80 54.22 1.09
CA LEU A 218 59.49 55.46 0.35
C LEU A 218 60.14 55.41 -1.01
N LEU A 219 59.34 55.61 -2.08
CA LEU A 219 59.86 55.55 -3.41
C LEU A 219 60.20 56.97 -3.83
N ASP A 220 61.39 57.40 -3.50
CA ASP A 220 61.76 58.79 -3.55
C ASP A 220 62.71 59.17 -4.64
N SER A 221 62.21 59.84 -5.69
CA SER A 221 63.06 60.34 -6.74
C SER A 221 64.16 61.29 -6.29
N GLY A 222 63.89 61.99 -5.18
CA GLY A 222 64.80 62.97 -4.63
C GLY A 222 65.80 62.44 -3.64
N THR A 223 65.95 61.11 -3.52
CA THR A 223 67.06 60.53 -2.75
C THR A 223 68.00 59.81 -3.70
N THR A 224 69.30 59.98 -3.53
CA THR A 224 70.32 59.39 -4.40
C THR A 224 70.47 57.88 -4.18
N LEU A 225 70.62 57.49 -2.93
CA LEU A 225 70.90 56.11 -2.56
C LEU A 225 69.71 55.40 -1.95
N THR A 226 69.93 54.27 -1.27
CA THR A 226 68.90 53.52 -0.61
C THR A 226 69.21 53.48 0.89
N TYR A 227 68.16 53.64 1.70
CA TYR A 227 68.29 53.76 3.15
C TYR A 227 67.41 52.75 3.84
N PHE A 228 67.95 52.07 4.84
CA PHE A 228 67.22 51.10 5.62
C PHE A 228 67.47 51.34 7.12
N PRO A 229 66.55 50.89 7.96
CA PRO A 229 66.79 50.88 9.41
C PRO A 229 68.13 50.25 9.75
N SER A 230 68.79 50.78 10.78
CA SER A 230 70.17 50.42 11.07
C SER A 230 70.40 48.92 11.22
N ASP A 231 69.54 48.22 11.94
CA ASP A 231 69.76 46.78 12.14
C ASP A 231 69.69 46.02 10.83
N PHE A 232 68.71 46.36 10.02
CA PHE A 232 68.53 45.69 8.74
C PHE A 232 69.68 46.04 7.79
N ALA A 233 70.04 47.31 7.72
CA ALA A 233 71.19 47.73 6.93
C ALA A 233 72.47 47.00 7.33
N ALA A 234 72.63 46.78 8.63
CA ALA A 234 73.81 46.05 9.14
C ALA A 234 73.85 44.60 8.70
N GLN A 235 72.71 43.93 8.71
CA GLN A 235 72.61 42.55 8.23
C GLN A 235 72.96 42.48 6.77
N LEU A 236 72.41 43.41 5.99
CA LEU A 236 72.75 43.48 4.57
C LEU A 236 74.21 43.80 4.34
N ALA A 237 74.77 44.72 5.12
CA ALA A 237 76.17 45.11 4.97
C ALA A 237 77.11 43.95 5.24
N ASP A 238 76.78 43.19 6.27
CA ASP A 238 77.58 42.00 6.62
C ASP A 238 77.63 41.03 5.45
N LYS A 239 76.49 40.80 4.82
CA LYS A 239 76.42 39.91 3.67
C LYS A 239 77.14 40.50 2.45
N ALA A 240 77.03 41.81 2.26
CA ALA A 240 77.59 42.48 1.09
C ALA A 240 79.08 42.75 1.17
N GLY A 241 79.62 42.72 2.39
CA GLY A 241 81.00 43.10 2.63
C GLY A 241 81.24 44.60 2.80
N ALA A 242 80.20 45.33 3.18
CA ALA A 242 80.34 46.77 3.41
C ALA A 242 80.78 47.04 4.84
N ARG A 243 81.41 48.19 5.06
CA ARG A 243 82.03 48.54 6.35
C ARG A 243 81.43 49.84 6.81
N LEU A 244 81.01 49.92 8.07
CA LEU A 244 80.47 51.16 8.62
C LEU A 244 81.60 52.06 9.08
N VAL A 245 81.62 53.30 8.61
CA VAL A 245 82.71 54.22 8.89
C VAL A 245 82.10 55.47 9.47
N GLN A 246 82.64 55.91 10.61
CA GLN A 246 82.24 57.18 11.16
C GLN A 246 82.96 58.26 10.37
N VAL A 247 82.21 59.02 9.58
CA VAL A 247 82.74 60.08 8.70
C VAL A 247 82.65 61.47 9.32
N ALA A 248 81.66 61.65 10.21
CA ALA A 248 81.51 62.87 11.01
C ALA A 248 80.92 62.49 12.39
N ARG A 249 80.96 63.44 13.32
CA ARG A 249 80.43 63.21 14.69
C ARG A 249 79.16 62.37 14.79
N ASP A 250 78.13 62.74 14.05
CA ASP A 250 76.86 61.97 14.02
C ASP A 250 76.41 61.48 12.63
N GLN A 251 77.38 61.22 11.74
CA GLN A 251 77.11 60.55 10.47
C GLN A 251 78.02 59.34 10.32
N TYR A 252 77.36 58.22 10.07
CA TYR A 252 78.04 56.98 9.75
C TYR A 252 77.60 56.63 8.38
N LEU A 253 78.58 56.22 7.56
CA LEU A 253 78.27 55.72 6.23
C LEU A 253 78.94 54.37 5.98
N TYR A 254 78.24 53.55 5.21
CA TYR A 254 78.84 52.33 4.70
C TYR A 254 79.71 52.62 3.49
N PHE A 255 80.93 52.10 3.51
CA PHE A 255 81.83 52.07 2.39
C PHE A 255 81.98 50.63 1.94
N ILE A 256 82.44 50.46 0.71
CA ILE A 256 82.65 49.15 0.16
C ILE A 256 83.85 49.25 -0.74
N ASP A 257 84.57 48.13 -0.88
CA ASP A 257 85.75 48.16 -1.74
C ASP A 257 85.35 48.54 -3.16
N CYS A 258 86.09 49.45 -3.77
CA CYS A 258 85.74 49.85 -5.14
C CYS A 258 85.86 48.71 -6.15
N ASN A 259 86.67 47.70 -5.86
CA ASN A 259 86.80 46.54 -6.74
C ASN A 259 85.87 45.37 -6.39
N THR A 260 84.86 45.62 -5.54
CA THR A 260 83.90 44.61 -5.16
CA THR A 260 83.88 44.61 -5.19
C THR A 260 83.23 44.01 -6.40
N ASP A 261 82.94 42.73 -6.34
CA ASP A 261 82.23 42.04 -7.39
C ASP A 261 80.80 42.57 -7.49
N THR A 262 80.45 43.22 -8.60
CA THR A 262 79.11 43.76 -8.80
C THR A 262 78.34 43.03 -9.88
N SER A 263 78.78 41.81 -10.23
CA SER A 263 78.12 41.02 -11.27
C SER A 263 76.71 40.56 -10.90
N GLY A 264 76.46 40.44 -9.59
CA GLY A 264 75.16 39.97 -9.12
C GLY A 264 74.09 41.05 -9.12
N THR A 265 72.95 40.71 -8.54
CA THR A 265 71.82 41.62 -8.47
C THR A 265 71.21 41.55 -7.09
N THR A 266 70.51 42.61 -6.75
CA THR A 266 69.78 42.71 -5.51
C THR A 266 68.33 42.83 -5.87
N VAL A 267 67.51 42.05 -5.22
CA VAL A 267 66.13 41.88 -5.62
C VAL A 267 65.21 42.34 -4.52
N PHE A 268 64.23 43.16 -4.93
CA PHE A 268 63.26 43.76 -3.99
C PHE A 268 61.90 43.17 -4.26
N ASN A 269 61.32 42.50 -3.27
CA ASN A 269 60.04 41.82 -3.43
C ASN A 269 58.93 42.65 -2.77
N PHE A 270 57.92 42.96 -3.55
CA PHE A 270 56.81 43.83 -3.13
C PHE A 270 55.55 43.00 -3.11
N GLY A 271 54.40 43.64 -2.90
CA GLY A 271 53.15 42.91 -2.84
C GLY A 271 52.73 42.32 -4.17
N ASN A 272 51.81 41.37 -4.10
CA ASN A 272 51.14 40.85 -5.29
C ASN A 272 52.13 40.29 -6.30
N GLY A 273 53.21 39.68 -5.80
CA GLY A 273 54.25 39.04 -6.63
C GLY A 273 55.15 39.94 -7.44
N ALA A 274 55.10 41.25 -7.24
CA ALA A 274 55.96 42.18 -7.96
C ALA A 274 57.35 42.13 -7.39
N LYS A 275 58.31 42.27 -8.28
CA LYS A 275 59.71 42.22 -7.94
C LYS A 275 60.47 43.22 -8.80
N ILE A 276 61.44 43.92 -8.23
CA ILE A 276 62.35 44.75 -9.01
C ILE A 276 63.77 44.30 -8.73
N THR A 277 64.53 44.12 -9.78
CA THR A 277 65.89 43.64 -9.70
C THR A 277 66.82 44.77 -10.05
N VAL A 278 67.84 44.98 -9.22
CA VAL A 278 68.78 46.06 -9.38
C VAL A 278 70.18 45.50 -9.61
N PRO A 279 70.89 45.93 -10.66
CA PRO A 279 72.25 45.46 -10.87
C PRO A 279 73.17 45.97 -9.77
N ASN A 280 74.12 45.13 -9.36
CA ASN A 280 74.89 45.49 -8.18
C ASN A 280 75.88 46.62 -8.34
N THR A 281 76.11 47.06 -9.58
CA THR A 281 76.82 48.33 -9.83
CA THR A 281 76.88 48.28 -9.77
C THR A 281 76.21 49.50 -9.09
N GLU A 282 74.90 49.43 -8.86
CA GLU A 282 74.18 50.50 -8.19
C GLU A 282 74.54 50.65 -6.73
N TYR A 283 75.32 49.71 -6.18
CA TYR A 283 75.67 49.73 -4.77
C TYR A 283 77.16 50.05 -4.56
N VAL A 284 77.89 50.43 -5.60
CA VAL A 284 79.27 50.89 -5.48
C VAL A 284 79.33 52.27 -6.07
N TYR A 285 79.44 53.26 -5.21
CA TYR A 285 79.32 54.65 -5.59
C TYR A 285 80.72 55.22 -5.53
N GLN A 286 81.28 55.61 -6.67
CA GLN A 286 82.66 56.07 -6.70
C GLN A 286 82.75 57.43 -6.06
N ASN A 287 83.70 57.59 -5.12
CA ASN A 287 84.02 58.90 -4.58
C ASN A 287 85.12 59.58 -5.36
N GLY A 288 85.83 58.83 -6.20
CA GLY A 288 86.84 59.40 -7.10
C GLY A 288 88.24 59.44 -6.53
N ASP A 289 88.40 58.92 -5.32
CA ASP A 289 89.67 58.96 -4.57
C ASP A 289 90.16 57.57 -4.14
N GLY A 290 89.70 56.53 -4.83
CA GLY A 290 90.01 55.17 -4.47
C GLY A 290 89.10 54.57 -3.44
N THR A 291 88.19 55.37 -2.89
CA THR A 291 87.14 54.86 -2.01
C THR A 291 85.77 54.98 -2.67
N CYS A 292 84.87 54.16 -2.15
CA CYS A 292 83.51 54.02 -2.67
C CYS A 292 82.54 53.90 -1.51
N LEU A 293 81.44 54.62 -1.61
CA LEU A 293 80.31 54.40 -0.74
C LEU A 293 79.54 53.20 -1.18
N TRP A 294 78.99 52.48 -0.21
CA TRP A 294 77.98 51.49 -0.48
C TRP A 294 76.70 52.21 -0.87
N GLY A 295 75.90 51.58 -1.71
CA GLY A 295 74.65 52.18 -2.15
C GLY A 295 73.50 52.01 -1.19
N ILE A 296 73.72 51.33 -0.06
CA ILE A 296 72.77 51.22 1.02
C ILE A 296 73.38 51.92 2.23
N GLN A 297 72.56 52.69 2.94
CA GLN A 297 73.01 53.47 4.09
C GLN A 297 71.97 53.34 5.20
N PRO A 298 72.42 53.52 6.46
CA PRO A 298 71.50 53.42 7.58
C PRO A 298 70.68 54.68 7.80
N SER A 299 69.50 54.49 8.34
CA SER A 299 68.58 55.60 8.57
C SER A 299 67.54 55.15 9.54
N ASP A 300 66.78 56.10 10.07
CA ASP A 300 65.59 55.79 10.84
C ASP A 300 64.43 55.51 9.94
N ASP A 301 64.52 55.91 8.67
CA ASP A 301 63.44 55.74 7.70
C ASP A 301 63.94 55.06 6.46
N THR A 302 63.04 54.31 5.85
CA THR A 302 63.32 53.45 4.72
C THR A 302 63.02 54.16 3.42
N ILE A 303 64.03 54.25 2.57
CA ILE A 303 63.90 54.97 1.31
C ILE A 303 64.57 54.16 0.22
N LEU A 304 63.84 53.98 -0.87
CA LEU A 304 64.41 53.47 -2.11
C LEU A 304 64.58 54.66 -3.02
N GLY A 305 65.79 55.12 -3.19
CA GLY A 305 66.09 56.28 -4.00
C GLY A 305 66.49 55.91 -5.41
N ASP A 306 67.26 56.80 -6.04
CA ASP A 306 67.48 56.70 -7.47
C ASP A 306 68.18 55.42 -7.87
N ASN A 307 69.08 54.92 -7.04
CA ASN A 307 69.80 53.69 -7.39
C ASN A 307 68.92 52.46 -7.44
N PHE A 308 67.76 52.52 -6.83
CA PHE A 308 66.69 51.58 -7.00
C PHE A 308 65.79 51.99 -8.16
N LEU A 309 65.31 53.23 -8.13
CA LEU A 309 64.23 53.67 -9.02
C LEU A 309 64.65 53.66 -10.47
N ARG A 310 65.91 53.77 -10.78
CA ARG A 310 66.38 53.64 -12.17
C ARG A 310 65.98 52.31 -12.77
N HIS A 311 65.74 51.30 -11.96
CA HIS A 311 65.45 49.94 -12.45
C HIS A 311 63.98 49.57 -12.47
N ALA A 312 63.12 50.55 -12.16
CA ALA A 312 61.68 50.35 -12.17
C ALA A 312 61.04 51.40 -13.06
N TYR A 313 59.93 51.01 -13.70
CA TYR A 313 58.97 51.98 -14.21
C TYR A 313 57.88 52.08 -13.19
N LEU A 314 57.55 53.34 -12.80
CA LEU A 314 56.58 53.55 -11.73
C LEU A 314 55.48 54.48 -12.19
N LEU A 315 54.26 54.09 -11.93
CA LEU A 315 53.12 54.96 -12.11
C LEU A 315 52.53 55.28 -10.75
N TYR A 316 52.83 56.49 -10.28
CA TYR A 316 52.34 56.97 -8.99
C TYR A 316 50.94 57.51 -9.22
N ASN A 317 49.97 57.02 -8.47
CA ASN A 317 48.61 57.50 -8.61
C ASN A 317 48.12 57.97 -7.26
N LEU A 318 48.18 59.29 -7.09
CA LEU A 318 47.82 59.92 -5.81
C LEU A 318 46.33 59.96 -5.54
N ASP A 319 45.53 59.88 -6.61
CA ASP A 319 44.09 59.78 -6.44
C ASP A 319 43.65 58.39 -5.97
N ALA A 320 44.24 57.35 -6.58
CA ALA A 320 43.95 55.95 -6.26
C ALA A 320 44.71 55.44 -5.07
N ASN A 321 45.72 56.20 -4.64
CA ASN A 321 46.64 55.78 -3.57
C ASN A 321 47.32 54.46 -3.92
N THR A 322 47.81 54.39 -5.16
CA THR A 322 48.60 53.22 -5.59
C THR A 322 49.82 53.69 -6.27
N ILE A 323 50.89 52.87 -6.24
CA ILE A 323 52.04 53.06 -7.10
C ILE A 323 52.21 51.75 -7.84
N SER A 324 52.17 51.81 -9.15
CA SER A 324 52.25 50.61 -9.98
C SER A 324 53.64 50.51 -10.46
N ILE A 325 54.21 49.30 -10.33
CA ILE A 325 55.62 49.09 -10.62
C ILE A 325 55.84 47.93 -11.59
N ALA A 326 56.90 48.07 -12.35
CA ALA A 326 57.37 47.00 -13.26
C ALA A 326 58.85 47.16 -13.49
N GLN A 327 59.52 46.06 -13.84
CA GLN A 327 60.88 46.07 -14.20
C GLN A 327 61.09 46.96 -15.43
N VAL A 328 62.03 47.88 -15.36
CA VAL A 328 62.15 48.87 -16.41
C VAL A 328 62.71 48.20 -17.68
N LYS A 329 62.35 48.77 -18.82
CA LYS A 329 62.94 48.42 -20.12
C LYS A 329 63.45 49.70 -20.70
N TYR A 330 64.76 49.82 -20.83
CA TYR A 330 65.35 51.00 -21.39
C TYR A 330 65.21 51.04 -22.90
N THR A 331 64.41 51.97 -23.38
CA THR A 331 64.18 52.12 -24.81
C THR A 331 63.69 53.50 -25.13
N THR A 332 64.08 53.99 -26.31
CA THR A 332 63.50 55.23 -26.82
C THR A 332 62.15 54.99 -27.50
N ASP A 333 61.76 53.74 -27.70
CA ASP A 333 60.43 53.45 -28.17
C ASP A 333 59.44 54.00 -27.17
N SER A 334 58.31 54.50 -27.63
CA SER A 334 57.37 55.19 -26.76
C SER A 334 55.94 54.90 -27.14
N SER A 335 55.12 54.49 -26.19
CA SER A 335 53.71 54.19 -26.35
C SER A 335 52.98 54.85 -25.20
N ILE A 336 52.62 56.11 -25.37
CA ILE A 336 52.10 56.89 -24.26
C ILE A 336 50.58 56.90 -24.28
N SER A 337 50.00 56.69 -23.10
CA SER A 337 48.56 56.74 -22.92
CA SER A 337 48.56 56.74 -22.91
C SER A 337 48.28 57.67 -21.74
N ALA A 338 47.18 58.40 -21.81
CA ALA A 338 46.75 59.20 -20.69
C ALA A 338 46.25 58.29 -19.59
N VAL A 339 46.42 58.74 -18.36
CA VAL A 339 45.76 58.13 -17.23
C VAL A 339 45.05 59.27 -16.47
N VAL B 2 72.06 62.95 -1.82
CA VAL B 2 71.01 63.81 -1.21
C VAL B 2 69.83 63.00 -0.76
N VAL B 3 69.02 63.56 0.13
CA VAL B 3 67.81 62.94 0.62
C VAL B 3 66.77 64.06 0.73
N ALA B 5 61.37 64.82 2.42
CA ALA B 5 60.84 65.53 3.58
C ALA B 5 60.03 64.53 4.47
N ASP C 1 -16.68 59.04 -35.72
CA ASP C 1 -15.56 60.03 -35.70
C ASP C 1 -14.42 59.64 -34.77
N SER C 2 -13.25 59.58 -35.38
CA SER C 2 -12.03 59.28 -34.66
C SER C 2 -11.00 60.26 -35.06
N ILE C 3 -9.98 60.41 -34.21
CA ILE C 3 -8.95 61.36 -34.48
C ILE C 3 -7.61 60.64 -34.33
N SER C 4 -6.92 60.42 -35.44
CA SER C 4 -5.57 59.86 -35.41
C SER C 4 -4.55 60.92 -35.17
N LEU C 5 -3.64 60.69 -34.23
CA LEU C 5 -2.63 61.64 -33.90
C LEU C 5 -1.30 60.90 -33.89
N SER C 6 -0.34 61.41 -34.69
CA SER C 6 0.97 60.81 -34.76
C SER C 6 1.72 60.98 -33.44
N LEU C 7 2.33 59.85 -33.03
CA LEU C 7 3.23 59.81 -31.88
C LEU C 7 4.66 59.80 -32.38
N ILE C 8 5.43 60.78 -31.98
CA ILE C 8 6.87 60.84 -32.30
C ILE C 8 7.61 60.00 -31.27
N ASN C 9 8.35 58.99 -31.72
CA ASN C 9 9.20 58.19 -30.83
C ASN C 9 10.45 59.01 -30.53
N GLU C 10 10.47 59.68 -29.37
CA GLU C 10 11.57 60.56 -28.99
C GLU C 10 12.71 59.80 -28.29
N GLY C 11 12.50 58.53 -28.01
CA GLY C 11 13.44 57.73 -27.21
C GLY C 11 12.73 57.41 -25.91
N PRO C 12 12.90 58.24 -24.90
CA PRO C 12 12.28 57.89 -23.60
C PRO C 12 10.79 58.15 -23.52
N SER C 13 10.25 58.97 -24.45
CA SER C 13 8.83 59.35 -24.44
C SER C 13 8.29 59.39 -25.85
N TYR C 14 6.97 59.41 -25.92
CA TYR C 14 6.25 59.58 -27.17
C TYR C 14 5.48 60.89 -27.06
N ALA C 15 5.60 61.72 -28.08
CA ALA C 15 5.06 63.09 -28.06
C ALA C 15 4.29 63.33 -29.34
N SER C 16 3.41 64.32 -29.27
CA SER C 16 2.60 64.73 -30.42
C SER C 16 2.55 66.21 -30.49
N LYS C 17 2.28 66.70 -31.71
CA LYS C 17 2.01 68.10 -31.90
C LYS C 17 0.56 68.43 -31.51
N VAL C 18 0.40 69.47 -30.73
CA VAL C 18 -0.92 69.95 -30.32
CA VAL C 18 -0.93 69.93 -30.31
C VAL C 18 -0.83 71.46 -30.35
N SER C 19 -1.78 72.10 -31.03
CA SER C 19 -1.75 73.54 -31.15
C SER C 19 -2.68 74.14 -30.12
N VAL C 20 -2.30 75.26 -29.56
CA VAL C 20 -3.04 75.87 -28.47
C VAL C 20 -3.24 77.36 -28.76
N GLY C 21 -4.44 77.84 -28.50
CA GLY C 21 -4.73 79.26 -28.64
C GLY C 21 -5.34 79.64 -29.97
N SER C 22 -5.77 80.89 -30.03
CA SER C 22 -6.39 81.43 -31.25
C SER C 22 -5.40 81.45 -32.42
N ASN C 23 -4.13 81.67 -32.11
CA ASN C 23 -3.06 81.71 -33.12
C ASN C 23 -2.37 80.34 -33.27
N LYS C 24 -3.00 79.25 -32.81
CA LYS C 24 -2.55 77.86 -33.04
C LYS C 24 -1.06 77.64 -32.77
N GLN C 25 -0.65 78.00 -31.57
CA GLN C 25 0.74 77.89 -31.13
C GLN C 25 1.11 76.41 -30.96
N GLN C 26 2.02 75.91 -31.78
CA GLN C 26 2.34 74.50 -31.79
C GLN C 26 3.23 74.11 -30.62
N GLN C 27 2.72 73.13 -29.84
CA GLN C 27 3.46 72.51 -28.75
C GLN C 27 3.71 71.07 -29.14
N THR C 28 4.90 70.55 -28.78
CA THR C 28 5.17 69.12 -28.91
C THR C 28 5.23 68.59 -27.49
N VAL C 29 4.24 67.76 -27.18
CA VAL C 29 3.96 67.37 -25.80
C VAL C 29 3.82 65.86 -25.69
N ILE C 30 4.16 65.38 -24.50
CA ILE C 30 4.12 63.95 -24.22
C ILE C 30 2.68 63.49 -24.10
N ILE C 31 2.36 62.40 -24.75
CA ILE C 31 1.05 61.81 -24.64
C ILE C 31 1.09 60.81 -23.51
N ASP C 32 0.32 61.12 -22.45
CA ASP C 32 0.52 60.51 -21.16
C ASP C 32 -0.77 59.91 -20.61
N THR C 33 -0.88 58.60 -20.70
CA THR C 33 -2.03 57.91 -20.06
C THR C 33 -1.89 57.82 -18.56
N GLY C 34 -0.73 58.20 -18.02
CA GLY C 34 -0.47 58.17 -16.59
C GLY C 34 -0.73 59.45 -15.83
N SER C 35 -1.21 60.49 -16.50
CA SER C 35 -1.64 61.71 -15.84
C SER C 35 -2.83 62.23 -16.61
N SER C 36 -3.45 63.27 -16.07
CA SER C 36 -4.77 63.69 -16.54
C SER C 36 -4.85 65.16 -16.86
N ASP C 37 -3.78 65.92 -16.71
CA ASP C 37 -3.76 67.35 -16.94
C ASP C 37 -2.89 67.65 -18.15
N PHE C 38 -3.35 68.61 -18.97
CA PHE C 38 -2.59 69.11 -20.10
C PHE C 38 -1.95 70.41 -19.70
N TRP C 39 -0.62 70.44 -19.68
CA TRP C 39 0.10 71.68 -19.42
C TRP C 39 1.09 71.97 -20.54
N VAL C 40 1.35 73.28 -20.70
CA VAL C 40 2.25 73.78 -21.73
C VAL C 40 3.29 74.65 -21.10
N VAL C 41 4.45 74.70 -21.76
CA VAL C 41 5.58 75.49 -21.30
C VAL C 41 5.33 76.95 -21.70
N ASP C 42 5.20 77.82 -20.72
CA ASP C 42 5.06 79.27 -20.99
C ASP C 42 6.33 79.78 -21.66
N SER C 43 6.17 80.65 -22.64
CA SER C 43 7.34 81.19 -23.34
CA SER C 43 7.34 81.19 -23.34
C SER C 43 8.31 81.88 -22.40
N ASN C 44 7.81 82.40 -21.29
CA ASN C 44 8.65 83.02 -20.25
C ASN C 44 8.94 82.11 -19.06
N ALA C 45 8.79 80.79 -19.23
CA ALA C 45 9.03 79.84 -18.15
C ALA C 45 10.50 79.87 -17.73
N GLN C 46 10.72 79.66 -16.44
CA GLN C 46 12.05 79.47 -15.90
C GLN C 46 12.21 77.99 -15.82
N CYS C 47 12.98 77.40 -16.74
CA CYS C 47 13.32 75.98 -16.64
C CYS C 47 14.18 75.72 -15.39
N GLY C 48 14.20 74.47 -14.93
CA GLY C 48 15.08 74.08 -13.82
C GLY C 48 16.51 73.96 -14.35
N LYS C 49 17.47 73.85 -13.43
CA LYS C 49 18.90 73.76 -13.79
C LYS C 49 19.15 72.60 -14.72
N GLY C 50 19.84 72.85 -15.82
CA GLY C 50 20.15 71.83 -16.81
C GLY C 50 19.04 71.53 -17.81
N VAL C 51 17.84 72.04 -17.56
CA VAL C 51 16.67 71.58 -18.31
C VAL C 51 16.43 72.52 -19.51
N ASP C 52 16.49 71.94 -20.69
CA ASP C 52 16.12 72.57 -21.95
C ASP C 52 14.60 72.44 -22.21
N CYS C 53 13.79 73.15 -21.41
CA CYS C 53 12.31 72.98 -21.41
C CYS C 53 11.58 73.72 -22.52
N LYS C 54 12.26 74.55 -23.32
CA LYS C 54 11.55 75.30 -24.36
C LYS C 54 11.81 74.86 -25.77
N SER C 55 12.53 73.75 -25.97
CA SER C 55 12.91 73.36 -27.31
C SER C 55 11.84 72.51 -28.00
N SER C 56 10.75 72.20 -27.28
CA SER C 56 9.60 71.52 -27.86
C SER C 56 8.36 72.41 -27.96
N GLY C 57 8.57 73.71 -28.13
CA GLY C 57 7.48 74.67 -28.29
C GLY C 57 7.17 75.34 -26.99
N THR C 58 6.66 76.56 -27.09
CA THR C 58 6.19 77.29 -25.93
C THR C 58 4.87 77.97 -26.24
N PHE C 59 4.22 78.39 -25.17
CA PHE C 59 2.94 79.00 -25.26
C PHE C 59 3.02 80.37 -24.68
N THR C 60 2.50 81.33 -25.44
CA THR C 60 2.39 82.70 -25.00
C THR C 60 0.90 83.04 -24.86
N PRO C 61 0.39 83.03 -23.63
CA PRO C 61 -1.03 83.31 -23.38
C PRO C 61 -1.50 84.64 -23.97
N SER C 62 -0.64 85.66 -23.90
CA SER C 62 -0.96 87.02 -24.41
C SER C 62 -1.26 87.12 -25.90
N SER C 63 -0.72 86.22 -26.71
CA SER C 63 -0.94 86.26 -28.14
C SER C 63 -2.15 85.42 -28.57
N SER C 64 -2.83 84.76 -27.62
CA SER C 64 -4.05 84.03 -27.92
C SER C 64 -5.24 84.83 -27.44
N SER C 65 -6.09 85.25 -28.37
CA SER C 65 -7.22 86.12 -27.98
C SER C 65 -8.24 85.35 -27.13
N SER C 66 -8.15 84.02 -27.18
CA SER C 66 -9.11 83.16 -26.52
C SER C 66 -8.71 82.63 -25.14
N TYR C 67 -7.48 82.89 -24.73
CA TYR C 67 -6.98 82.41 -23.46
C TYR C 67 -7.77 83.05 -22.34
N LYS C 68 -8.20 82.25 -21.37
CA LYS C 68 -8.79 82.74 -20.13
C LYS C 68 -7.96 82.28 -18.95
N ASN C 69 -7.51 83.20 -18.12
CA ASN C 69 -6.78 82.89 -16.89
C ASN C 69 -7.79 82.54 -15.80
N LEU C 70 -7.63 81.38 -15.17
CA LEU C 70 -8.51 80.99 -14.09
C LEU C 70 -8.04 81.44 -12.73
N GLY C 71 -6.84 82.00 -12.62
CA GLY C 71 -6.41 82.62 -11.37
C GLY C 71 -6.10 81.71 -10.20
N ALA C 72 -5.77 80.46 -10.52
CA ALA C 72 -5.48 79.42 -9.52
C ALA C 72 -4.20 78.73 -9.88
N ALA C 73 -3.45 78.33 -8.87
CA ALA C 73 -2.16 77.67 -9.01
C ALA C 73 -2.32 76.23 -9.52
N PHE C 74 -1.42 75.86 -10.40
CA PHE C 74 -1.25 74.48 -10.82
C PHE C 74 0.05 73.98 -10.31
N THR C 75 0.08 72.77 -9.77
CA THR C 75 1.31 72.17 -9.33
C THR C 75 1.15 70.66 -9.45
N ILE C 76 2.16 70.01 -10.05
CA ILE C 76 2.14 68.57 -10.27
C ILE C 76 3.54 68.03 -10.01
N ARG C 77 3.61 66.81 -9.49
CA ARG C 77 4.86 66.10 -9.33
C ARG C 77 4.70 64.74 -9.95
N TYR C 78 5.68 64.38 -10.75
CA TYR C 78 5.63 63.11 -11.48
C TYR C 78 6.48 62.08 -10.76
N GLY C 79 6.26 60.83 -11.14
CA GLY C 79 6.96 59.70 -10.50
C GLY C 79 8.48 59.75 -10.55
N ASP C 80 9.07 60.39 -11.54
CA ASP C 80 10.53 60.47 -11.67
C ASP C 80 11.14 61.67 -10.88
N GLY C 81 10.29 62.43 -10.19
CA GLY C 81 10.75 63.56 -9.35
C GLY C 81 10.66 64.89 -10.04
N SER C 82 10.37 64.91 -11.33
CA SER C 82 10.27 66.17 -12.01
C SER C 82 8.90 66.79 -11.66
N THR C 83 8.87 68.10 -11.77
CA THR C 83 7.70 68.87 -11.35
C THR C 83 7.42 69.99 -12.31
N SER C 84 6.19 70.50 -12.27
CA SER C 84 5.79 71.69 -13.01
C SER C 84 4.87 72.49 -12.12
N GLN C 85 5.04 73.81 -12.15
CA GLN C 85 4.14 74.72 -11.49
C GLN C 85 3.73 75.83 -12.43
N GLY C 86 2.52 76.31 -12.25
CA GLY C 86 2.07 77.46 -13.04
C GLY C 86 0.70 77.86 -12.60
N THR C 87 -0.11 78.20 -13.59
CA THR C 87 -1.48 78.62 -13.31
C THR C 87 -2.45 77.96 -14.28
N TRP C 88 -3.68 77.79 -13.82
CA TRP C 88 -4.73 77.22 -14.63
C TRP C 88 -5.32 78.27 -15.58
N GLY C 89 -5.69 77.82 -16.77
CA GLY C 89 -6.38 78.65 -17.73
C GLY C 89 -7.21 77.81 -18.65
N LYS C 90 -7.82 78.45 -19.64
CA LYS C 90 -8.58 77.76 -20.67
C LYS C 90 -8.25 78.31 -22.01
N ASP C 91 -8.20 77.45 -23.00
CA ASP C 91 -7.98 77.90 -24.36
C ASP C 91 -8.41 76.84 -25.33
N THR C 92 -8.37 77.19 -26.61
CA THR C 92 -8.64 76.27 -27.66
C THR C 92 -7.46 75.31 -27.82
N VAL C 93 -7.77 74.05 -27.99
CA VAL C 93 -6.76 73.02 -28.22
C VAL C 93 -7.12 72.34 -29.51
N THR C 94 -6.11 72.22 -30.38
CA THR C 94 -6.31 71.61 -31.69
C THR C 94 -5.40 70.39 -31.89
N ILE C 95 -6.00 69.28 -32.24
CA ILE C 95 -5.35 67.98 -32.32
C ILE C 95 -5.61 67.47 -33.72
N ASN C 96 -4.54 67.41 -34.53
CA ASN C 96 -4.65 67.01 -35.95
C ASN C 96 -5.87 67.65 -36.66
N GLY C 97 -5.96 68.97 -36.54
CA GLY C 97 -7.03 69.70 -37.25
C GLY C 97 -8.36 69.83 -36.55
N VAL C 98 -8.56 69.10 -35.45
CA VAL C 98 -9.80 69.12 -34.70
C VAL C 98 -9.63 70.02 -33.48
N SER C 99 -10.48 71.03 -33.36
CA SER C 99 -10.38 72.01 -32.26
C SER C 99 -11.46 71.77 -31.23
N ILE C 100 -11.06 71.86 -29.97
CA ILE C 100 -11.99 71.91 -28.85
C ILE C 100 -11.79 73.26 -28.18
N THR C 101 -12.90 73.89 -27.80
CA THR C 101 -12.85 75.21 -27.22
C THR C 101 -12.97 75.15 -25.71
N GLY C 102 -12.43 76.16 -25.06
CA GLY C 102 -12.58 76.31 -23.63
C GLY C 102 -12.00 75.16 -22.81
N GLN C 103 -10.94 74.55 -23.31
CA GLN C 103 -10.30 73.45 -22.64
C GLN C 103 -9.39 73.97 -21.55
N GLN C 104 -9.63 73.52 -20.34
CA GLN C 104 -8.79 73.79 -19.22
C GLN C 104 -7.43 73.11 -19.38
N ILE C 105 -6.41 73.93 -19.18
CA ILE C 105 -4.98 73.57 -19.31
C ILE C 105 -4.23 74.33 -18.22
N ALA C 106 -2.97 74.00 -18.04
CA ALA C 106 -2.10 74.78 -17.21
C ALA C 106 -1.01 75.45 -18.02
N ASP C 107 -0.80 76.73 -17.70
CA ASP C 107 0.30 77.50 -18.25
C ASP C 107 1.43 77.44 -17.23
N VAL C 108 2.48 76.70 -17.57
CA VAL C 108 3.54 76.41 -16.61
C VAL C 108 4.72 77.37 -16.76
N THR C 109 5.12 77.96 -15.63
CA THR C 109 6.17 78.97 -15.62
C THR C 109 7.41 78.47 -14.87
N GLN C 110 7.36 77.27 -14.30
CA GLN C 110 8.50 76.63 -13.66
C GLN C 110 8.40 75.17 -13.96
N THR C 111 9.44 74.55 -14.50
CA THR C 111 9.40 73.13 -14.71
C THR C 111 10.75 72.53 -14.82
N SER C 112 10.88 71.32 -14.30
CA SER C 112 12.07 70.52 -14.58
C SER C 112 11.82 69.42 -15.60
N VAL C 113 10.67 69.48 -16.25
CA VAL C 113 10.33 68.56 -17.34
C VAL C 113 10.79 69.19 -18.66
N ASP C 114 11.16 68.33 -19.64
CA ASP C 114 11.71 68.77 -20.92
C ASP C 114 10.72 69.36 -21.89
N GLN C 115 9.43 69.11 -21.68
CA GLN C 115 8.42 69.59 -22.59
C GLN C 115 7.09 69.43 -21.89
N GLY C 116 6.06 70.04 -22.45
CA GLY C 116 4.69 69.88 -21.91
C GLY C 116 4.17 68.46 -22.00
N ILE C 117 3.14 68.22 -21.20
CA ILE C 117 2.53 66.89 -21.09
C ILE C 117 1.02 67.01 -21.31
N LEU C 118 0.52 66.20 -22.23
CA LEU C 118 -0.91 66.04 -22.45
C LEU C 118 -1.37 64.76 -21.73
N GLY C 119 -1.81 64.97 -20.48
CA GLY C 119 -2.41 63.93 -19.66
C GLY C 119 -3.80 63.59 -20.16
N ILE C 120 -4.04 62.34 -20.48
CA ILE C 120 -5.33 61.86 -21.02
C ILE C 120 -5.99 60.77 -20.17
N GLY C 121 -5.59 60.68 -18.91
CA GLY C 121 -6.18 59.74 -17.98
C GLY C 121 -7.50 60.20 -17.44
N TYR C 122 -7.95 59.55 -16.38
CA TYR C 122 -9.24 59.82 -15.79
C TYR C 122 -9.25 61.20 -15.17
N THR C 123 -10.39 61.89 -15.27
CA THR C 123 -10.49 63.22 -14.64
C THR C 123 -10.31 63.14 -13.13
N SER C 124 -10.66 61.99 -12.54
CA SER C 124 -10.52 61.82 -11.10
C SER C 124 -9.08 61.84 -10.64
N ASN C 125 -8.12 61.71 -11.56
CA ASN C 125 -6.73 61.76 -11.20
C ASN C 125 -6.03 63.07 -11.47
N GLU C 126 -6.80 64.11 -11.79
CA GLU C 126 -6.24 65.43 -12.04
C GLU C 126 -5.50 65.98 -10.80
N ALA C 127 -4.46 66.73 -11.07
CA ALA C 127 -3.65 67.32 -10.03
C ALA C 127 -4.32 68.61 -9.58
N VAL C 128 -5.33 68.47 -8.74
CA VAL C 128 -6.17 69.56 -8.29
C VAL C 128 -5.78 70.12 -6.94
N TYR C 129 -4.63 69.71 -6.40
CA TYR C 129 -4.21 70.10 -5.06
C TYR C 129 -2.91 70.81 -5.09
N ASP C 130 -2.65 71.58 -4.03
CA ASP C 130 -1.30 72.07 -3.75
C ASP C 130 -0.65 71.11 -2.78
N THR C 131 0.60 71.40 -2.40
CA THR C 131 1.37 70.48 -1.60
C THR C 131 0.85 70.32 -0.18
N SER C 132 -0.05 71.17 0.28
CA SER C 132 -0.68 70.98 1.57
C SER C 132 -1.96 70.18 1.51
N GLY C 133 -2.38 69.79 0.31
CA GLY C 133 -3.63 69.04 0.12
C GLY C 133 -4.84 69.90 -0.10
N ARG C 134 -4.67 71.21 -0.02
CA ARG C 134 -5.73 72.16 -0.34
CA ARG C 134 -5.75 72.14 -0.33
C ARG C 134 -6.00 72.16 -1.84
N GLN C 135 -7.24 72.42 -2.22
CA GLN C 135 -7.65 72.32 -3.61
C GLN C 135 -7.37 73.60 -4.37
N THR C 136 -6.81 73.46 -5.54
CA THR C 136 -6.50 74.60 -6.42
C THR C 136 -7.59 74.83 -7.45
N THR C 137 -8.25 73.75 -7.89
N THR C 137 -8.39 73.83 -7.73
CA THR C 137 -9.29 73.77 -8.94
CA THR C 137 -9.43 74.00 -8.68
C THR C 137 -10.30 72.66 -8.64
C THR C 137 -10.29 72.74 -8.62
N PRO C 138 -11.57 72.83 -9.01
CA PRO C 138 -12.41 71.65 -9.02
C PRO C 138 -11.92 70.65 -10.08
N ASN C 139 -12.25 69.38 -9.91
CA ASN C 139 -12.08 68.44 -11.02
C ASN C 139 -12.85 68.95 -12.20
N TYR C 140 -12.35 68.71 -13.42
CA TYR C 140 -12.78 69.43 -14.60
C TYR C 140 -12.72 68.48 -15.78
N ASP C 141 -13.30 68.87 -16.89
CA ASP C 141 -13.24 68.08 -18.12
C ASP C 141 -11.87 68.20 -18.73
N ASN C 142 -11.14 67.09 -18.74
CA ASN C 142 -9.81 67.11 -19.41
C ASN C 142 -10.01 66.83 -20.89
N VAL C 143 -8.92 66.71 -21.63
CA VAL C 143 -9.05 66.66 -23.09
C VAL C 143 -9.97 65.58 -23.61
N PRO C 144 -9.82 64.30 -23.21
CA PRO C 144 -10.69 63.29 -23.77
C PRO C 144 -12.17 63.53 -23.46
N VAL C 145 -12.45 64.00 -22.25
CA VAL C 145 -13.85 64.32 -21.89
C VAL C 145 -14.39 65.42 -22.80
N THR C 146 -13.59 66.46 -23.02
CA THR C 146 -14.03 67.57 -23.89
C THR C 146 -14.18 67.14 -25.33
N LEU C 147 -13.32 66.28 -25.82
CA LEU C 147 -13.51 65.74 -27.17
C LEU C 147 -14.87 65.10 -27.29
N LYS C 148 -15.29 64.34 -26.29
CA LYS C 148 -16.57 63.66 -26.33
C LYS C 148 -17.71 64.68 -26.19
N LYS C 149 -17.57 65.60 -25.24
CA LYS C 149 -18.64 66.56 -24.98
C LYS C 149 -18.92 67.46 -26.16
N GLN C 150 -17.88 67.75 -26.96
CA GLN C 150 -18.01 68.65 -28.09
C GLN C 150 -18.22 67.88 -29.36
N GLY C 151 -18.51 66.58 -29.26
CA GLY C 151 -18.97 65.80 -30.38
C GLY C 151 -17.89 65.41 -31.35
N LYS C 152 -16.63 65.46 -30.92
CA LYS C 152 -15.51 65.07 -31.77
C LYS C 152 -15.27 63.56 -31.79
N ILE C 153 -15.64 62.87 -30.72
CA ILE C 153 -15.56 61.42 -30.59
C ILE C 153 -16.85 60.97 -29.89
N ARG C 154 -17.25 59.74 -30.08
CA ARG C 154 -18.47 59.20 -29.47
C ARG C 154 -18.29 58.80 -28.02
N THR C 155 -17.14 58.23 -27.73
CA THR C 155 -16.85 57.60 -26.44
C THR C 155 -15.50 58.12 -26.00
N ASN C 156 -15.34 58.26 -24.70
CA ASN C 156 -14.05 58.61 -24.12
C ASN C 156 -13.20 57.34 -24.13
N ALA C 157 -12.52 57.16 -25.26
CA ALA C 157 -11.73 55.99 -25.51
C ALA C 157 -10.62 56.38 -26.46
N TYR C 158 -9.52 55.65 -26.38
CA TYR C 158 -8.40 55.86 -27.29
C TYR C 158 -7.59 54.63 -27.43
N SER C 159 -7.07 54.39 -28.66
CA SER C 159 -6.20 53.28 -28.91
C SER C 159 -4.77 53.71 -29.04
N LEU C 160 -3.86 52.94 -28.43
CA LEU C 160 -2.45 53.26 -28.38
C LEU C 160 -1.64 52.25 -29.15
N TYR C 161 -0.92 52.78 -30.16
CA TYR C 161 0.03 52.00 -30.97
C TYR C 161 1.34 52.70 -30.95
N LEU C 162 2.18 52.35 -29.98
CA LEU C 162 3.51 52.96 -29.92
C LEU C 162 4.38 52.55 -31.09
N ASN C 163 4.08 51.39 -31.68
CA ASN C 163 4.86 50.85 -32.79
C ASN C 163 6.16 50.25 -32.27
N SER C 164 6.99 49.79 -33.18
CA SER C 164 8.14 48.97 -32.82
C SER C 164 9.26 49.81 -32.23
N PRO C 165 10.25 49.15 -31.60
CA PRO C 165 11.34 49.91 -30.99
C PRO C 165 12.12 50.82 -31.92
N SER C 166 12.22 50.40 -33.18
CA SER C 166 12.94 51.20 -34.19
C SER C 166 12.08 52.16 -35.00
N ALA C 167 10.77 52.17 -34.75
CA ALA C 167 9.85 53.01 -35.51
C ALA C 167 10.06 54.46 -35.20
N GLU C 168 9.98 55.34 -36.19
N GLU C 168 9.94 55.26 -36.25
CA GLU C 168 10.05 56.75 -35.84
CA GLU C 168 9.93 56.70 -36.20
C GLU C 168 8.73 57.31 -35.30
C GLU C 168 8.77 57.23 -35.36
N THR C 169 7.61 56.67 -35.65
CA THR C 169 6.33 57.13 -35.19
C THR C 169 5.36 56.01 -34.95
N GLY C 170 4.44 56.30 -34.03
CA GLY C 170 3.27 55.50 -33.78
C GLY C 170 2.03 56.35 -33.93
N THR C 171 0.94 55.85 -33.37
CA THR C 171 -0.35 56.52 -33.51
C THR C 171 -1.14 56.34 -32.24
N ILE C 172 -1.76 57.40 -31.79
CA ILE C 172 -2.89 57.29 -30.84
C ILE C 172 -4.17 57.67 -31.60
N ILE C 173 -5.23 56.90 -31.40
CA ILE C 173 -6.50 57.24 -32.08
C ILE C 173 -7.52 57.55 -30.97
N PHE C 174 -7.95 58.78 -30.89
CA PHE C 174 -9.06 59.14 -30.01
C PHE C 174 -10.37 58.69 -30.62
N GLY C 175 -11.18 57.97 -29.88
CA GLY C 175 -12.48 57.55 -30.40
C GLY C 175 -12.46 56.53 -31.49
N GLY C 176 -11.40 55.75 -31.60
CA GLY C 176 -11.32 54.74 -32.64
C GLY C 176 -10.33 53.64 -32.30
N VAL C 177 -10.30 52.63 -33.16
CA VAL C 177 -9.49 51.45 -32.97
C VAL C 177 -9.03 50.98 -34.32
N ASP C 178 -7.75 50.66 -34.47
CA ASP C 178 -7.23 50.14 -35.74
C ASP C 178 -7.17 48.65 -35.64
N ASN C 179 -8.13 47.96 -36.26
CA ASN C 179 -8.19 46.54 -36.17
C ASN C 179 -7.16 45.77 -37.01
N ALA C 180 -6.36 46.51 -37.76
CA ALA C 180 -5.26 45.90 -38.53
C ALA C 180 -4.00 45.61 -37.73
N LYS C 181 -3.89 46.22 -36.55
CA LYS C 181 -2.60 46.34 -35.87
C LYS C 181 -2.45 45.42 -34.66
N TYR C 182 -3.13 44.29 -34.65
CA TYR C 182 -2.92 43.28 -33.62
C TYR C 182 -3.29 41.92 -34.16
N SER C 183 -2.80 40.89 -33.48
CA SER C 183 -3.13 39.53 -33.81
CA SER C 183 -3.12 39.51 -33.78
C SER C 183 -4.14 39.00 -32.80
N GLY C 184 -4.95 38.04 -33.22
CA GLY C 184 -5.98 37.46 -32.35
C GLY C 184 -7.07 38.49 -32.11
N LYS C 185 -7.77 38.34 -31.00
CA LYS C 185 -8.86 39.26 -30.63
CA LYS C 185 -8.86 39.24 -30.63
C LYS C 185 -8.41 40.15 -29.49
N LEU C 186 -8.85 41.40 -29.52
CA LEU C 186 -8.66 42.29 -28.36
C LEU C 186 -9.39 41.71 -27.17
N VAL C 187 -8.75 41.61 -26.02
CA VAL C 187 -9.37 41.08 -24.83
C VAL C 187 -9.61 42.22 -23.88
N ALA C 188 -10.87 42.46 -23.54
CA ALA C 188 -11.26 43.57 -22.66
C ALA C 188 -10.97 43.15 -21.22
N GLU C 189 -10.18 43.98 -20.56
CA GLU C 189 -9.80 43.77 -19.17
C GLU C 189 -10.39 44.91 -18.32
N GLN C 190 -10.94 44.54 -17.17
CA GLN C 190 -11.51 45.51 -16.25
C GLN C 190 -10.41 46.41 -15.70
N VAL C 191 -10.68 47.70 -15.65
CA VAL C 191 -9.80 48.62 -14.95
C VAL C 191 -10.00 48.50 -13.46
N THR C 192 -8.91 48.41 -12.71
CA THR C 192 -8.96 48.05 -11.29
C THR C 192 -8.96 49.21 -10.34
N SER C 193 -8.92 50.42 -10.88
CA SER C 193 -8.88 51.66 -10.11
C SER C 193 -9.83 52.61 -10.74
N SER C 194 -10.43 53.52 -10.00
CA SER C 194 -11.22 54.59 -10.58
C SER C 194 -10.41 55.84 -10.88
N GLN C 195 -9.13 55.85 -10.51
CA GLN C 195 -8.26 56.98 -10.75
C GLN C 195 -7.16 56.67 -11.74
N ALA C 196 -6.72 55.43 -11.85
CA ALA C 196 -5.56 55.07 -12.66
C ALA C 196 -5.95 54.00 -13.65
N LEU C 197 -5.31 54.02 -14.81
CA LEU C 197 -5.58 53.06 -15.89
C LEU C 197 -4.79 51.77 -15.69
N THR C 198 -5.23 51.03 -14.68
CA THR C 198 -4.57 49.81 -14.24
C THR C 198 -5.43 48.61 -14.56
N ILE C 199 -4.82 47.51 -14.98
CA ILE C 199 -5.51 46.22 -15.09
C ILE C 199 -4.77 45.19 -14.29
N SER C 200 -5.46 44.11 -13.94
CA SER C 200 -4.83 43.06 -13.13
C SER C 200 -3.81 42.29 -13.95
N LEU C 201 -2.60 42.18 -13.43
CA LEU C 201 -1.52 41.40 -14.02
C LEU C 201 -1.36 40.12 -13.20
N ALA C 202 -1.66 38.97 -13.77
CA ALA C 202 -1.64 37.71 -13.02
C ALA C 202 -0.24 37.21 -12.75
N SER C 203 0.64 37.26 -13.75
CA SER C 203 1.97 36.68 -13.58
CA SER C 203 1.95 36.66 -13.61
C SER C 203 2.91 37.24 -14.63
N VAL C 204 4.19 37.23 -14.31
CA VAL C 204 5.26 37.59 -15.21
C VAL C 204 6.10 36.34 -15.37
N ASN C 205 6.48 36.06 -16.60
CA ASN C 205 7.08 34.75 -16.96
C ASN C 205 8.35 35.04 -17.71
N LEU C 206 9.45 34.63 -17.15
CA LEU C 206 10.78 35.01 -17.62
C LEU C 206 11.76 33.92 -17.33
N LYS C 207 12.59 33.58 -18.31
CA LYS C 207 13.72 32.66 -18.15
C LYS C 207 13.27 31.32 -17.56
N GLY C 208 12.12 30.81 -18.02
CA GLY C 208 11.67 29.50 -17.58
C GLY C 208 10.88 29.45 -16.27
N SER C 209 10.68 30.61 -15.65
CA SER C 209 10.02 30.66 -14.36
C SER C 209 8.82 31.59 -14.43
N SER C 210 7.91 31.44 -13.49
CA SER C 210 6.73 32.29 -13.38
CA SER C 210 6.73 32.31 -13.37
C SER C 210 6.69 32.96 -12.02
N PHE C 211 6.26 34.20 -11.98
CA PHE C 211 6.20 35.03 -10.78
C PHE C 211 4.78 35.54 -10.65
N SER C 212 4.03 34.98 -9.72
CA SER C 212 2.65 35.37 -9.49
CA SER C 212 2.66 35.35 -9.48
C SER C 212 2.58 36.76 -8.91
N PHE C 213 1.67 37.56 -9.47
CA PHE C 213 1.54 38.94 -9.08
C PHE C 213 0.14 39.19 -8.56
N GLY C 214 -0.82 39.43 -9.45
CA GLY C 214 -2.24 39.50 -9.06
C GLY C 214 -2.79 40.87 -8.82
N ASP C 215 -1.94 41.89 -8.80
CA ASP C 215 -2.33 43.26 -8.51
CA ASP C 215 -2.38 43.25 -8.52
C ASP C 215 -2.39 44.06 -9.80
N GLY C 216 -2.88 45.28 -9.70
CA GLY C 216 -3.01 46.16 -10.85
C GLY C 216 -1.69 46.65 -11.35
N ALA C 217 -1.63 46.85 -12.66
CA ALA C 217 -0.47 47.42 -13.31
C ALA C 217 -0.95 48.59 -14.15
N LEU C 218 -0.30 49.72 -13.98
CA LEU C 218 -0.63 50.94 -14.73
C LEU C 218 -0.07 50.88 -16.13
N LEU C 219 -0.92 51.07 -17.13
CA LEU C 219 -0.51 50.94 -18.54
C LEU C 219 -0.21 52.35 -18.99
N ASP C 220 1.01 52.78 -18.74
CA ASP C 220 1.41 54.17 -18.82
C ASP C 220 2.28 54.51 -20.02
N SER C 221 1.68 55.16 -21.02
CA SER C 221 2.46 55.62 -22.16
C SER C 221 3.57 56.58 -21.83
N GLY C 222 3.46 57.30 -20.71
CA GLY C 222 4.43 58.29 -20.28
C GLY C 222 5.48 57.81 -19.33
N THR C 223 5.66 56.49 -19.21
CA THR C 223 6.80 55.92 -18.51
C THR C 223 7.65 55.14 -19.50
N THR C 224 8.96 55.31 -19.36
CA THR C 224 9.91 54.66 -20.29
C THR C 224 10.04 53.18 -20.05
N LEU C 225 10.25 52.82 -18.77
CA LEU C 225 10.54 51.44 -18.41
C LEU C 225 9.34 50.80 -17.68
N THR C 226 9.60 49.72 -16.95
CA THR C 226 8.60 48.99 -16.20
C THR C 226 8.99 49.02 -14.73
N TYR C 227 8.01 49.19 -13.86
CA TYR C 227 8.21 49.38 -12.41
C TYR C 227 7.37 48.41 -11.67
N PHE C 228 7.98 47.77 -10.66
CA PHE C 228 7.27 46.83 -9.80
C PHE C 228 7.61 47.12 -8.35
N PRO C 229 6.71 46.70 -7.43
CA PRO C 229 6.98 46.81 -6.00
C PRO C 229 8.29 46.14 -5.66
N SER C 230 9.00 46.71 -4.67
CA SER C 230 10.39 46.35 -4.45
C SER C 230 10.66 44.85 -4.32
N ASP C 231 9.87 44.13 -3.52
CA ASP C 231 10.12 42.71 -3.29
CA ASP C 231 10.14 42.71 -3.31
C ASP C 231 9.92 41.91 -4.57
N PHE C 232 8.90 42.25 -5.35
CA PHE C 232 8.60 41.53 -6.57
C PHE C 232 9.68 41.80 -7.60
N ALA C 233 10.05 43.06 -7.69
CA ALA C 233 11.13 43.47 -8.59
C ALA C 233 12.42 42.73 -8.24
N ALA C 234 12.70 42.52 -6.94
CA ALA C 234 13.92 41.86 -6.55
C ALA C 234 13.90 40.41 -6.93
N GLN C 235 12.73 39.74 -6.80
CA GLN C 235 12.60 38.38 -7.25
C GLN C 235 12.90 38.28 -8.74
N LEU C 236 12.36 39.20 -9.52
CA LEU C 236 12.59 39.16 -10.97
C LEU C 236 14.06 39.50 -11.27
N ALA C 237 14.62 40.42 -10.51
CA ALA C 237 16.02 40.84 -10.71
C ALA C 237 16.99 39.69 -10.46
N ASP C 238 16.69 38.88 -9.46
CA ASP C 238 17.55 37.73 -9.15
C ASP C 238 17.52 36.77 -10.31
N LYS C 239 16.34 36.55 -10.88
CA LYS C 239 16.23 35.69 -12.05
C LYS C 239 16.95 36.26 -13.28
N ALA C 240 16.83 37.57 -13.48
CA ALA C 240 17.38 38.21 -14.67
C ALA C 240 18.87 38.48 -14.61
N GLY C 241 19.41 38.54 -13.39
CA GLY C 241 20.80 38.92 -13.18
C GLY C 241 21.02 40.41 -13.08
N ALA C 242 19.99 41.17 -12.76
CA ALA C 242 20.11 42.58 -12.54
C ALA C 242 20.62 42.87 -11.12
N ARG C 243 21.17 44.04 -10.93
CA ARG C 243 21.85 44.43 -9.68
CA ARG C 243 21.83 44.46 -9.68
C ARG C 243 21.36 45.82 -9.27
N LEU C 244 20.93 45.97 -8.02
CA LEU C 244 20.56 47.26 -7.50
C LEU C 244 21.79 48.07 -7.19
N VAL C 245 21.80 49.31 -7.63
CA VAL C 245 22.87 50.24 -7.40
C VAL C 245 22.29 51.53 -6.81
N GLN C 246 22.89 52.01 -5.72
CA GLN C 246 22.46 53.27 -5.09
C GLN C 246 23.13 54.43 -5.82
N VAL C 247 22.38 55.08 -6.71
CA VAL C 247 22.91 56.12 -7.61
C VAL C 247 23.12 57.45 -6.88
N ALA C 248 22.19 57.78 -6.01
CA ALA C 248 22.31 58.94 -5.11
C ALA C 248 21.85 58.49 -3.73
N ARG C 249 22.12 59.30 -2.71
CA ARG C 249 21.65 59.01 -1.36
C ARG C 249 20.15 58.78 -1.43
N ASP C 250 19.71 57.62 -0.97
CA ASP C 250 18.32 57.16 -1.01
C ASP C 250 17.67 57.01 -2.41
N GLN C 251 18.47 56.83 -3.46
CA GLN C 251 17.94 56.64 -4.82
C GLN C 251 18.64 55.42 -5.46
N TYR C 252 17.85 54.46 -5.96
CA TYR C 252 18.34 53.14 -6.35
C TYR C 252 17.86 52.73 -7.74
N LEU C 253 18.72 52.10 -8.55
CA LEU C 253 18.30 51.56 -9.85
C LEU C 253 18.88 50.21 -10.14
N TYR C 254 18.15 49.35 -10.85
CA TYR C 254 18.70 48.14 -11.36
C TYR C 254 19.53 48.36 -12.60
N PHE C 255 20.77 47.89 -12.56
CA PHE C 255 21.61 47.83 -13.73
C PHE C 255 21.74 46.38 -14.13
N ILE C 256 22.14 46.15 -15.37
CA ILE C 256 22.30 44.83 -15.85
C ILE C 256 23.45 44.84 -16.85
N ASP C 257 24.15 43.73 -16.98
CA ASP C 257 25.26 43.65 -17.93
CA ASP C 257 25.26 43.70 -17.92
C ASP C 257 24.72 43.97 -19.33
N CYS C 258 25.37 44.89 -20.04
CA CYS C 258 24.92 45.22 -21.40
C CYS C 258 24.96 44.04 -22.33
N ASN C 259 25.85 43.08 -22.03
CA ASN C 259 26.01 41.84 -22.81
CA ASN C 259 25.98 41.87 -22.84
C ASN C 259 25.08 40.71 -22.43
N THR C 260 24.12 40.97 -21.53
CA THR C 260 23.19 39.93 -21.11
C THR C 260 22.48 39.29 -22.29
N ASP C 261 22.20 38.02 -22.17
CA ASP C 261 21.48 37.25 -23.17
C ASP C 261 20.04 37.77 -23.22
N THR C 262 19.67 38.36 -24.34
CA THR C 262 18.32 38.93 -24.53
C THR C 262 17.54 38.18 -25.59
N SER C 263 17.96 36.95 -25.91
CA SER C 263 17.32 36.20 -26.96
C SER C 263 15.90 35.72 -26.65
N GLY C 264 15.57 35.64 -25.36
CA GLY C 264 14.27 35.14 -24.94
C GLY C 264 13.22 36.24 -24.89
N THR C 265 12.10 35.88 -24.27
CA THR C 265 11.01 36.82 -24.09
C THR C 265 10.55 36.85 -22.65
N THR C 266 9.83 37.92 -22.31
CA THR C 266 9.13 38.03 -21.02
C THR C 266 7.65 38.05 -21.36
N VAL C 267 6.87 37.19 -20.73
CA VAL C 267 5.44 37.07 -21.05
C VAL C 267 4.60 37.49 -19.84
N PHE C 268 3.71 38.42 -20.09
CA PHE C 268 2.82 39.00 -19.09
C PHE C 268 1.45 38.38 -19.29
N ASN C 269 0.92 37.75 -18.24
CA ASN C 269 -0.39 37.10 -18.29
C ASN C 269 -1.42 37.97 -17.62
N PHE C 270 -2.48 38.27 -18.35
CA PHE C 270 -3.56 39.13 -17.86
C PHE C 270 -4.84 38.29 -17.79
N GLY C 271 -5.98 38.92 -17.57
CA GLY C 271 -7.21 38.16 -17.44
C GLY C 271 -7.73 37.60 -18.73
N ASN C 272 -8.55 36.59 -18.60
CA ASN C 272 -9.32 36.10 -19.74
CA ASN C 272 -9.31 35.93 -19.67
C ASN C 272 -8.39 35.54 -20.84
N GLY C 273 -7.25 34.98 -20.43
CA GLY C 273 -6.31 34.36 -21.35
C GLY C 273 -5.40 35.28 -22.13
N ALA C 274 -5.49 36.59 -21.94
CA ALA C 274 -4.64 37.50 -22.69
C ALA C 274 -3.22 37.38 -22.20
N LYS C 275 -2.31 37.42 -23.15
CA LYS C 275 -0.87 37.35 -22.88
C LYS C 275 -0.19 38.33 -23.80
N ILE C 276 0.78 39.06 -23.28
CA ILE C 276 1.62 39.94 -24.10
C ILE C 276 3.03 39.47 -23.94
N THR C 277 3.71 39.31 -25.07
CA THR C 277 5.07 38.77 -25.13
C THR C 277 5.99 39.88 -25.51
N VAL C 278 7.03 40.14 -24.72
CA VAL C 278 7.95 41.26 -24.94
C VAL C 278 9.35 40.67 -25.17
N PRO C 279 10.02 41.06 -26.27
CA PRO C 279 11.38 40.58 -26.49
C PRO C 279 12.31 41.13 -25.43
N ASN C 280 13.28 40.30 -25.00
CA ASN C 280 14.10 40.67 -23.86
C ASN C 280 15.06 41.81 -24.10
N THR C 281 15.26 42.21 -25.36
CA THR C 281 15.99 43.45 -25.67
CA THR C 281 16.05 43.39 -25.60
C THR C 281 15.40 44.65 -24.94
N GLU C 282 14.08 44.60 -24.70
CA GLU C 282 13.39 45.70 -24.01
C GLU C 282 13.82 45.88 -22.56
N TYR C 283 14.58 44.91 -22.03
CA TYR C 283 15.01 44.95 -20.64
C TYR C 283 16.49 45.26 -20.47
N VAL C 284 17.17 45.59 -21.57
CA VAL C 284 18.55 46.05 -21.48
C VAL C 284 18.55 47.43 -22.12
N TYR C 285 18.62 48.46 -21.30
CA TYR C 285 18.52 49.85 -21.72
C TYR C 285 19.90 50.50 -21.71
N GLN C 286 20.35 50.91 -22.89
CA GLN C 286 21.65 51.54 -22.99
C GLN C 286 21.63 52.94 -22.42
N ASN C 287 22.52 53.24 -21.47
CA ASN C 287 22.66 54.58 -20.96
C ASN C 287 23.53 55.48 -21.84
N GLY C 288 24.29 54.88 -22.75
CA GLY C 288 25.15 55.64 -23.64
C GLY C 288 26.58 55.80 -23.16
N ASP C 289 26.89 55.23 -22.00
CA ASP C 289 28.18 55.40 -21.34
C ASP C 289 28.85 54.06 -21.07
N GLY C 290 28.40 53.00 -21.71
CA GLY C 290 28.92 51.68 -21.53
C GLY C 290 28.24 50.90 -20.43
N THR C 291 27.22 51.49 -19.79
CA THR C 291 26.41 50.80 -18.77
C THR C 291 24.99 50.74 -19.28
N CYS C 292 24.25 49.78 -18.71
CA CYS C 292 22.85 49.56 -19.07
C CYS C 292 21.99 49.44 -17.84
N LEU C 293 20.84 50.13 -17.85
CA LEU C 293 19.79 49.86 -16.87
C LEU C 293 19.08 48.61 -17.26
N TRP C 294 18.58 47.87 -16.26
CA TRP C 294 17.59 46.86 -16.50
C TRP C 294 16.27 47.56 -16.85
N GLY C 295 15.45 46.89 -17.63
CA GLY C 295 14.17 47.49 -18.05
C GLY C 295 13.07 47.40 -17.00
N ILE C 296 13.36 46.78 -15.84
CA ILE C 296 12.48 46.77 -14.69
C ILE C 296 13.18 47.51 -13.56
N GLN C 297 12.42 48.30 -12.84
CA GLN C 297 12.92 49.14 -11.76
C GLN C 297 12.00 49.02 -10.55
N PRO C 298 12.55 49.25 -9.35
CA PRO C 298 11.71 49.17 -8.16
C PRO C 298 10.86 50.43 -7.96
N SER C 299 9.72 50.25 -7.32
CA SER C 299 8.78 51.34 -7.11
C SER C 299 7.88 50.95 -5.96
N ASP C 300 7.12 51.91 -5.44
CA ASP C 300 6.00 51.60 -4.55
C ASP C 300 4.83 51.13 -5.38
N ASP C 301 4.80 51.54 -6.65
CA ASP C 301 3.72 51.28 -7.55
C ASP C 301 4.12 50.33 -8.66
N THR C 302 3.14 50.04 -9.53
CA THR C 302 3.35 49.08 -10.59
C THR C 302 3.01 49.76 -11.91
N ILE C 303 3.97 49.81 -12.81
CA ILE C 303 3.82 50.52 -14.06
C ILE C 303 4.37 49.66 -15.20
N LEU C 304 3.56 49.39 -16.21
CA LEU C 304 4.05 48.81 -17.46
C LEU C 304 4.14 49.99 -18.43
N GLY C 305 5.36 50.43 -18.68
CA GLY C 305 5.64 51.56 -19.54
C GLY C 305 5.92 51.16 -20.97
N ASP C 306 6.62 52.05 -21.64
CA ASP C 306 6.80 51.93 -23.09
C ASP C 306 7.46 50.62 -23.53
N ASN C 307 8.40 50.15 -22.73
CA ASN C 307 9.11 48.92 -23.10
C ASN C 307 8.22 47.71 -23.09
N PHE C 308 7.08 47.77 -22.38
CA PHE C 308 6.00 46.82 -22.50
C PHE C 308 5.02 47.20 -23.61
N LEU C 309 4.54 48.44 -23.56
CA LEU C 309 3.42 48.88 -24.40
C LEU C 309 3.73 48.84 -25.89
N ARG C 310 4.99 48.95 -26.28
CA ARG C 310 5.34 48.76 -27.69
C ARG C 310 4.90 47.45 -28.25
N HIS C 311 4.66 46.47 -27.39
CA HIS C 311 4.36 45.11 -27.81
C HIS C 311 2.90 44.74 -27.74
N ALA C 312 2.09 45.72 -27.37
CA ALA C 312 0.63 45.52 -27.31
C ALA C 312 -0.08 46.56 -28.15
N TYR C 313 -1.24 46.19 -28.63
CA TYR C 313 -2.20 47.18 -29.08
C TYR C 313 -3.22 47.32 -27.95
N LEU C 314 -3.54 48.55 -27.60
CA LEU C 314 -4.41 48.82 -26.47
C LEU C 314 -5.52 49.75 -26.85
N LEU C 315 -6.75 49.37 -26.46
CA LEU C 315 -7.92 50.27 -26.56
C LEU C 315 -8.36 50.60 -25.13
N TYR C 316 -8.06 51.82 -24.72
CA TYR C 316 -8.44 52.32 -23.40
C TYR C 316 -9.86 52.86 -23.56
N ASN C 317 -10.76 52.40 -22.70
CA ASN C 317 -12.14 52.90 -22.71
C ASN C 317 -12.48 53.43 -21.31
N LEU C 318 -12.42 54.76 -21.19
CA LEU C 318 -12.59 55.41 -19.88
C LEU C 318 -14.07 55.52 -19.52
N ASP C 319 -14.96 55.34 -20.48
CA ASP C 319 -16.40 55.27 -20.18
C ASP C 319 -16.78 53.88 -19.67
N ALA C 320 -16.26 52.82 -20.27
CA ALA C 320 -16.57 51.46 -19.88
C ALA C 320 -15.69 50.95 -18.76
N ASN C 321 -14.60 51.70 -18.49
CA ASN C 321 -13.57 51.29 -17.52
C ASN C 321 -13.00 49.92 -17.87
N THR C 322 -12.58 49.82 -19.11
CA THR C 322 -11.89 48.65 -19.60
C THR C 322 -10.71 49.08 -20.44
N ILE C 323 -9.70 48.23 -20.47
CA ILE C 323 -8.60 48.39 -21.45
C ILE C 323 -8.51 47.05 -22.16
N SER C 324 -8.64 47.11 -23.48
CA SER C 324 -8.62 45.89 -24.30
C SER C 324 -7.24 45.77 -24.90
N ILE C 325 -6.69 44.57 -24.82
CA ILE C 325 -5.29 44.37 -25.23
C ILE C 325 -5.15 43.18 -26.15
N ALA C 326 -4.13 43.26 -27.01
CA ALA C 326 -3.76 42.13 -27.86
C ALA C 326 -2.31 42.31 -28.23
N GLN C 327 -1.69 41.20 -28.58
CA GLN C 327 -0.34 41.24 -29.11
C GLN C 327 -0.28 42.12 -30.36
N VAL C 328 0.64 43.05 -30.38
CA VAL C 328 0.70 44.01 -31.49
C VAL C 328 1.13 43.31 -32.78
N LYS C 329 0.64 43.87 -33.87
CA LYS C 329 1.06 43.47 -35.23
C LYS C 329 1.52 44.76 -35.88
N TYR C 330 2.82 44.87 -36.16
CA TYR C 330 3.35 46.07 -36.73
C TYR C 330 3.05 46.11 -38.24
N THR C 331 2.23 47.06 -38.64
CA THR C 331 1.86 47.22 -40.06
C THR C 331 1.35 48.59 -40.32
N THR C 332 1.64 49.12 -41.51
CA THR C 332 1.06 50.38 -41.94
C THR C 332 -0.35 50.19 -42.48
N ASP C 333 -0.77 48.96 -42.68
CA ASP C 333 -2.18 48.73 -43.04
C ASP C 333 -3.07 49.27 -41.91
N SER C 334 -4.22 49.81 -42.24
CA SER C 334 -5.12 50.33 -41.23
C SER C 334 -6.53 49.90 -41.56
N SER C 335 -7.30 49.64 -40.50
CA SER C 335 -8.72 49.35 -40.59
C SER C 335 -9.35 50.01 -39.38
N ILE C 336 -9.49 51.32 -39.45
CA ILE C 336 -9.91 52.12 -38.28
C ILE C 336 -11.41 52.19 -38.26
N SER C 337 -11.99 51.80 -37.14
CA SER C 337 -13.38 52.08 -36.87
CA SER C 337 -13.41 52.01 -36.87
C SER C 337 -13.57 52.89 -35.64
N ALA C 338 -14.65 53.64 -35.61
CA ALA C 338 -15.01 54.46 -34.46
C ALA C 338 -15.46 53.61 -33.29
N VAL C 339 -15.16 54.14 -32.11
CA VAL C 339 -15.65 53.55 -30.88
CA VAL C 339 -15.51 53.59 -30.80
C VAL C 339 -16.33 54.66 -30.08
N VAL D 2 11.89 58.26 -17.95
CA VAL D 2 10.96 59.17 -17.29
C VAL D 2 9.77 58.38 -16.78
N VAL D 3 9.06 59.01 -15.86
CA VAL D 3 7.88 58.41 -15.27
C VAL D 3 6.85 59.51 -15.07
N ALA D 5 1.58 60.27 -12.91
CA ALA D 5 1.19 61.01 -11.71
C ALA D 5 0.51 60.06 -10.72
N ASP E 1 10.88 -61.68 0.51
CA ASP E 1 10.06 -60.44 0.75
C ASP E 1 9.37 -60.42 2.12
N SER E 2 9.96 -59.57 2.94
CA SER E 2 9.41 -59.29 4.26
C SER E 2 9.28 -57.80 4.38
N ILE E 3 8.49 -57.40 5.36
CA ILE E 3 8.24 -56.01 5.61
C ILE E 3 8.43 -55.76 7.07
N SER E 4 9.46 -55.00 7.43
CA SER E 4 9.69 -54.62 8.82
C SER E 4 8.95 -53.35 9.12
N LEU E 5 8.28 -53.28 10.26
CA LEU E 5 7.52 -52.11 10.61
C LEU E 5 7.82 -51.81 12.08
N SER E 6 8.22 -50.58 12.37
CA SER E 6 8.53 -50.21 13.71
C SER E 6 7.31 -50.17 14.60
N LEU E 7 7.47 -50.72 15.79
CA LEU E 7 6.47 -50.66 16.84
C LEU E 7 6.86 -49.59 17.84
N ILE E 8 5.96 -48.66 18.04
CA ILE E 8 6.13 -47.61 19.03
C ILE E 8 5.59 -48.11 20.33
N ASN E 9 6.42 -48.12 21.39
CA ASN E 9 5.99 -48.50 22.72
C ASN E 9 5.29 -47.29 23.33
N GLU E 10 3.96 -47.30 23.32
CA GLU E 10 3.16 -46.17 23.85
C GLU E 10 2.89 -46.25 25.31
N GLY E 11 3.23 -47.38 25.92
CA GLY E 11 2.86 -47.66 27.30
C GLY E 11 1.93 -48.83 27.31
N PRO E 12 0.62 -48.61 27.25
CA PRO E 12 -0.31 -49.71 27.32
C PRO E 12 -0.42 -50.50 26.04
N SER E 13 0.03 -49.90 24.92
CA SER E 13 -0.13 -50.46 23.59
C SER E 13 1.10 -50.20 22.76
N TYR E 14 1.22 -50.94 21.67
CA TYR E 14 2.25 -50.77 20.66
C TYR E 14 1.59 -50.40 19.35
N ALA E 15 2.11 -49.37 18.72
CA ALA E 15 1.49 -48.80 17.53
C ALA E 15 2.48 -48.64 16.41
N SER E 16 1.97 -48.50 15.20
CA SER E 16 2.82 -48.26 14.05
C SER E 16 2.20 -47.20 13.16
N LYS E 17 3.06 -46.55 12.39
CA LYS E 17 2.62 -45.62 11.35
C LYS E 17 2.18 -46.42 10.15
N VAL E 18 0.97 -46.17 9.69
CA VAL E 18 0.40 -46.83 8.52
C VAL E 18 -0.24 -45.73 7.71
N SER E 19 0.12 -45.65 6.42
CA SER E 19 -0.47 -44.58 5.59
C SER E 19 -1.68 -45.13 4.87
N VAL E 20 -2.72 -44.32 4.76
CA VAL E 20 -3.96 -44.74 4.14
C VAL E 20 -4.36 -43.71 3.07
N GLY E 21 -4.79 -44.22 1.92
CA GLY E 21 -5.36 -43.38 0.89
C GLY E 21 -4.38 -42.97 -0.17
N SER E 22 -4.93 -42.36 -1.22
CA SER E 22 -4.09 -41.92 -2.35
C SER E 22 -3.05 -40.89 -1.91
N ASN E 23 -3.41 -40.10 -0.90
CA ASN E 23 -2.57 -39.03 -0.35
C ASN E 23 -1.82 -39.46 0.90
N LYS E 24 -1.76 -40.77 1.17
CA LYS E 24 -0.85 -41.32 2.18
C LYS E 24 -1.01 -40.62 3.52
N GLN E 25 -2.23 -40.63 4.03
CA GLN E 25 -2.55 -40.02 5.29
C GLN E 25 -2.03 -40.90 6.41
N GLN E 26 -1.11 -40.37 7.20
CA GLN E 26 -0.44 -41.19 8.20
C GLN E 26 -1.29 -41.41 9.43
N GLN E 27 -1.55 -42.68 9.73
CA GLN E 27 -2.30 -43.03 10.93
C GLN E 27 -1.33 -43.73 11.85
N THR E 28 -1.39 -43.44 13.15
CA THR E 28 -0.61 -44.17 14.11
C THR E 28 -1.59 -45.07 14.85
N VAL E 29 -1.44 -46.38 14.63
CA VAL E 29 -2.49 -47.34 14.97
C VAL E 29 -1.91 -48.51 15.74
N ILE E 30 -2.73 -49.06 16.64
CA ILE E 30 -2.28 -50.16 17.49
C ILE E 30 -2.13 -51.43 16.68
N ILE E 31 -1.02 -52.11 16.85
CA ILE E 31 -0.83 -53.39 16.20
C ILE E 31 -1.40 -54.46 17.10
N ASP E 32 -2.44 -55.14 16.61
CA ASP E 32 -3.29 -55.98 17.44
C ASP E 32 -3.42 -57.37 16.87
N THR E 33 -2.67 -58.33 17.44
CA THR E 33 -2.86 -59.75 17.05
C THR E 33 -4.15 -60.33 17.61
N GLY E 34 -4.84 -59.61 18.51
CA GLY E 34 -6.06 -60.09 19.11
C GLY E 34 -7.33 -59.66 18.41
N SER E 35 -7.23 -58.90 17.33
CA SER E 35 -8.41 -58.55 16.52
C SER E 35 -7.97 -58.61 15.06
N SER E 36 -8.94 -58.47 14.17
CA SER E 36 -8.69 -58.77 12.75
C SER E 36 -9.09 -57.69 11.77
N ASP E 37 -9.58 -56.55 12.27
CA ASP E 37 -10.05 -55.47 11.44
C ASP E 37 -9.14 -54.27 11.60
N PHE E 38 -8.92 -53.57 10.49
CA PHE E 38 -8.19 -52.30 10.50
C PHE E 38 -9.19 -51.20 10.40
N TRP E 39 -9.24 -50.36 11.42
CA TRP E 39 -10.09 -49.19 11.42
C TRP E 39 -9.25 -47.96 11.75
N VAL E 40 -9.71 -46.84 11.18
CA VAL E 40 -9.05 -45.55 11.35
C VAL E 40 -10.03 -44.53 11.89
N VAL E 41 -9.49 -43.55 12.59
CA VAL E 41 -10.29 -42.49 13.15
C VAL E 41 -10.60 -41.45 12.09
N ASP E 42 -11.86 -41.32 11.75
CA ASP E 42 -12.25 -40.29 10.80
C ASP E 42 -11.92 -38.92 11.34
N SER E 43 -11.50 -38.00 10.48
CA SER E 43 -11.19 -36.64 10.94
CA SER E 43 -11.22 -36.63 10.90
C SER E 43 -12.40 -35.96 11.58
N ASN E 44 -13.60 -36.36 11.23
CA ASN E 44 -14.83 -35.82 11.82
C ASN E 44 -15.47 -36.74 12.83
N ALA E 45 -14.68 -37.67 13.37
CA ALA E 45 -15.19 -38.56 14.40
C ALA E 45 -15.64 -37.81 15.63
N GLN E 46 -16.64 -38.39 16.28
CA GLN E 46 -17.08 -37.92 17.57
C GLN E 46 -16.49 -38.88 18.56
N CYS E 47 -15.38 -38.51 19.17
CA CYS E 47 -14.77 -39.30 20.21
C CYS E 47 -15.75 -39.49 21.39
N GLY E 48 -15.59 -40.59 22.09
CA GLY E 48 -16.31 -40.79 23.33
C GLY E 48 -16.01 -39.65 24.27
N LYS E 49 -16.91 -39.46 25.23
CA LYS E 49 -16.70 -38.40 26.19
C LYS E 49 -15.38 -38.58 26.93
N GLY E 50 -14.58 -37.52 26.96
CA GLY E 50 -13.31 -37.56 27.64
C GLY E 50 -12.20 -38.21 26.84
N VAL E 51 -12.50 -38.64 25.60
CA VAL E 51 -11.51 -39.40 24.81
C VAL E 51 -10.90 -38.48 23.76
N ASP E 52 -9.57 -38.41 23.77
CA ASP E 52 -8.80 -37.72 22.75
C ASP E 52 -8.42 -38.70 21.63
N CYS E 53 -9.33 -38.89 20.68
CA CYS E 53 -9.16 -39.94 19.68
C CYS E 53 -8.47 -39.43 18.42
N LYS E 54 -8.13 -38.16 18.34
CA LYS E 54 -7.51 -37.62 17.12
C LYS E 54 -6.08 -37.17 17.18
N SER E 55 -5.35 -37.47 18.24
CA SER E 55 -3.97 -37.01 18.32
CA SER E 55 -3.96 -37.03 18.37
C SER E 55 -2.98 -38.01 17.73
N SER E 56 -3.46 -39.14 17.24
CA SER E 56 -2.59 -40.14 16.64
C SER E 56 -2.87 -40.32 15.15
N GLY E 57 -3.32 -39.25 14.51
CA GLY E 57 -3.61 -39.22 13.08
C GLY E 57 -5.08 -39.38 12.89
N THR E 58 -5.60 -38.85 11.81
CA THR E 58 -6.95 -39.07 11.43
C THR E 58 -6.99 -39.25 9.93
N PHE E 59 -8.09 -39.85 9.48
CA PHE E 59 -8.31 -40.13 8.08
C PHE E 59 -9.50 -39.33 7.55
N THR E 60 -9.27 -38.70 6.39
CA THR E 60 -10.27 -37.95 5.68
C THR E 60 -10.53 -38.69 4.39
N PRO E 61 -11.59 -39.51 4.32
CA PRO E 61 -11.81 -40.29 3.11
C PRO E 61 -11.91 -39.42 1.87
N SER E 62 -12.54 -38.26 1.99
CA SER E 62 -12.78 -37.39 0.85
C SER E 62 -11.52 -36.79 0.23
N SER E 63 -10.35 -36.81 0.88
CA SER E 63 -9.17 -36.32 0.23
C SER E 63 -8.37 -37.45 -0.39
N SER E 64 -8.86 -38.69 -0.26
CA SER E 64 -8.28 -39.85 -0.94
C SER E 64 -9.09 -40.16 -2.18
N SER E 65 -8.45 -40.07 -3.33
CA SER E 65 -9.15 -40.30 -4.60
C SER E 65 -9.57 -41.73 -4.78
N SER E 66 -8.94 -42.63 -4.03
CA SER E 66 -9.12 -44.06 -4.16
C SER E 66 -10.09 -44.69 -3.17
N TYR E 67 -10.63 -43.90 -2.24
CA TYR E 67 -11.49 -44.43 -1.24
C TYR E 67 -12.82 -44.86 -1.85
N LYS E 68 -13.28 -46.06 -1.50
CA LYS E 68 -14.59 -46.54 -1.91
C LYS E 68 -15.41 -46.93 -0.68
N ASN E 69 -16.66 -46.49 -0.62
CA ASN E 69 -17.56 -46.95 0.45
C ASN E 69 -18.13 -48.29 0.10
N LEU E 70 -18.28 -49.16 1.10
CA LEU E 70 -18.93 -50.44 0.88
C LEU E 70 -20.43 -50.40 1.23
N GLY E 71 -20.85 -49.39 1.94
CA GLY E 71 -22.27 -49.23 2.31
C GLY E 71 -22.76 -50.21 3.37
N ALA E 72 -21.87 -50.61 4.30
CA ALA E 72 -22.24 -51.40 5.44
C ALA E 72 -21.67 -50.75 6.70
N ALA E 73 -22.45 -50.85 7.75
CA ALA E 73 -22.05 -50.39 9.06
C ALA E 73 -21.02 -51.30 9.68
N PHE E 74 -20.11 -50.70 10.42
CA PHE E 74 -19.10 -51.41 11.21
C PHE E 74 -19.30 -51.10 12.66
N THR E 75 -19.32 -52.15 13.47
CA THR E 75 -19.32 -52.01 14.90
C THR E 75 -18.38 -53.07 15.48
N ILE E 76 -17.52 -52.66 16.40
CA ILE E 76 -16.67 -53.60 17.11
C ILE E 76 -16.73 -53.29 18.57
N ARG E 77 -16.65 -54.35 19.39
CA ARG E 77 -16.56 -54.22 20.82
C ARG E 77 -15.43 -55.13 21.26
N TYR E 78 -14.50 -54.55 21.95
CA TYR E 78 -13.30 -55.30 22.40
C TYR E 78 -13.53 -55.89 23.75
N GLY E 79 -12.58 -56.68 24.22
CA GLY E 79 -12.80 -57.46 25.45
C GLY E 79 -12.99 -56.58 26.67
N ASP E 80 -12.36 -55.42 26.72
CA ASP E 80 -12.56 -54.48 27.85
C ASP E 80 -13.80 -53.59 27.70
N GLY E 81 -14.65 -53.86 26.70
CA GLY E 81 -15.81 -53.02 26.47
C GLY E 81 -15.58 -51.80 25.60
N SER E 82 -14.35 -51.54 25.17
CA SER E 82 -14.07 -50.43 24.27
C SER E 82 -14.82 -50.68 22.97
N THR E 83 -15.30 -49.61 22.32
CA THR E 83 -16.09 -49.74 21.13
C THR E 83 -15.69 -48.73 20.06
N SER E 84 -15.95 -49.12 18.83
CA SER E 84 -15.85 -48.25 17.69
C SER E 84 -16.99 -48.55 16.76
N GLN E 85 -17.53 -47.50 16.16
CA GLN E 85 -18.53 -47.63 15.11
CA GLN E 85 -18.53 -47.63 15.11
C GLN E 85 -18.22 -46.74 13.90
N GLY E 86 -18.59 -47.22 12.75
CA GLY E 86 -18.39 -46.45 11.53
C GLY E 86 -18.97 -47.21 10.38
N THR E 87 -18.33 -47.09 9.22
CA THR E 87 -18.75 -47.78 8.03
C THR E 87 -17.54 -48.41 7.35
N TRP E 88 -17.80 -49.46 6.59
CA TRP E 88 -16.77 -50.12 5.86
C TRP E 88 -16.42 -49.41 4.55
N GLY E 89 -15.15 -49.46 4.18
CA GLY E 89 -14.68 -48.92 2.92
C GLY E 89 -13.46 -49.67 2.48
N LYS E 90 -12.89 -49.24 1.36
CA LYS E 90 -11.64 -49.78 0.85
C LYS E 90 -10.75 -48.65 0.40
N ASP E 91 -9.45 -48.80 0.65
CA ASP E 91 -8.50 -47.85 0.15
C ASP E 91 -7.12 -48.49 0.17
N THR E 92 -6.17 -47.74 -0.35
CA THR E 92 -4.77 -48.14 -0.37
C THR E 92 -4.19 -47.99 1.03
N VAL E 93 -3.45 -49.02 1.44
CA VAL E 93 -2.77 -49.04 2.72
C VAL E 93 -1.30 -49.24 2.45
N THR E 94 -0.48 -48.41 3.08
CA THR E 94 0.95 -48.43 2.84
C THR E 94 1.68 -48.63 4.17
N ILE E 95 2.51 -49.67 4.21
CA ILE E 95 3.23 -50.08 5.42
C ILE E 95 4.70 -50.04 5.05
N ASN E 96 5.45 -49.13 5.67
CA ASN E 96 6.87 -48.96 5.41
C ASN E 96 7.18 -49.00 3.92
N GLY E 97 6.42 -48.21 3.15
CA GLY E 97 6.66 -48.03 1.72
C GLY E 97 6.07 -49.07 0.81
N VAL E 98 5.42 -50.10 1.36
CA VAL E 98 4.83 -51.16 0.55
C VAL E 98 3.33 -50.93 0.57
N SER E 99 2.73 -50.77 -0.60
CA SER E 99 1.31 -50.44 -0.75
C SER E 99 0.50 -51.62 -1.18
N ILE E 100 -0.64 -51.81 -0.56
CA ILE E 100 -1.66 -52.74 -1.01
C ILE E 100 -2.87 -51.93 -1.39
N THR E 101 -3.49 -52.29 -2.49
CA THR E 101 -4.65 -51.57 -3.02
C THR E 101 -5.95 -52.23 -2.59
N GLY E 102 -7.02 -51.45 -2.52
CA GLY E 102 -8.34 -52.01 -2.30
C GLY E 102 -8.49 -52.76 -0.99
N GLN E 103 -7.75 -52.35 0.04
CA GLN E 103 -7.85 -53.01 1.32
C GLN E 103 -9.08 -52.54 2.06
N GLN E 104 -9.90 -53.47 2.51
CA GLN E 104 -11.09 -53.18 3.31
C GLN E 104 -10.68 -52.72 4.70
N ILE E 105 -11.21 -51.58 5.10
CA ILE E 105 -10.94 -50.95 6.37
C ILE E 105 -12.24 -50.34 6.87
N ALA E 106 -12.29 -49.95 8.12
CA ALA E 106 -13.46 -49.18 8.60
C ALA E 106 -13.07 -47.75 8.90
N ASP E 107 -13.92 -46.84 8.39
CA ASP E 107 -13.89 -45.40 8.68
C ASP E 107 -14.74 -45.17 9.93
N VAL E 108 -14.07 -44.97 11.06
CA VAL E 108 -14.77 -44.91 12.34
C VAL E 108 -15.11 -43.47 12.71
N THR E 109 -16.38 -43.26 13.05
CA THR E 109 -16.90 -41.92 13.35
C THR E 109 -17.28 -41.79 14.80
N GLN E 110 -17.24 -42.88 15.59
CA GLN E 110 -17.40 -42.79 17.04
C GLN E 110 -16.58 -43.90 17.66
N THR E 111 -15.81 -43.54 18.68
CA THR E 111 -14.99 -44.50 19.36
C THR E 111 -14.63 -44.07 20.76
N SER E 112 -14.47 -45.06 21.62
CA SER E 112 -13.97 -44.85 22.95
C SER E 112 -12.47 -45.08 23.03
N VAL E 113 -11.84 -45.51 21.93
CA VAL E 113 -10.40 -45.82 21.85
C VAL E 113 -9.65 -44.54 21.43
N ASP E 114 -8.40 -44.37 21.90
CA ASP E 114 -7.57 -43.19 21.66
CA ASP E 114 -7.74 -43.10 21.58
C ASP E 114 -6.98 -43.09 20.25
N GLN E 115 -7.05 -44.17 19.48
CA GLN E 115 -6.42 -44.20 18.18
C GLN E 115 -6.95 -45.42 17.45
N GLY E 116 -6.70 -45.47 16.17
CA GLY E 116 -7.16 -46.60 15.37
C GLY E 116 -6.38 -47.88 15.68
N ILE E 117 -6.89 -48.98 15.17
CA ILE E 117 -6.34 -50.30 15.47
C ILE E 117 -6.18 -51.06 14.18
N LEU E 118 -4.99 -51.60 13.98
CA LEU E 118 -4.68 -52.50 12.88
C LEU E 118 -4.72 -53.94 13.41
N GLY E 119 -5.88 -54.57 13.28
CA GLY E 119 -6.06 -55.98 13.65
C GLY E 119 -5.50 -56.85 12.57
N ILE E 120 -4.62 -57.77 12.96
CA ILE E 120 -3.91 -58.66 12.04
C ILE E 120 -4.11 -60.15 12.31
N GLY E 121 -5.13 -60.48 13.11
CA GLY E 121 -5.48 -61.88 13.38
C GLY E 121 -6.20 -62.54 12.23
N TYR E 122 -6.75 -63.69 12.55
CA TYR E 122 -7.45 -64.53 11.57
C TYR E 122 -8.66 -63.81 10.98
N THR E 123 -8.91 -63.95 9.69
CA THR E 123 -10.10 -63.37 9.10
C THR E 123 -11.39 -63.89 9.73
N SER E 124 -11.36 -65.13 10.26
CA SER E 124 -12.52 -65.70 10.89
C SER E 124 -12.95 -64.96 12.15
N ASN E 125 -12.10 -64.08 12.68
CA ASN E 125 -12.45 -63.31 13.88
C ASN E 125 -12.80 -61.87 13.60
N GLU E 126 -13.05 -61.55 12.32
CA GLU E 126 -13.46 -60.18 11.95
C GLU E 126 -14.80 -59.82 12.59
N ALA E 127 -14.92 -58.56 12.95
CA ALA E 127 -16.12 -58.02 13.59
C ALA E 127 -17.09 -57.60 12.52
N VAL E 128 -17.87 -58.58 12.03
CA VAL E 128 -18.75 -58.38 10.88
C VAL E 128 -20.23 -58.30 11.27
N TYR E 129 -20.49 -58.02 12.53
CA TYR E 129 -21.85 -58.02 13.06
C TYR E 129 -22.26 -56.66 13.59
N ASP E 130 -23.54 -56.51 13.88
CA ASP E 130 -24.03 -55.41 14.68
C ASP E 130 -24.03 -55.81 16.14
N THR E 131 -24.47 -54.90 17.00
CA THR E 131 -24.38 -55.17 18.44
C THR E 131 -25.28 -56.32 18.91
N SER E 132 -26.25 -56.73 18.10
CA SER E 132 -27.12 -57.88 18.42
C SER E 132 -26.62 -59.23 17.88
N GLY E 133 -25.48 -59.23 17.19
CA GLY E 133 -24.95 -60.46 16.56
C GLY E 133 -25.49 -60.69 15.15
N ARG E 134 -26.19 -59.73 14.56
CA ARG E 134 -26.67 -59.85 13.19
C ARG E 134 -25.56 -59.40 12.25
N GLN E 135 -25.27 -60.22 11.24
CA GLN E 135 -24.19 -59.94 10.33
C GLN E 135 -24.49 -58.75 9.45
N THR E 136 -23.53 -57.84 9.28
CA THR E 136 -23.70 -56.71 8.39
C THR E 136 -22.83 -56.74 7.16
N THR E 137 -21.80 -57.61 7.13
CA THR E 137 -20.93 -57.69 5.99
C THR E 137 -20.24 -59.06 5.97
N PRO E 138 -19.82 -59.56 4.80
CA PRO E 138 -19.14 -60.85 4.78
C PRO E 138 -17.75 -60.77 5.38
N ASN E 139 -17.27 -61.91 5.83
CA ASN E 139 -15.82 -62.00 6.08
C ASN E 139 -15.05 -61.67 4.83
N TYR E 140 -13.87 -61.12 4.98
CA TYR E 140 -13.15 -60.47 3.90
C TYR E 140 -11.64 -60.61 4.14
N ASP E 141 -10.85 -60.23 3.17
CA ASP E 141 -9.38 -60.31 3.27
C ASP E 141 -8.86 -59.13 4.11
N ASN E 142 -8.33 -59.42 5.30
CA ASN E 142 -7.75 -58.36 6.12
C ASN E 142 -6.30 -58.15 5.71
N VAL E 143 -5.62 -57.26 6.42
CA VAL E 143 -4.34 -56.79 5.90
C VAL E 143 -3.34 -57.92 5.60
N PRO E 144 -3.10 -58.87 6.51
CA PRO E 144 -2.10 -59.88 6.19
C PRO E 144 -2.45 -60.75 4.98
N VAL E 145 -3.74 -61.06 4.83
CA VAL E 145 -4.18 -61.81 3.66
C VAL E 145 -3.91 -61.03 2.40
N THR E 146 -4.20 -59.74 2.40
CA THR E 146 -3.99 -58.93 1.19
C THR E 146 -2.52 -58.76 0.88
N LEU E 147 -1.68 -58.60 1.89
CA LEU E 147 -0.23 -58.58 1.67
C LEU E 147 0.23 -59.83 0.93
N LYS E 148 -0.28 -60.99 1.30
CA LYS E 148 0.08 -62.21 0.60
C LYS E 148 -0.49 -62.25 -0.81
N LYS E 149 -1.75 -61.91 -0.95
CA LYS E 149 -2.43 -62.00 -2.23
CA LYS E 149 -2.45 -62.00 -2.21
C LYS E 149 -1.84 -61.07 -3.26
N GLN E 150 -1.36 -59.92 -2.82
CA GLN E 150 -0.75 -58.95 -3.75
C GLN E 150 0.74 -59.14 -3.89
N GLY E 151 1.29 -60.24 -3.36
CA GLY E 151 2.66 -60.61 -3.63
C GLY E 151 3.67 -59.87 -2.79
N LYS E 152 3.26 -59.27 -1.67
CA LYS E 152 4.18 -58.52 -0.82
C LYS E 152 4.88 -59.40 0.17
N ILE E 153 4.26 -60.48 0.57
CA ILE E 153 4.84 -61.50 1.43
C ILE E 153 4.42 -62.85 0.87
N ARG E 154 5.22 -63.87 1.18
CA ARG E 154 4.95 -65.20 0.65
C ARG E 154 3.88 -65.96 1.43
N THR E 155 3.89 -65.77 2.74
CA THR E 155 3.11 -66.52 3.71
C THR E 155 2.41 -65.49 4.59
N ASN E 156 1.19 -65.77 5.00
CA ASN E 156 0.51 -64.97 6.00
C ASN E 156 1.12 -65.32 7.36
N ALA E 157 2.14 -64.57 7.69
CA ALA E 157 2.93 -64.78 8.88
C ALA E 157 3.53 -63.48 9.29
N TYR E 158 3.84 -63.34 10.57
CA TYR E 158 4.53 -62.15 11.04
C TYR E 158 5.25 -62.47 12.33
N SER E 159 6.40 -61.84 12.53
CA SER E 159 7.16 -61.96 13.74
C SER E 159 7.00 -60.74 14.61
N LEU E 160 6.81 -60.98 15.91
CA LEU E 160 6.59 -59.93 16.88
C LEU E 160 7.74 -59.80 17.84
N TYR E 161 8.33 -58.62 17.86
CA TYR E 161 9.43 -58.26 18.78
C TYR E 161 9.02 -56.96 19.48
N LEU E 162 8.31 -57.08 20.60
CA LEU E 162 7.93 -55.88 21.32
C LEU E 162 9.14 -55.17 21.93
N ASN E 163 10.22 -55.93 22.17
CA ASN E 163 11.45 -55.38 22.73
C ASN E 163 11.23 -55.20 24.24
N SER E 164 12.27 -54.69 24.89
CA SER E 164 12.35 -54.74 26.34
C SER E 164 11.39 -53.72 26.97
N PRO E 165 11.13 -53.85 28.27
CA PRO E 165 10.21 -52.90 28.90
C PRO E 165 10.61 -51.44 28.82
N SER E 166 11.92 -51.18 28.76
CA SER E 166 12.42 -49.81 28.60
C SER E 166 12.63 -49.32 27.17
N ALA E 167 12.41 -50.19 26.19
CA ALA E 167 12.65 -49.86 24.79
C ALA E 167 11.61 -48.91 24.33
N GLU E 168 12.03 -47.97 23.50
CA GLU E 168 11.06 -47.08 22.90
C GLU E 168 10.38 -47.68 21.67
N THR E 169 11.07 -48.58 21.00
CA THR E 169 10.53 -49.18 19.80
C THR E 169 10.86 -50.65 19.72
N GLY E 170 9.97 -51.40 19.09
CA GLY E 170 10.21 -52.76 18.69
C GLY E 170 9.95 -52.92 17.19
N THR E 171 9.73 -54.13 16.74
CA THR E 171 9.55 -54.40 15.31
C THR E 171 8.54 -55.51 15.13
N ILE E 172 7.63 -55.35 14.17
CA ILE E 172 6.87 -56.47 13.65
C ILE E 172 7.38 -56.67 12.23
N ILE E 173 7.59 -57.92 11.84
CA ILE E 173 8.02 -58.22 10.48
C ILE E 173 6.95 -59.06 9.82
N PHE E 174 6.30 -58.49 8.80
CA PHE E 174 5.36 -59.28 8.00
C PHE E 174 6.13 -60.13 7.04
N GLY E 175 5.86 -61.43 7.00
CA GLY E 175 6.50 -62.32 6.06
C GLY E 175 7.93 -62.64 6.33
N GLY E 176 8.40 -62.45 7.54
CA GLY E 176 9.79 -62.71 7.87
C GLY E 176 10.00 -62.95 9.34
N VAL E 177 11.22 -63.34 9.69
CA VAL E 177 11.62 -63.71 11.02
C VAL E 177 13.04 -63.22 11.23
N ASP E 178 13.31 -62.63 12.38
CA ASP E 178 14.64 -62.16 12.70
C ASP E 178 15.29 -63.19 13.62
N ASN E 179 16.17 -64.01 13.07
CA ASN E 179 16.78 -65.09 13.84
C ASN E 179 17.86 -64.65 14.81
N ALA E 180 18.16 -63.36 14.88
CA ALA E 180 19.13 -62.86 15.85
C ALA E 180 18.49 -62.58 17.20
N LYS E 181 17.16 -62.51 17.28
CA LYS E 181 16.48 -61.91 18.44
C LYS E 181 15.87 -62.92 19.42
N TYR E 182 16.44 -64.10 19.47
CA TYR E 182 16.03 -65.06 20.49
C TYR E 182 17.14 -66.01 20.82
N SER E 183 17.07 -66.60 22.00
CA SER E 183 17.98 -67.67 22.37
CA SER E 183 17.96 -67.69 22.41
C SER E 183 17.31 -69.02 22.18
N GLY E 184 18.13 -70.05 22.05
CA GLY E 184 17.62 -71.37 21.80
C GLY E 184 17.01 -71.42 20.41
N LYS E 185 16.07 -72.34 20.26
CA LYS E 185 15.39 -72.57 19.01
C LYS E 185 13.97 -72.07 19.09
N LEU E 186 13.46 -71.54 18.00
CA LEU E 186 12.03 -71.26 17.91
C LEU E 186 11.30 -72.56 17.95
N VAL E 187 10.34 -72.71 18.84
CA VAL E 187 9.56 -73.92 18.96
C VAL E 187 8.19 -73.65 18.36
N ALA E 188 7.80 -74.41 17.34
CA ALA E 188 6.52 -74.23 16.69
C ALA E 188 5.46 -74.87 17.57
N GLU E 189 4.44 -74.12 17.91
CA GLU E 189 3.31 -74.56 18.69
C GLU E 189 2.07 -74.50 17.83
N GLN E 190 1.25 -75.53 17.89
CA GLN E 190 0.01 -75.53 17.13
C GLN E 190 -0.94 -74.52 17.72
N VAL E 191 -1.63 -73.79 16.86
CA VAL E 191 -2.66 -72.84 17.30
C VAL E 191 -3.90 -73.65 17.63
N THR E 192 -4.53 -73.39 18.75
CA THR E 192 -5.59 -74.25 19.31
C THR E 192 -7.00 -73.75 19.03
N SER E 193 -7.11 -72.68 18.27
CA SER E 193 -8.37 -72.10 17.82
C SER E 193 -8.26 -71.76 16.37
N SER E 194 -9.36 -71.78 15.63
CA SER E 194 -9.34 -71.32 14.25
C SER E 194 -9.72 -69.85 14.17
N GLN E 195 -10.08 -69.24 15.28
CA GLN E 195 -10.41 -67.82 15.29
C GLN E 195 -9.43 -66.95 16.04
N ALA E 196 -8.75 -67.52 17.05
CA ALA E 196 -7.89 -66.76 17.94
C ALA E 196 -6.49 -67.34 17.93
N LEU E 197 -5.47 -66.49 18.07
CA LEU E 197 -4.07 -66.92 18.02
C LEU E 197 -3.64 -67.37 19.40
N THR E 198 -4.12 -68.58 19.71
CA THR E 198 -3.98 -69.21 21.05
CA THR E 198 -4.01 -69.19 21.02
C THR E 198 -3.14 -70.43 20.94
N ILE E 199 -2.29 -70.66 21.93
CA ILE E 199 -1.51 -71.91 22.06
C ILE E 199 -1.73 -72.48 23.43
N SER E 200 -1.47 -73.78 23.55
CA SER E 200 -1.71 -74.44 24.82
CA SER E 200 -1.67 -74.46 24.84
C SER E 200 -0.63 -74.05 25.87
N LEU E 201 -1.09 -73.57 27.01
CA LEU E 201 -0.23 -73.21 28.14
C LEU E 201 -0.40 -74.35 29.15
N ALA E 202 0.67 -75.08 29.37
CA ALA E 202 0.60 -76.27 30.27
C ALA E 202 0.57 -75.90 31.75
N SER E 203 1.39 -74.92 32.13
CA SER E 203 1.56 -74.58 33.54
C SER E 203 2.20 -73.20 33.67
N VAL E 204 2.03 -72.63 34.84
CA VAL E 204 2.68 -71.39 35.23
C VAL E 204 3.41 -71.66 36.54
N ASN E 205 4.67 -71.30 36.62
CA ASN E 205 5.41 -71.40 37.89
C ASN E 205 5.53 -69.98 38.44
N LEU E 206 4.91 -69.76 39.59
CA LEU E 206 4.86 -68.45 40.23
C LEU E 206 5.35 -68.61 41.64
N LYS E 207 6.29 -67.78 42.04
CA LYS E 207 6.90 -67.86 43.39
C LYS E 207 7.41 -69.27 43.64
N GLY E 208 7.95 -69.87 42.59
CA GLY E 208 8.57 -71.17 42.69
C GLY E 208 7.67 -72.36 42.62
N SER E 209 6.36 -72.19 42.65
CA SER E 209 5.44 -73.30 42.63
C SER E 209 4.71 -73.38 41.31
N SER E 210 4.52 -74.61 40.83
CA SER E 210 3.79 -74.82 39.58
C SER E 210 2.31 -74.82 39.83
N PHE E 211 1.59 -74.23 38.89
CA PHE E 211 0.13 -74.20 38.85
C PHE E 211 -0.29 -74.74 37.50
N SER E 212 -0.95 -75.89 37.52
CA SER E 212 -1.32 -76.57 36.30
C SER E 212 -2.43 -75.84 35.59
N PHE E 213 -2.28 -75.66 34.28
CA PHE E 213 -3.25 -74.96 33.48
C PHE E 213 -3.82 -75.90 32.44
N GLY E 214 -3.21 -75.99 31.27
N GLY E 214 -3.19 -76.01 31.29
CA GLY E 214 -3.57 -76.99 30.25
CA GLY E 214 -3.60 -76.98 30.28
C GLY E 214 -4.48 -76.49 29.14
C GLY E 214 -4.77 -76.53 29.43
N ASP E 215 -4.88 -75.23 29.22
N ASP E 215 -4.75 -75.27 29.01
CA ASP E 215 -5.80 -74.66 28.24
CA ASP E 215 -5.73 -74.78 28.07
C ASP E 215 -5.10 -73.59 27.38
C ASP E 215 -5.06 -73.68 27.29
N GLY E 216 -5.81 -73.12 26.36
CA GLY E 216 -5.27 -72.15 25.45
C GLY E 216 -5.08 -70.78 26.04
N ALA E 217 -4.05 -70.11 25.56
CA ALA E 217 -3.77 -68.71 25.93
C ALA E 217 -3.58 -67.90 24.67
N LEU E 218 -4.31 -66.80 24.60
CA LEU E 218 -4.23 -65.87 23.46
C LEU E 218 -2.99 -65.03 23.54
N LEU E 219 -2.21 -65.01 22.48
CA LEU E 219 -0.96 -64.26 22.46
C LEU E 219 -1.26 -62.91 21.81
N ASP E 220 -1.70 -61.98 22.63
CA ASP E 220 -2.36 -60.74 22.17
C ASP E 220 -1.50 -59.51 22.35
N SER E 221 -0.90 -59.03 21.25
CA SER E 221 -0.16 -57.78 21.33
C SER E 221 -0.97 -56.58 21.79
N GLY E 222 -2.28 -56.64 21.56
CA GLY E 222 -3.20 -55.59 21.92
C GLY E 222 -3.81 -55.65 23.31
N THR E 223 -3.27 -56.50 24.18
CA THR E 223 -3.65 -56.50 25.61
C THR E 223 -2.42 -56.06 26.40
N THR E 224 -2.63 -55.18 27.37
CA THR E 224 -1.54 -54.69 28.19
C THR E 224 -1.00 -55.72 29.17
N LEU E 225 -1.91 -56.33 29.91
CA LEU E 225 -1.57 -57.22 30.99
C LEU E 225 -1.85 -58.67 30.63
N THR E 226 -1.96 -59.53 31.64
CA THR E 226 -2.20 -60.95 31.48
C THR E 226 -3.52 -61.32 32.16
N TYR E 227 -4.36 -62.16 31.54
CA TYR E 227 -5.69 -62.49 32.03
C TYR E 227 -5.86 -63.97 32.11
N PHE E 228 -6.37 -64.44 33.27
CA PHE E 228 -6.61 -65.86 33.48
C PHE E 228 -8.01 -66.07 34.02
N PRO E 229 -8.57 -67.28 33.83
CA PRO E 229 -9.87 -67.61 34.42
C PRO E 229 -9.89 -67.28 35.90
N SER E 230 -11.03 -66.82 36.40
CA SER E 230 -11.10 -66.32 37.75
C SER E 230 -10.51 -67.25 38.83
N ASP E 231 -10.85 -68.53 38.79
CA ASP E 231 -10.39 -69.41 39.84
C ASP E 231 -8.87 -69.56 39.80
N PHE E 232 -8.32 -69.66 38.59
CA PHE E 232 -6.87 -69.79 38.44
C PHE E 232 -6.15 -68.52 38.83
N ALA E 233 -6.65 -67.38 38.38
CA ALA E 233 -6.10 -66.09 38.77
C ALA E 233 -6.11 -65.93 40.28
N ALA E 234 -7.17 -66.43 40.93
CA ALA E 234 -7.27 -66.31 42.39
C ALA E 234 -6.23 -67.16 43.09
N GLN E 235 -5.94 -68.36 42.58
CA GLN E 235 -4.88 -69.17 43.15
C GLN E 235 -3.54 -68.48 43.00
N LEU E 236 -3.27 -67.93 41.81
CA LEU E 236 -2.04 -67.19 41.59
C LEU E 236 -1.95 -65.95 42.49
N ALA E 237 -3.07 -65.27 42.66
CA ALA E 237 -3.13 -64.05 43.46
C ALA E 237 -2.80 -64.32 44.90
N ASP E 238 -3.32 -65.44 45.42
CA ASP E 238 -3.07 -65.80 46.80
C ASP E 238 -1.58 -66.02 47.00
N LYS E 239 -0.94 -66.65 46.03
CA LYS E 239 0.48 -66.93 46.11
C LYS E 239 1.29 -65.64 45.96
N ALA E 240 0.85 -64.78 45.04
CA ALA E 240 1.59 -63.56 44.77
C ALA E 240 1.40 -62.46 45.81
N GLY E 241 0.36 -62.57 46.61
CA GLY E 241 -0.05 -61.48 47.50
C GLY E 241 -0.92 -60.39 46.90
N ALA E 242 -1.55 -60.66 45.77
CA ALA E 242 -2.45 -59.72 45.16
C ALA E 242 -3.82 -59.79 45.80
N ARG E 243 -4.58 -58.70 45.71
CA ARG E 243 -5.89 -58.60 46.39
C ARG E 243 -6.92 -58.11 45.40
N LEU E 244 -8.08 -58.77 45.32
CA LEU E 244 -9.12 -58.34 44.40
C LEU E 244 -9.90 -57.20 45.05
N VAL E 245 -9.89 -56.05 44.41
CA VAL E 245 -10.53 -54.84 44.92
C VAL E 245 -11.73 -54.50 44.03
N GLN E 246 -12.88 -54.27 44.68
CA GLN E 246 -14.07 -53.79 43.98
C GLN E 246 -13.92 -52.30 43.84
N VAL E 247 -13.42 -51.86 42.69
CA VAL E 247 -13.05 -50.46 42.49
C VAL E 247 -14.27 -49.56 42.28
N ALA E 248 -15.34 -50.16 41.81
CA ALA E 248 -16.66 -49.55 41.70
C ALA E 248 -17.62 -50.71 41.71
N ARG E 249 -18.91 -50.43 41.85
CA ARG E 249 -19.88 -51.50 41.98
C ARG E 249 -19.75 -52.50 40.84
N ASP E 250 -19.54 -53.76 41.20
CA ASP E 250 -19.40 -54.88 40.25
CA ASP E 250 -19.41 -54.86 40.24
C ASP E 250 -18.22 -54.72 39.27
N GLN E 251 -17.21 -53.95 39.69
CA GLN E 251 -16.00 -53.79 38.87
C GLN E 251 -14.83 -54.15 39.75
N TYR E 252 -14.06 -55.16 39.34
CA TYR E 252 -13.00 -55.69 40.18
C TYR E 252 -11.68 -55.69 39.45
N LEU E 253 -10.63 -55.40 40.21
CA LEU E 253 -9.26 -55.48 39.70
C LEU E 253 -8.37 -56.00 40.82
N TYR E 254 -7.37 -56.80 40.46
CA TYR E 254 -6.32 -57.16 41.40
C TYR E 254 -5.33 -56.02 41.55
N PHE E 255 -5.06 -55.66 42.79
CA PHE E 255 -4.00 -54.74 43.15
C PHE E 255 -2.94 -55.54 43.90
N ILE E 256 -1.73 -55.01 43.92
CA ILE E 256 -0.64 -55.59 44.66
C ILE E 256 0.14 -54.45 45.27
N ASP E 257 0.73 -54.68 46.44
CA ASP E 257 1.52 -53.64 47.05
CA ASP E 257 1.57 -53.68 47.09
C ASP E 257 2.65 -53.20 46.10
N CYS E 258 2.83 -51.90 45.94
CA CYS E 258 3.84 -51.41 45.02
C CYS E 258 5.25 -51.78 45.49
N ASN E 259 5.40 -52.06 46.79
CA ASN E 259 6.67 -52.49 47.36
CA ASN E 259 6.66 -52.50 47.40
C ASN E 259 6.87 -54.01 47.35
N THR E 260 6.00 -54.75 46.67
CA THR E 260 6.11 -56.20 46.62
CA THR E 260 6.15 -56.20 46.63
C THR E 260 7.49 -56.61 46.07
N ASP E 261 7.99 -57.74 46.54
CA ASP E 261 9.23 -58.31 46.05
C ASP E 261 9.02 -58.77 44.62
N THR E 262 9.74 -58.18 43.70
CA THR E 262 9.70 -58.55 42.29
C THR E 262 11.00 -59.14 41.81
N SER E 263 11.83 -59.61 42.74
CA SER E 263 13.09 -60.18 42.35
C SER E 263 13.00 -61.48 41.56
N GLY E 264 11.90 -62.20 41.76
CA GLY E 264 11.72 -63.51 41.13
C GLY E 264 11.25 -63.39 39.70
N THR E 265 10.87 -64.52 39.14
CA THR E 265 10.32 -64.57 37.78
C THR E 265 9.09 -65.47 37.77
N THR E 266 8.28 -65.28 36.74
CA THR E 266 7.11 -66.11 36.50
C THR E 266 7.33 -66.85 35.20
N VAL E 267 7.16 -68.15 35.20
CA VAL E 267 7.58 -69.02 34.12
C VAL E 267 6.37 -69.66 33.50
N PHE E 268 6.32 -69.64 32.18
CA PHE E 268 5.21 -70.15 31.39
C PHE E 268 5.70 -71.30 30.56
N ASN E 269 5.09 -72.46 30.77
CA ASN E 269 5.49 -73.70 30.09
C ASN E 269 4.46 -74.06 29.02
N PHE E 270 4.97 -74.25 27.83
CA PHE E 270 4.17 -74.48 26.62
C PHE E 270 4.51 -75.85 26.05
N GLY E 271 3.99 -76.18 24.87
CA GLY E 271 4.25 -77.49 24.30
C GLY E 271 5.69 -77.61 23.84
N ASN E 272 6.08 -78.86 23.63
CA ASN E 272 7.27 -79.17 22.88
C ASN E 272 8.52 -78.56 23.53
N GLY E 273 8.51 -78.54 24.86
CA GLY E 273 9.65 -78.04 25.63
C GLY E 273 9.84 -76.55 25.78
N ALA E 274 8.94 -75.76 25.21
CA ALA E 274 9.10 -74.31 25.18
C ALA E 274 8.75 -73.74 26.54
N LYS E 275 9.55 -72.76 26.95
CA LYS E 275 9.39 -72.05 28.21
C LYS E 275 9.68 -70.58 27.95
N ILE E 276 8.86 -69.71 28.52
CA ILE E 276 9.14 -68.28 28.53
C ILE E 276 9.15 -67.81 29.96
N THR E 277 10.22 -67.10 30.33
CA THR E 277 10.43 -66.58 31.69
C THR E 277 10.23 -65.09 31.67
N VAL E 278 9.43 -64.60 32.60
CA VAL E 278 9.06 -63.20 32.67
C VAL E 278 9.54 -62.62 34.00
N PRO E 279 10.28 -61.50 33.98
CA PRO E 279 10.70 -60.88 35.27
C PRO E 279 9.49 -60.39 36.05
N ASN E 280 9.53 -60.49 37.39
CA ASN E 280 8.34 -60.18 38.15
C ASN E 280 7.97 -58.72 38.21
N THR E 281 8.86 -57.83 37.81
CA THR E 281 8.47 -56.44 37.69
CA THR E 281 8.50 -56.42 37.62
C THR E 281 7.33 -56.22 36.67
N GLU E 282 7.17 -57.17 35.73
CA GLU E 282 6.07 -57.09 34.78
C GLU E 282 4.72 -57.28 35.41
N TYR E 283 4.67 -57.69 36.67
CA TYR E 283 3.39 -57.91 37.36
C TYR E 283 3.09 -56.85 38.38
N VAL E 284 3.84 -55.75 38.40
CA VAL E 284 3.52 -54.61 39.31
C VAL E 284 3.39 -53.43 38.40
N TYR E 285 2.17 -52.97 38.17
CA TYR E 285 1.88 -51.93 37.23
C TYR E 285 1.58 -50.68 38.00
N GLN E 286 2.45 -49.69 37.89
CA GLN E 286 2.24 -48.44 38.62
C GLN E 286 1.04 -47.68 38.05
N ASN E 287 0.09 -47.32 38.91
CA ASN E 287 -0.99 -46.44 38.49
C ASN E 287 -0.63 -44.97 38.55
N GLY E 288 0.48 -44.65 39.22
CA GLY E 288 1.00 -43.28 39.26
C GLY E 288 0.49 -42.48 40.44
N ASP E 289 -0.26 -43.13 41.32
CA ASP E 289 -0.84 -42.52 42.50
C ASP E 289 -0.43 -43.24 43.76
N GLY E 290 0.63 -44.04 43.73
CA GLY E 290 0.99 -44.81 44.88
C GLY E 290 0.36 -46.17 45.03
N THR E 291 -0.58 -46.52 44.12
CA THR E 291 -1.16 -47.86 44.04
C THR E 291 -0.67 -48.53 42.77
N CYS E 292 -0.77 -49.85 42.77
CA CYS E 292 -0.28 -50.69 41.67
C CYS E 292 -1.27 -51.76 41.39
N LEU E 293 -1.59 -51.93 40.12
CA LEU E 293 -2.31 -53.12 39.69
C LEU E 293 -1.39 -54.28 39.64
N TRP E 294 -1.93 -55.45 39.93
CA TRP E 294 -1.24 -56.68 39.59
C TRP E 294 -1.28 -56.85 38.08
N GLY E 295 -0.24 -57.50 37.57
CA GLY E 295 -0.15 -57.73 36.13
C GLY E 295 -0.91 -58.91 35.61
N ILE E 296 -1.63 -59.59 36.50
CA ILE E 296 -2.58 -60.63 36.18
C ILE E 296 -3.96 -60.15 36.64
N GLN E 297 -4.97 -60.40 35.81
CA GLN E 297 -6.33 -60.00 36.10
C GLN E 297 -7.27 -61.13 35.72
N PRO E 298 -8.46 -61.17 36.31
CA PRO E 298 -9.38 -62.26 36.00
C PRO E 298 -10.12 -61.99 34.70
N SER E 299 -10.50 -63.07 34.04
CA SER E 299 -11.29 -63.00 32.82
C SER E 299 -11.90 -64.34 32.49
N ASP E 300 -12.96 -64.32 31.69
CA ASP E 300 -13.44 -65.54 31.04
C ASP E 300 -12.71 -65.86 29.72
N ASP E 301 -11.70 -65.06 29.37
CA ASP E 301 -10.79 -65.26 28.21
C ASP E 301 -9.34 -65.24 28.71
N THR E 302 -8.51 -66.28 28.44
CA THR E 302 -7.10 -66.34 28.86
C THR E 302 -6.21 -65.61 27.86
N ILE E 303 -5.47 -64.62 28.35
CA ILE E 303 -4.72 -63.75 27.46
C ILE E 303 -3.34 -63.50 28.03
N LEU E 304 -2.33 -63.75 27.22
CA LEU E 304 -0.95 -63.33 27.52
C LEU E 304 -0.68 -62.09 26.70
N GLY E 305 -0.74 -60.95 27.36
CA GLY E 305 -0.53 -59.67 26.71
C GLY E 305 0.89 -59.19 26.76
N ASP E 306 1.07 -57.88 26.67
CA ASP E 306 2.37 -57.29 26.43
C ASP E 306 3.35 -57.59 27.54
N ASN E 307 2.86 -57.67 28.78
CA ASN E 307 3.75 -57.96 29.90
C ASN E 307 4.37 -59.33 29.85
N PHE E 308 3.74 -60.25 29.13
CA PHE E 308 4.32 -61.51 28.73
C PHE E 308 5.16 -61.39 27.44
N LEU E 309 4.53 -60.83 26.39
CA LEU E 309 5.08 -60.91 25.06
C LEU E 309 6.37 -60.17 24.89
N ARG E 310 6.65 -59.18 25.72
CA ARG E 310 7.95 -58.52 25.69
C ARG E 310 9.08 -59.50 25.90
N HIS E 311 8.82 -60.65 26.52
CA HIS E 311 9.87 -61.60 26.88
C HIS E 311 9.99 -62.75 25.95
N ALA E 312 9.21 -62.74 24.87
CA ALA E 312 9.27 -63.78 23.85
C ALA E 312 9.55 -63.16 22.49
N TYR E 313 10.16 -63.96 21.61
CA TYR E 313 10.14 -63.73 20.17
C TYR E 313 9.09 -64.66 19.62
N LEU E 314 8.19 -64.16 18.78
CA LEU E 314 7.10 -64.98 18.28
C LEU E 314 6.99 -64.87 16.78
N LEU E 315 6.90 -66.01 16.12
CA LEU E 315 6.58 -66.02 14.70
C LEU E 315 5.20 -66.62 14.56
N TYR E 316 4.23 -65.77 14.23
CA TYR E 316 2.85 -66.20 14.02
C TYR E 316 2.71 -66.61 12.59
N ASN E 317 2.21 -67.80 12.35
CA ASN E 317 2.02 -68.27 10.95
C ASN E 317 0.57 -68.68 10.83
N LEU E 318 -0.19 -67.79 10.21
CA LEU E 318 -1.64 -67.96 10.06
C LEU E 318 -1.98 -68.93 8.95
N ASP E 319 -1.04 -69.24 8.08
CA ASP E 319 -1.27 -70.29 7.05
C ASP E 319 -0.98 -71.68 7.60
N ALA E 320 0.07 -71.82 8.40
CA ALA E 320 0.44 -73.10 8.99
C ALA E 320 -0.32 -73.33 10.26
N ASN E 321 -0.99 -72.30 10.80
CA ASN E 321 -1.63 -72.39 12.10
C ASN E 321 -0.68 -72.82 13.18
N THR E 322 0.46 -72.14 13.22
CA THR E 322 1.42 -72.35 14.27
C THR E 322 1.91 -71.00 14.76
N ILE E 323 2.30 -70.93 16.02
CA ILE E 323 3.03 -69.79 16.54
C ILE E 323 4.32 -70.35 17.12
N SER E 324 5.45 -69.86 16.64
CA SER E 324 6.74 -70.36 17.09
C SER E 324 7.30 -69.38 18.09
N ILE E 325 7.79 -69.88 19.21
CA ILE E 325 8.19 -69.02 20.32
C ILE E 325 9.56 -69.39 20.85
N ALA E 326 10.26 -68.40 21.37
CA ALA E 326 11.53 -68.63 22.04
C ALA E 326 11.75 -67.47 22.97
N GLN E 327 12.58 -67.68 23.98
CA GLN E 327 12.94 -66.62 24.91
C GLN E 327 13.62 -65.51 24.13
N VAL E 328 13.19 -64.27 24.33
CA VAL E 328 13.71 -63.17 23.54
C VAL E 328 15.15 -62.88 23.88
N LYS E 329 15.88 -62.41 22.90
CA LYS E 329 17.21 -61.82 23.08
C LYS E 329 17.15 -60.42 22.55
N TYR E 330 17.34 -59.45 23.41
CA TYR E 330 17.29 -58.05 23.01
C TYR E 330 18.59 -57.63 22.33
N THR E 331 18.51 -57.35 21.05
CA THR E 331 19.68 -56.97 20.25
C THR E 331 19.25 -56.19 19.05
N THR E 332 20.06 -55.21 18.67
CA THR E 332 19.85 -54.53 17.42
C THR E 332 20.42 -55.29 16.24
N ASP E 333 21.19 -56.34 16.46
CA ASP E 333 21.61 -57.21 15.39
C ASP E 333 20.40 -57.83 14.71
N SER E 334 20.46 -58.08 13.42
CA SER E 334 19.34 -58.68 12.73
C SER E 334 19.83 -59.67 11.73
N SER E 335 19.09 -60.74 11.60
CA SER E 335 19.30 -61.75 10.58
CA SER E 335 19.30 -61.73 10.54
C SER E 335 17.92 -62.14 10.07
N ILE E 336 17.34 -61.30 9.25
CA ILE E 336 15.95 -61.46 8.84
C ILE E 336 15.92 -62.36 7.63
N SER E 337 15.13 -63.42 7.70
CA SER E 337 14.85 -64.27 6.54
C SER E 337 13.35 -64.23 6.26
N ALA E 338 12.97 -64.41 5.00
CA ALA E 338 11.58 -64.49 4.61
C ALA E 338 10.97 -65.76 5.08
N VAL E 339 9.68 -65.68 5.35
CA VAL E 339 8.81 -66.75 5.71
C VAL E 339 7.68 -66.75 4.68
N VAL F 2 -5.39 -52.08 28.52
CA VAL F 2 -6.45 -52.32 27.50
C VAL F 2 -6.50 -53.77 27.15
N VAL F 3 -7.59 -54.19 26.53
CA VAL F 3 -7.80 -55.55 26.11
C VAL F 3 -8.49 -55.52 24.76
N ALA F 5 -10.39 -58.90 20.60
CA ALA F 5 -11.79 -59.06 20.14
C ALA F 5 -12.09 -60.53 20.36
N ALA F 7 -18.47 -62.49 20.84
N ASP G 1 -49.17 -65.44 -13.70
CA ASP G 1 -48.42 -64.18 -13.33
C ASP G 1 -48.89 -63.79 -11.96
N SER G 2 -48.22 -62.83 -11.32
CA SER G 2 -48.67 -62.43 -9.98
C SER G 2 -48.87 -60.94 -9.79
N ILE G 3 -49.74 -60.59 -8.83
CA ILE G 3 -50.05 -59.22 -8.55
C ILE G 3 -49.90 -59.03 -7.05
N SER G 4 -48.91 -58.29 -6.66
CA SER G 4 -48.70 -57.98 -5.25
C SER G 4 -49.47 -56.73 -4.92
N LEU G 5 -50.16 -56.75 -3.78
CA LEU G 5 -51.00 -55.61 -3.38
C LEU G 5 -50.72 -55.36 -1.92
N SER G 6 -50.34 -54.14 -1.59
CA SER G 6 -50.06 -53.79 -0.23
C SER G 6 -51.33 -53.84 0.62
N LEU G 7 -51.16 -54.34 1.83
CA LEU G 7 -52.20 -54.34 2.85
C LEU G 7 -51.87 -53.32 3.91
N ILE G 8 -52.77 -52.39 4.13
CA ILE G 8 -52.65 -51.38 5.15
C ILE G 8 -53.21 -51.97 6.43
N ASN G 9 -52.40 -52.02 7.47
CA ASN G 9 -52.87 -52.47 8.78
C ASN G 9 -53.64 -51.33 9.42
N GLU G 10 -54.96 -51.40 9.40
CA GLU G 10 -55.79 -50.29 9.89
C GLU G 10 -56.11 -50.46 11.38
N GLY G 11 -55.73 -51.59 11.95
CA GLY G 11 -56.05 -51.94 13.35
C GLY G 11 -57.00 -53.12 13.31
N PRO G 12 -58.30 -52.87 13.21
CA PRO G 12 -59.20 -54.04 13.19
C PRO G 12 -59.24 -54.79 11.88
N SER G 13 -58.74 -54.17 10.80
CA SER G 13 -58.89 -54.72 9.44
C SER G 13 -57.65 -54.37 8.64
N TYR G 14 -57.50 -55.08 7.53
CA TYR G 14 -56.47 -54.82 6.55
C TYR G 14 -57.17 -54.42 5.24
N ALA G 15 -56.66 -53.36 4.63
CA ALA G 15 -57.28 -52.81 3.45
C ALA G 15 -56.27 -52.54 2.37
N SER G 16 -56.77 -52.35 1.17
CA SER G 16 -55.91 -52.03 0.07
C SER G 16 -56.55 -51.02 -0.80
N LYS G 17 -55.73 -50.36 -1.60
CA LYS G 17 -56.22 -49.45 -2.63
C LYS G 17 -56.60 -50.21 -3.89
N VAL G 18 -57.82 -49.99 -4.37
CA VAL G 18 -58.35 -50.64 -5.56
CA VAL G 18 -58.37 -50.66 -5.56
C VAL G 18 -59.13 -49.58 -6.29
N SER G 19 -58.88 -49.42 -7.59
CA SER G 19 -59.54 -48.40 -8.34
C SER G 19 -60.67 -48.98 -9.15
N VAL G 20 -61.70 -48.16 -9.35
CA VAL G 20 -62.90 -48.56 -10.05
C VAL G 20 -63.30 -47.53 -11.06
N GLY G 21 -63.72 -48.01 -12.23
CA GLY G 21 -64.33 -47.14 -13.24
C GLY G 21 -63.33 -46.75 -14.30
N SER G 22 -63.86 -46.16 -15.37
CA SER G 22 -63.03 -45.69 -16.47
C SER G 22 -62.01 -44.67 -16.01
N ASN G 23 -62.41 -43.91 -15.02
CA ASN G 23 -61.59 -42.87 -14.45
C ASN G 23 -60.81 -43.32 -13.21
N LYS G 24 -60.74 -44.64 -12.97
CA LYS G 24 -59.87 -45.22 -11.94
C LYS G 24 -59.99 -44.48 -10.60
N GLN G 25 -61.21 -44.48 -10.08
CA GLN G 25 -61.52 -43.88 -8.81
C GLN G 25 -61.00 -44.75 -7.67
N GLN G 26 -60.06 -44.25 -6.87
CA GLN G 26 -59.41 -45.07 -5.86
C GLN G 26 -60.32 -45.28 -4.67
N GLN G 27 -60.47 -46.54 -4.30
CA GLN G 27 -61.20 -46.94 -3.10
C GLN G 27 -60.21 -47.62 -2.15
N THR G 28 -60.31 -47.34 -0.86
CA THR G 28 -59.54 -48.09 0.13
C THR G 28 -60.50 -49.04 0.80
N VAL G 29 -60.28 -50.34 0.56
CA VAL G 29 -61.27 -51.37 0.87
C VAL G 29 -60.63 -52.53 1.61
N ILE G 30 -61.41 -53.13 2.48
CA ILE G 30 -60.98 -54.25 3.28
C ILE G 30 -60.80 -55.50 2.43
N ILE G 31 -59.67 -56.15 2.61
CA ILE G 31 -59.41 -57.42 1.93
C ILE G 31 -59.94 -58.54 2.80
N ASP G 32 -60.94 -59.23 2.28
CA ASP G 32 -61.76 -60.10 3.09
C ASP G 32 -61.87 -61.48 2.47
N THR G 33 -61.15 -62.45 3.04
CA THR G 33 -61.28 -63.84 2.59
C THR G 33 -62.58 -64.48 3.11
N GLY G 34 -63.30 -63.81 3.99
CA GLY G 34 -64.52 -64.32 4.60
C GLY G 34 -65.79 -63.89 3.92
N SER G 35 -65.70 -63.08 2.85
CA SER G 35 -66.83 -62.77 2.01
C SER G 35 -66.38 -62.78 0.56
N SER G 36 -67.34 -62.63 -0.36
CA SER G 36 -67.06 -62.91 -1.75
C SER G 36 -67.50 -61.82 -2.71
N ASP G 37 -68.01 -60.71 -2.19
CA ASP G 37 -68.48 -59.65 -3.02
C ASP G 37 -67.61 -58.42 -2.83
N PHE G 38 -67.36 -57.70 -3.93
CA PHE G 38 -66.69 -56.42 -3.87
C PHE G 38 -67.75 -55.34 -3.95
N TRP G 39 -67.82 -54.54 -2.89
CA TRP G 39 -68.73 -53.40 -2.90
C TRP G 39 -67.96 -52.16 -2.54
N VAL G 40 -68.48 -51.04 -3.07
CA VAL G 40 -67.89 -49.74 -2.89
C VAL G 40 -68.91 -48.76 -2.31
N VAL G 41 -68.42 -47.80 -1.58
CA VAL G 41 -69.25 -46.74 -1.04
C VAL G 41 -69.58 -45.71 -2.11
N ASP G 42 -70.85 -45.63 -2.48
CA ASP G 42 -71.27 -44.60 -3.43
C ASP G 42 -70.98 -43.25 -2.82
N SER G 43 -70.57 -42.31 -3.68
CA SER G 43 -70.34 -40.95 -3.17
CA SER G 43 -70.36 -40.93 -3.24
C SER G 43 -71.61 -40.32 -2.58
N ASN G 44 -72.78 -40.78 -3.01
CA ASN G 44 -74.07 -40.34 -2.43
C ASN G 44 -74.62 -41.24 -1.35
N ALA G 45 -73.80 -42.17 -0.82
CA ALA G 45 -74.28 -43.07 0.23
C ALA G 45 -74.69 -42.32 1.50
N GLN G 46 -75.60 -42.92 2.24
CA GLN G 46 -75.85 -42.52 3.62
C GLN G 46 -75.16 -43.50 4.54
N CYS G 47 -74.30 -43.01 5.40
CA CYS G 47 -73.66 -43.84 6.38
C CYS G 47 -74.60 -44.09 7.54
N GLY G 48 -74.46 -45.25 8.17
CA GLY G 48 -75.20 -45.54 9.36
C GLY G 48 -74.85 -44.57 10.46
N LYS G 49 -75.74 -44.50 11.45
CA LYS G 49 -75.57 -43.63 12.57
C LYS G 49 -74.21 -43.86 13.21
N GLY G 50 -73.46 -42.79 13.39
CA GLY G 50 -72.18 -42.85 14.04
C GLY G 50 -71.05 -43.39 13.18
N VAL G 51 -71.31 -43.64 11.91
CA VAL G 51 -70.31 -44.28 11.04
C VAL G 51 -69.77 -43.24 10.07
N ASP G 52 -68.45 -43.17 9.99
CA ASP G 52 -67.75 -42.33 9.04
C ASP G 52 -67.42 -43.22 7.85
N CYS G 53 -68.33 -43.32 6.88
CA CYS G 53 -68.16 -44.28 5.78
C CYS G 53 -67.64 -43.69 4.48
N LYS G 54 -67.44 -42.38 4.38
CA LYS G 54 -67.02 -41.75 3.15
C LYS G 54 -65.59 -41.21 3.21
N SER G 55 -64.82 -41.64 4.21
CA SER G 55 -63.43 -41.17 4.40
CA SER G 55 -63.43 -41.18 4.40
C SER G 55 -62.37 -42.09 3.81
N SER G 56 -62.79 -43.19 3.17
CA SER G 56 -61.87 -44.18 2.64
C SER G 56 -62.05 -44.35 1.15
N GLY G 57 -62.43 -43.29 0.45
CA GLY G 57 -62.72 -43.34 -0.94
C GLY G 57 -64.18 -43.60 -1.18
N THR G 58 -64.71 -43.02 -2.23
CA THR G 58 -66.08 -43.28 -2.71
C THR G 58 -66.12 -43.40 -4.21
N PHE G 59 -67.18 -43.99 -4.71
CA PHE G 59 -67.35 -44.26 -6.10
C PHE G 59 -68.55 -43.50 -6.63
N THR G 60 -68.35 -42.81 -7.74
CA THR G 60 -69.40 -42.08 -8.43
C THR G 60 -69.65 -42.78 -9.75
N PRO G 61 -70.67 -43.63 -9.82
CA PRO G 61 -70.86 -44.37 -11.05
C PRO G 61 -71.03 -43.50 -12.28
N SER G 62 -71.67 -42.33 -12.10
CA SER G 62 -72.01 -41.47 -13.25
C SER G 62 -70.79 -40.88 -13.95
N SER G 63 -69.64 -40.83 -13.28
CA SER G 63 -68.43 -40.32 -13.90
C SER G 63 -67.58 -41.41 -14.57
N SER G 64 -68.01 -42.67 -14.44
CA SER G 64 -67.37 -43.76 -15.15
C SER G 64 -68.14 -44.10 -16.42
N SER G 65 -67.46 -44.00 -17.57
CA SER G 65 -68.11 -44.28 -18.85
C SER G 65 -68.41 -45.74 -19.06
N SER G 66 -67.80 -46.60 -18.26
CA SER G 66 -67.90 -48.04 -18.44
C SER G 66 -68.84 -48.73 -17.46
N TYR G 67 -69.40 -47.96 -16.52
CA TYR G 67 -70.31 -48.55 -15.51
C TYR G 67 -71.56 -49.05 -16.16
N LYS G 68 -71.96 -50.28 -15.86
CA LYS G 68 -73.20 -50.85 -16.33
C LYS G 68 -74.02 -51.29 -15.14
N ASN G 69 -75.25 -50.83 -15.07
CA ASN G 69 -76.20 -51.22 -14.03
C ASN G 69 -76.77 -52.59 -14.36
N LEU G 70 -76.73 -53.52 -13.40
CA LEU G 70 -77.30 -54.84 -13.62
C LEU G 70 -78.78 -54.96 -13.32
N GLY G 71 -79.35 -53.97 -12.66
CA GLY G 71 -80.80 -53.98 -12.37
C GLY G 71 -81.15 -55.04 -11.36
N ALA G 72 -80.37 -55.09 -10.28
CA ALA G 72 -80.61 -56.05 -9.21
C ALA G 72 -80.19 -55.43 -7.89
N ALA G 73 -80.96 -55.73 -6.86
CA ALA G 73 -80.71 -55.25 -5.51
C ALA G 73 -79.54 -56.00 -4.89
N PHE G 74 -78.78 -55.29 -4.09
CA PHE G 74 -77.71 -55.87 -3.29
C PHE G 74 -77.97 -55.62 -1.82
N THR G 75 -77.90 -56.68 -1.02
CA THR G 75 -77.87 -56.55 0.43
CA THR G 75 -77.89 -56.56 0.43
C THR G 75 -76.91 -57.56 0.97
N ILE G 76 -76.18 -57.20 2.02
CA ILE G 76 -75.31 -58.14 2.70
C ILE G 76 -75.36 -57.84 4.16
N ARG G 77 -75.32 -58.90 4.97
CA ARG G 77 -75.22 -58.79 6.40
CA ARG G 77 -75.15 -58.74 6.40
C ARG G 77 -74.00 -59.61 6.84
N TYR G 78 -73.10 -58.98 7.55
CA TYR G 78 -71.89 -59.61 8.03
C TYR G 78 -72.09 -60.21 9.39
N GLY G 79 -71.13 -61.02 9.82
CA GLY G 79 -71.22 -61.77 11.06
C GLY G 79 -71.41 -60.89 12.26
N ASP G 80 -70.85 -59.69 12.27
CA ASP G 80 -70.98 -58.74 13.39
C ASP G 80 -72.25 -57.89 13.33
N GLY G 81 -73.13 -58.14 12.38
CA GLY G 81 -74.38 -57.38 12.28
C GLY G 81 -74.33 -56.19 11.37
N SER G 82 -73.13 -55.79 10.93
CA SER G 82 -72.98 -54.71 9.94
C SER G 82 -73.65 -55.10 8.66
N THR G 83 -74.12 -54.11 7.94
CA THR G 83 -74.84 -54.30 6.71
C THR G 83 -74.45 -53.28 5.67
N SER G 84 -74.68 -53.63 4.43
CA SER G 84 -74.59 -52.71 3.30
C SER G 84 -75.69 -53.06 2.34
N GLN G 85 -76.17 -52.04 1.63
CA GLN G 85 -77.16 -52.29 0.59
C GLN G 85 -76.99 -51.31 -0.54
N GLY G 86 -77.42 -51.75 -1.70
CA GLY G 86 -77.34 -50.93 -2.87
C GLY G 86 -77.82 -51.70 -4.05
N THR G 87 -77.13 -51.56 -5.16
CA THR G 87 -77.47 -52.28 -6.37
C THR G 87 -76.23 -52.84 -7.05
N TRP G 88 -76.45 -53.81 -7.91
CA TRP G 88 -75.38 -54.48 -8.63
C TRP G 88 -75.04 -53.78 -9.90
N GLY G 89 -73.76 -53.74 -10.22
CA GLY G 89 -73.28 -53.21 -11.50
C GLY G 89 -72.02 -53.91 -11.91
N LYS G 90 -71.45 -53.45 -13.02
CA LYS G 90 -70.18 -53.93 -13.54
C LYS G 90 -69.35 -52.75 -13.92
N ASP G 91 -68.05 -52.83 -13.68
CA ASP G 91 -67.11 -51.79 -14.13
C ASP G 91 -65.70 -52.37 -14.12
N THR G 92 -64.80 -51.57 -14.64
CA THR G 92 -63.40 -51.91 -14.67
C THR G 92 -62.87 -51.78 -13.26
N VAL G 93 -62.09 -52.78 -12.85
CA VAL G 93 -61.44 -52.78 -11.54
C VAL G 93 -59.95 -52.85 -11.78
N THR G 94 -59.19 -52.00 -11.06
CA THR G 94 -57.75 -51.91 -11.28
C THR G 94 -57.06 -52.11 -9.94
N ILE G 95 -56.16 -53.08 -9.92
CA ILE G 95 -55.42 -53.48 -8.74
C ILE G 95 -53.92 -53.35 -9.07
N ASN G 96 -53.24 -52.44 -8.40
CA ASN G 96 -51.81 -52.17 -8.63
C ASN G 96 -51.53 -52.09 -10.13
N GLY G 97 -52.32 -51.30 -10.86
CA GLY G 97 -52.12 -51.07 -12.27
C GLY G 97 -52.59 -52.14 -13.22
N VAL G 98 -53.12 -53.25 -12.72
CA VAL G 98 -53.64 -54.31 -13.54
C VAL G 98 -55.18 -54.18 -13.57
N SER G 99 -55.76 -54.07 -14.76
CA SER G 99 -57.19 -53.81 -14.93
C SER G 99 -57.91 -55.03 -15.45
N ILE G 100 -59.08 -55.29 -14.87
CA ILE G 100 -60.02 -56.26 -15.36
C ILE G 100 -61.31 -55.55 -15.73
N THR G 101 -61.85 -55.92 -16.87
CA THR G 101 -63.04 -55.27 -17.42
C THR G 101 -64.29 -56.00 -16.95
N GLY G 102 -65.39 -55.26 -16.88
CA GLY G 102 -66.69 -55.89 -16.67
C GLY G 102 -66.80 -56.69 -15.37
N GLN G 103 -66.14 -56.23 -14.33
CA GLN G 103 -66.19 -56.91 -13.04
C GLN G 103 -67.46 -56.51 -12.31
N GLN G 104 -68.24 -57.52 -11.90
CA GLN G 104 -69.44 -57.28 -11.12
C GLN G 104 -69.07 -56.84 -9.71
N ILE G 105 -69.69 -55.76 -9.27
CA ILE G 105 -69.47 -55.14 -8.01
C ILE G 105 -70.83 -54.62 -7.51
N ALA G 106 -70.90 -54.25 -6.24
CA ALA G 106 -72.10 -53.59 -5.74
C ALA G 106 -71.79 -52.14 -5.43
N ASP G 107 -72.70 -51.28 -5.90
CA ASP G 107 -72.68 -49.85 -5.61
C ASP G 107 -73.55 -49.60 -4.40
N VAL G 108 -72.94 -49.34 -3.27
CA VAL G 108 -73.64 -49.32 -2.00
C VAL G 108 -74.00 -47.88 -1.63
N THR G 109 -75.29 -47.70 -1.32
CA THR G 109 -75.80 -46.36 -0.97
C THR G 109 -76.23 -46.28 0.47
N GLN G 110 -76.18 -47.37 1.21
CA GLN G 110 -76.36 -47.31 2.64
C GLN G 110 -75.49 -48.36 3.27
N THR G 111 -74.77 -47.99 4.30
CA THR G 111 -73.91 -48.95 4.97
C THR G 111 -73.60 -48.54 6.40
N SER G 112 -73.45 -49.52 7.25
CA SER G 112 -72.90 -49.35 8.57
C SER G 112 -71.43 -49.74 8.71
N VAL G 113 -70.81 -50.08 7.59
CA VAL G 113 -69.38 -50.39 7.54
C VAL G 113 -68.65 -49.10 7.20
N ASP G 114 -67.42 -48.93 7.70
CA ASP G 114 -66.60 -47.70 7.51
CA ASP G 114 -66.80 -47.61 7.43
C ASP G 114 -66.04 -47.52 6.11
N GLN G 115 -66.00 -48.60 5.34
CA GLN G 115 -65.36 -48.55 4.02
C GLN G 115 -65.84 -49.75 3.22
N GLY G 116 -65.55 -49.72 1.93
CA GLY G 116 -65.92 -50.85 1.08
C GLY G 116 -65.11 -52.09 1.43
N ILE G 117 -65.60 -53.22 0.90
CA ILE G 117 -65.01 -54.54 1.19
C ILE G 117 -64.82 -55.24 -0.16
N LEU G 118 -63.59 -55.74 -0.33
CA LEU G 118 -63.23 -56.59 -1.47
C LEU G 118 -63.23 -58.03 -0.97
N GLY G 119 -64.39 -58.67 -1.10
CA GLY G 119 -64.53 -60.10 -0.77
C GLY G 119 -63.89 -60.95 -1.86
N ILE G 120 -63.00 -61.85 -1.44
CA ILE G 120 -62.23 -62.68 -2.36
C ILE G 120 -62.39 -64.15 -2.10
N GLY G 121 -63.44 -64.52 -1.37
CA GLY G 121 -63.71 -65.94 -1.14
C GLY G 121 -64.37 -66.61 -2.32
N TYR G 122 -64.95 -67.76 -2.08
CA TYR G 122 -65.55 -68.55 -3.12
C TYR G 122 -66.78 -67.89 -3.69
N THR G 123 -67.02 -68.07 -4.99
CA THR G 123 -68.24 -67.49 -5.58
C THR G 123 -69.51 -68.00 -4.93
N SER G 124 -69.47 -69.23 -4.38
CA SER G 124 -70.66 -69.78 -3.76
C SER G 124 -71.09 -69.07 -2.49
N ASN G 125 -70.24 -68.23 -1.91
CA ASN G 125 -70.61 -67.43 -0.77
C ASN G 125 -71.02 -65.99 -1.05
N GLU G 126 -71.23 -65.69 -2.32
CA GLU G 126 -71.74 -64.39 -2.70
C GLU G 126 -73.10 -64.09 -2.10
N ALA G 127 -73.30 -62.86 -1.69
CA ALA G 127 -74.55 -62.41 -1.06
C ALA G 127 -75.52 -62.01 -2.13
N VAL G 128 -76.18 -63.02 -2.68
CA VAL G 128 -77.08 -62.85 -3.82
C VAL G 128 -78.51 -63.31 -3.52
N TYR G 129 -78.83 -63.42 -2.24
CA TYR G 129 -80.14 -63.86 -1.74
C TYR G 129 -80.79 -62.75 -0.98
N ASP G 130 -82.10 -62.87 -0.84
CA ASP G 130 -82.89 -61.93 -0.02
C ASP G 130 -83.33 -62.62 1.22
N THR G 131 -84.09 -61.90 2.05
CA THR G 131 -84.65 -62.45 3.28
C THR G 131 -85.71 -63.52 3.10
N SER G 132 -86.23 -63.71 1.89
CA SER G 132 -87.15 -64.80 1.58
CA SER G 132 -87.14 -64.82 1.67
C SER G 132 -86.44 -66.12 1.36
N GLY G 133 -85.12 -66.08 1.18
CA GLY G 133 -84.33 -67.29 0.92
C GLY G 133 -84.24 -67.56 -0.58
N ARG G 134 -84.80 -66.65 -1.39
CA ARG G 134 -84.67 -66.75 -2.83
CA ARG G 134 -84.70 -66.71 -2.83
C ARG G 134 -83.44 -66.01 -3.30
N GLN G 135 -82.84 -66.58 -4.33
CA GLN G 135 -81.72 -65.97 -4.97
C GLN G 135 -82.29 -64.88 -5.85
N THR G 136 -81.80 -63.67 -5.71
CA THR G 136 -82.33 -62.53 -6.47
C THR G 136 -81.52 -62.14 -7.70
N THR G 137 -80.27 -62.59 -7.75
CA THR G 137 -79.39 -62.40 -8.90
C THR G 137 -78.46 -63.62 -8.92
N PRO G 138 -77.95 -64.04 -10.07
CA PRO G 138 -77.16 -65.27 -10.04
CA PRO G 138 -77.16 -65.28 -10.03
C PRO G 138 -75.80 -65.10 -9.40
N ASN G 139 -75.22 -66.22 -8.97
CA ASN G 139 -73.80 -66.22 -8.65
C ASN G 139 -73.03 -65.81 -9.90
N TYR G 140 -71.83 -65.24 -9.69
CA TYR G 140 -71.10 -64.54 -10.72
C TYR G 140 -69.61 -64.67 -10.46
N ASP G 141 -68.82 -64.25 -11.43
CA ASP G 141 -67.36 -64.27 -11.29
C ASP G 141 -66.92 -63.10 -10.44
N ASN G 142 -66.44 -63.38 -9.24
CA ASN G 142 -65.92 -62.34 -8.36
C ASN G 142 -64.48 -62.06 -8.74
N VAL G 143 -63.84 -61.14 -8.01
CA VAL G 143 -62.58 -60.59 -8.50
C VAL G 143 -61.52 -61.67 -8.79
N PRO G 144 -61.27 -62.62 -7.88
CA PRO G 144 -60.22 -63.59 -8.19
C PRO G 144 -60.54 -64.42 -9.42
N VAL G 145 -61.79 -64.79 -9.62
CA VAL G 145 -62.15 -65.53 -10.83
C VAL G 145 -61.87 -64.72 -12.08
N THR G 146 -62.22 -63.47 -12.06
CA THR G 146 -62.03 -62.60 -13.22
C THR G 146 -60.55 -62.37 -13.50
N LEU G 147 -59.74 -62.18 -12.48
CA LEU G 147 -58.30 -62.05 -12.70
C LEU G 147 -57.79 -63.28 -13.45
N LYS G 148 -58.25 -64.48 -13.10
CA LYS G 148 -57.82 -65.66 -13.80
C LYS G 148 -58.33 -65.67 -15.20
N LYS G 149 -59.62 -65.42 -15.37
CA LYS G 149 -60.25 -65.51 -16.68
C LYS G 149 -59.68 -64.55 -17.68
N GLN G 150 -59.29 -63.37 -17.24
CA GLN G 150 -58.70 -62.36 -18.12
C GLN G 150 -57.19 -62.47 -18.24
N GLY G 151 -56.63 -63.56 -17.74
CA GLY G 151 -55.21 -63.86 -17.95
C GLY G 151 -54.25 -63.10 -17.06
N LYS G 152 -54.71 -62.49 -15.99
CA LYS G 152 -53.86 -61.73 -15.10
C LYS G 152 -53.13 -62.61 -14.11
N ILE G 153 -53.72 -63.71 -13.73
CA ILE G 153 -53.09 -64.71 -12.87
C ILE G 153 -53.44 -66.06 -13.47
N ARG G 154 -52.61 -67.07 -13.21
CA ARG G 154 -52.78 -68.38 -13.80
C ARG G 154 -53.86 -69.22 -13.11
N THR G 155 -54.00 -69.02 -11.80
CA THR G 155 -54.74 -69.88 -10.89
C THR G 155 -55.47 -68.93 -9.96
N ASN G 156 -56.69 -69.29 -9.60
CA ASN G 156 -57.43 -68.57 -8.56
C ASN G 156 -56.83 -68.93 -7.22
N ALA G 157 -55.83 -68.15 -6.85
CA ALA G 157 -55.05 -68.38 -5.66
C ALA G 157 -54.44 -67.09 -5.22
N TYR G 158 -54.21 -66.95 -3.90
CA TYR G 158 -53.58 -65.77 -3.37
C TYR G 158 -52.87 -66.10 -2.09
N SER G 159 -51.75 -65.43 -1.85
CA SER G 159 -51.00 -65.59 -0.62
C SER G 159 -51.25 -64.42 0.27
N LEU G 160 -51.41 -64.70 1.56
CA LEU G 160 -51.73 -63.67 2.55
C LEU G 160 -50.59 -63.56 3.56
N TYR G 161 -50.02 -62.37 3.65
CA TYR G 161 -48.97 -62.00 4.61
C TYR G 161 -49.47 -60.76 5.31
N LEU G 162 -50.19 -60.96 6.41
CA LEU G 162 -50.62 -59.79 7.20
C LEU G 162 -49.46 -59.07 7.86
N ASN G 163 -48.37 -59.78 8.06
CA ASN G 163 -47.19 -59.25 8.70
C ASN G 163 -47.39 -59.16 10.23
N SER G 164 -46.41 -58.60 10.92
CA SER G 164 -46.37 -58.68 12.36
C SER G 164 -47.38 -57.74 12.99
N PRO G 165 -47.68 -57.94 14.28
CA PRO G 165 -48.68 -57.10 14.91
C PRO G 165 -48.36 -55.60 14.87
N SER G 166 -47.07 -55.29 14.91
CA SER G 166 -46.61 -53.90 14.85
C SER G 166 -46.40 -53.35 13.45
N ALA G 167 -46.54 -54.18 12.43
CA ALA G 167 -46.27 -53.72 11.08
C ALA G 167 -47.31 -52.77 10.57
N GLU G 168 -46.89 -51.78 9.78
CA GLU G 168 -47.82 -50.83 9.14
CA GLU G 168 -47.88 -50.86 9.19
C GLU G 168 -48.50 -51.45 7.91
N THR G 169 -47.76 -52.32 7.24
CA THR G 169 -48.24 -52.92 6.01
C THR G 169 -47.89 -54.39 5.91
N GLY G 170 -48.73 -55.12 5.20
CA GLY G 170 -48.45 -56.46 4.74
C GLY G 170 -48.71 -56.54 3.26
N THR G 171 -48.90 -57.75 2.77
CA THR G 171 -49.01 -57.96 1.34
C THR G 171 -50.00 -59.09 1.08
N ILE G 172 -50.83 -58.93 0.06
CA ILE G 172 -51.51 -60.07 -0.55
C ILE G 172 -50.97 -60.22 -1.97
N ILE G 173 -50.71 -61.45 -2.37
CA ILE G 173 -50.21 -61.68 -3.76
C ILE G 173 -51.25 -62.54 -4.45
N PHE G 174 -51.93 -61.97 -5.44
CA PHE G 174 -52.81 -62.75 -6.28
C PHE G 174 -51.96 -63.54 -7.27
N GLY G 175 -52.19 -64.83 -7.34
CA GLY G 175 -51.47 -65.67 -8.31
C GLY G 175 -50.02 -65.88 -8.02
N GLY G 176 -49.58 -65.71 -6.79
CA GLY G 176 -48.17 -65.88 -6.44
C GLY G 176 -47.96 -66.14 -4.98
N VAL G 177 -46.71 -66.40 -4.63
CA VAL G 177 -46.29 -66.77 -3.32
C VAL G 177 -44.91 -66.21 -3.05
N ASP G 178 -44.64 -65.77 -1.84
CA ASP G 178 -43.34 -65.29 -1.43
C ASP G 178 -42.75 -66.33 -0.51
N ASN G 179 -41.83 -67.11 -1.06
CA ASN G 179 -41.23 -68.22 -0.34
C ASN G 179 -40.21 -67.81 0.71
N ALA G 180 -39.87 -66.54 0.77
CA ALA G 180 -39.01 -66.04 1.84
C ALA G 180 -39.72 -65.85 3.18
N LYS G 181 -41.05 -65.81 3.20
CA LYS G 181 -41.79 -65.27 4.36
C LYS G 181 -42.41 -66.37 5.21
N TYR G 182 -41.83 -67.56 5.18
CA TYR G 182 -42.21 -68.62 6.12
C TYR G 182 -41.06 -69.53 6.42
N SER G 183 -41.14 -70.23 7.53
CA SER G 183 -40.16 -71.24 7.86
C SER G 183 -40.82 -72.59 7.71
N GLY G 184 -40.01 -73.63 7.53
CA GLY G 184 -40.55 -74.94 7.27
C GLY G 184 -41.16 -75.02 5.89
N LYS G 185 -42.02 -76.00 5.67
CA LYS G 185 -42.66 -76.16 4.34
C LYS G 185 -44.13 -75.72 4.43
N LEU G 186 -44.63 -75.17 3.34
CA LEU G 186 -46.05 -74.92 3.20
C LEU G 186 -46.73 -76.25 3.15
N VAL G 187 -47.69 -76.45 4.04
CA VAL G 187 -48.46 -77.68 4.11
C VAL G 187 -49.85 -77.41 3.58
N ALA G 188 -50.21 -78.12 2.52
CA ALA G 188 -51.54 -77.98 1.95
C ALA G 188 -52.57 -78.67 2.81
N GLU G 189 -53.61 -77.94 3.14
CA GLU G 189 -54.72 -78.45 3.90
C GLU G 189 -55.96 -78.40 3.05
N GLN G 190 -56.77 -79.43 3.13
CA GLN G 190 -58.00 -79.48 2.37
CA GLN G 190 -58.01 -79.50 2.42
C GLN G 190 -59.00 -78.46 2.92
N VAL G 191 -59.66 -77.75 2.01
CA VAL G 191 -60.75 -76.89 2.42
C VAL G 191 -61.99 -77.75 2.70
N THR G 192 -62.64 -77.53 3.84
CA THR G 192 -63.65 -78.48 4.33
C THR G 192 -65.08 -78.07 4.05
N SER G 193 -65.25 -76.93 3.37
CA SER G 193 -66.56 -76.43 2.92
C SER G 193 -66.46 -76.02 1.46
N SER G 194 -67.56 -76.12 0.71
CA SER G 194 -67.53 -75.62 -0.66
C SER G 194 -67.90 -74.16 -0.71
N GLN G 195 -68.32 -73.60 0.43
CA GLN G 195 -68.73 -72.20 0.51
C GLN G 195 -67.77 -71.29 1.27
N ALA G 196 -67.10 -71.82 2.27
CA ALA G 196 -66.24 -71.06 3.16
C ALA G 196 -64.84 -71.58 3.13
N LEU G 197 -63.87 -70.70 3.33
CA LEU G 197 -62.45 -71.07 3.32
C LEU G 197 -62.02 -71.59 4.70
N THR G 198 -62.54 -72.76 5.02
CA THR G 198 -62.30 -73.41 6.32
C THR G 198 -61.35 -74.59 6.14
N ILE G 199 -60.52 -74.82 7.15
CA ILE G 199 -59.71 -76.05 7.23
C ILE G 199 -59.96 -76.67 8.59
N SER G 200 -59.62 -77.93 8.68
CA SER G 200 -59.85 -78.65 9.92
CA SER G 200 -59.83 -78.67 9.93
C SER G 200 -58.80 -78.30 10.98
N LEU G 201 -59.28 -77.85 12.12
CA LEU G 201 -58.42 -77.56 13.27
C LEU G 201 -58.54 -78.72 14.24
N ALA G 202 -57.47 -79.49 14.42
CA ALA G 202 -57.53 -80.68 15.27
C ALA G 202 -57.54 -80.36 16.74
N SER G 203 -56.73 -79.37 17.15
CA SER G 203 -56.56 -79.11 18.57
C SER G 203 -55.91 -77.77 18.76
N VAL G 204 -56.06 -77.26 19.96
CA VAL G 204 -55.42 -76.00 20.40
C VAL G 204 -54.69 -76.33 21.69
N ASN G 205 -53.42 -75.92 21.80
CA ASN G 205 -52.66 -76.10 23.02
C ASN G 205 -52.56 -74.70 23.63
N LEU G 206 -53.17 -74.53 24.80
CA LEU G 206 -53.22 -73.26 25.49
C LEU G 206 -52.72 -73.49 26.91
N LYS G 207 -51.77 -72.66 27.32
CA LYS G 207 -51.09 -72.81 28.63
C LYS G 207 -50.56 -74.21 28.84
N GLY G 208 -50.04 -74.77 27.76
CA GLY G 208 -49.41 -76.10 27.80
C GLY G 208 -50.35 -77.29 27.70
N SER G 209 -51.66 -77.07 27.72
CA SER G 209 -52.62 -78.12 27.71
C SER G 209 -53.34 -78.19 26.36
N SER G 210 -53.52 -79.41 25.88
CA SER G 210 -54.23 -79.64 24.65
C SER G 210 -55.72 -79.68 24.86
N PHE G 211 -56.45 -79.02 23.96
CA PHE G 211 -57.92 -79.02 23.94
C PHE G 211 -58.27 -79.50 22.57
N SER G 212 -58.92 -80.65 22.51
CA SER G 212 -59.32 -81.25 21.25
C SER G 212 -60.48 -80.50 20.58
N PHE G 213 -60.35 -80.29 19.27
CA PHE G 213 -61.36 -79.55 18.55
C PHE G 213 -61.95 -80.42 17.45
N GLY G 214 -61.33 -80.49 16.30
CA GLY G 214 -61.71 -81.43 15.25
C GLY G 214 -62.66 -80.94 14.18
N ASP G 215 -62.98 -79.66 14.20
CA ASP G 215 -63.96 -79.08 13.28
CA ASP G 215 -63.95 -79.09 13.25
C ASP G 215 -63.30 -77.98 12.46
N GLY G 216 -64.02 -77.47 11.48
CA GLY G 216 -63.49 -76.49 10.59
C GLY G 216 -63.33 -75.14 11.22
N ALA G 217 -62.34 -74.40 10.72
CA ALA G 217 -62.06 -73.05 11.17
C ALA G 217 -61.90 -72.18 9.94
N LEU G 218 -62.66 -71.10 9.89
CA LEU G 218 -62.61 -70.16 8.77
C LEU G 218 -61.36 -69.28 8.90
N LEU G 219 -60.54 -69.23 7.86
CA LEU G 219 -59.32 -68.46 7.87
C LEU G 219 -59.63 -67.11 7.26
N ASP G 220 -60.13 -66.22 8.11
CA ASP G 220 -60.78 -64.98 7.67
C ASP G 220 -59.97 -63.72 7.90
N SER G 221 -59.38 -63.18 6.83
CA SER G 221 -58.64 -61.93 6.93
C SER G 221 -59.52 -60.76 7.42
N GLY G 222 -60.82 -60.84 7.19
CA GLY G 222 -61.79 -59.80 7.59
C GLY G 222 -62.39 -59.95 8.97
N THR G 223 -61.84 -60.82 9.81
CA THR G 223 -62.22 -60.89 11.20
C THR G 223 -61.01 -60.46 12.05
N THR G 224 -61.24 -59.61 13.04
CA THR G 224 -60.20 -59.13 13.89
C THR G 224 -59.59 -60.16 14.86
N LEU G 225 -60.50 -60.87 15.53
CA LEU G 225 -60.13 -61.78 16.60
C LEU G 225 -60.36 -63.22 16.20
N THR G 226 -60.39 -64.10 17.19
CA THR G 226 -60.58 -65.53 16.99
C THR G 226 -61.89 -65.95 17.66
N TYR G 227 -62.70 -66.75 17.01
CA TYR G 227 -64.02 -67.13 17.51
C TYR G 227 -64.11 -68.63 17.55
N PHE G 228 -64.68 -69.14 18.65
CA PHE G 228 -64.94 -70.55 18.81
C PHE G 228 -66.34 -70.77 19.32
N PRO G 229 -66.88 -72.00 19.12
CA PRO G 229 -68.18 -72.35 19.71
C PRO G 229 -68.15 -72.09 21.20
N SER G 230 -69.30 -71.70 21.75
CA SER G 230 -69.36 -71.25 23.13
C SER G 230 -68.78 -72.23 24.13
N ASP G 231 -69.08 -73.50 23.97
CA ASP G 231 -68.62 -74.48 24.96
C ASP G 231 -67.10 -74.59 24.96
N PHE G 232 -66.53 -74.62 23.77
CA PHE G 232 -65.10 -74.74 23.60
C PHE G 232 -64.38 -73.47 24.04
N ALA G 233 -64.91 -72.32 23.66
CA ALA G 233 -64.37 -71.06 24.12
C ALA G 233 -64.38 -70.99 25.65
N ALA G 234 -65.45 -71.46 26.28
CA ALA G 234 -65.56 -71.44 27.75
C ALA G 234 -64.49 -72.30 28.38
N GLN G 235 -64.19 -73.45 27.78
CA GLN G 235 -63.10 -74.27 28.29
C GLN G 235 -61.75 -73.58 28.20
N LEU G 236 -61.49 -72.99 27.05
CA LEU G 236 -60.29 -72.21 26.90
C LEU G 236 -60.22 -71.01 27.85
N ALA G 237 -61.34 -70.34 28.07
CA ALA G 237 -61.38 -69.16 28.93
C ALA G 237 -61.06 -69.52 30.34
N ASP G 238 -61.57 -70.67 30.80
CA ASP G 238 -61.26 -71.17 32.16
C ASP G 238 -59.77 -71.40 32.33
N LYS G 239 -59.12 -71.94 31.29
CA LYS G 239 -57.67 -72.10 31.32
C LYS G 239 -56.89 -70.78 31.27
N ALA G 240 -57.39 -69.83 30.47
CA ALA G 240 -56.71 -68.58 30.22
C ALA G 240 -56.92 -67.51 31.30
N GLY G 241 -57.95 -67.69 32.11
CA GLY G 241 -58.35 -66.63 33.05
C GLY G 241 -59.22 -65.53 32.46
N ALA G 242 -59.87 -65.82 31.33
CA ALA G 242 -60.78 -64.83 30.70
C ALA G 242 -62.17 -64.90 31.36
N ARG G 243 -62.89 -63.79 31.30
CA ARG G 243 -64.18 -63.66 31.95
C ARG G 243 -65.21 -63.30 30.93
N LEU G 244 -66.32 -64.04 30.92
CA LEU G 244 -67.40 -63.76 29.98
C LEU G 244 -68.30 -62.64 30.49
N VAL G 245 -68.43 -61.56 29.74
CA VAL G 245 -69.15 -60.38 30.19
C VAL G 245 -70.30 -60.18 29.24
N GLN G 246 -71.50 -59.99 29.78
CA GLN G 246 -72.63 -59.63 28.95
C GLN G 246 -72.47 -58.13 28.70
N VAL G 247 -72.24 -57.77 27.44
CA VAL G 247 -71.96 -56.36 27.09
C VAL G 247 -73.20 -55.68 26.49
N ALA G 248 -74.11 -56.49 25.96
CA ALA G 248 -75.39 -56.05 25.41
C ALA G 248 -76.38 -57.20 25.58
N ARG G 249 -77.63 -57.01 25.17
CA ARG G 249 -78.66 -58.03 25.36
C ARG G 249 -78.29 -59.39 24.79
N ASP G 250 -77.90 -59.41 23.51
CA ASP G 250 -77.54 -60.67 22.79
C ASP G 250 -76.04 -60.82 22.55
N GLN G 251 -75.20 -60.04 23.22
CA GLN G 251 -73.75 -60.12 23.00
C GLN G 251 -72.97 -60.34 24.29
N TYR G 252 -72.09 -61.34 24.22
CA TYR G 252 -71.20 -61.69 25.29
C TYR G 252 -69.80 -61.66 24.75
N LEU G 253 -68.91 -61.00 25.46
CA LEU G 253 -67.50 -60.95 25.12
C LEU G 253 -66.66 -61.34 26.28
N TYR G 254 -65.56 -62.03 25.98
CA TYR G 254 -64.55 -62.30 26.98
C TYR G 254 -63.62 -61.13 27.16
N PHE G 255 -63.42 -60.79 28.42
CA PHE G 255 -62.41 -59.84 28.85
C PHE G 255 -61.33 -60.58 29.58
N ILE G 256 -60.16 -59.94 29.68
CA ILE G 256 -59.03 -60.54 30.37
C ILE G 256 -58.24 -59.40 31.04
N ASP G 257 -57.57 -59.70 32.14
CA ASP G 257 -56.83 -58.64 32.85
C ASP G 257 -55.78 -58.10 31.89
N CYS G 258 -55.66 -56.78 31.83
CA CYS G 258 -54.66 -56.17 30.96
C CYS G 258 -53.23 -56.57 31.34
N ASN G 259 -53.01 -56.94 32.60
CA ASN G 259 -51.66 -57.34 33.06
C ASN G 259 -51.39 -58.84 32.97
N THR G 260 -52.30 -59.57 32.31
CA THR G 260 -52.13 -61.00 32.13
CA THR G 260 -52.12 -61.01 32.18
C THR G 260 -50.75 -61.35 31.57
N ASP G 261 -50.19 -62.44 32.03
CA ASP G 261 -48.92 -62.96 31.52
C ASP G 261 -49.12 -63.39 30.08
N THR G 262 -48.45 -62.72 29.14
CA THR G 262 -48.52 -63.06 27.73
C THR G 262 -47.23 -63.66 27.18
N SER G 263 -46.34 -64.13 28.07
CA SER G 263 -45.09 -64.72 27.67
C SER G 263 -45.19 -66.06 26.94
N GLY G 264 -46.32 -66.74 27.11
CA GLY G 264 -46.52 -68.04 26.51
C GLY G 264 -46.98 -67.96 25.08
N THR G 265 -47.32 -69.13 24.52
CA THR G 265 -47.84 -69.18 23.15
CA THR G 265 -47.75 -69.25 23.15
C THR G 265 -49.01 -70.13 23.11
N THR G 266 -49.86 -69.91 22.14
CA THR G 266 -51.03 -70.77 21.89
C THR G 266 -50.79 -71.43 20.56
N VAL G 267 -50.97 -72.73 20.51
CA VAL G 267 -50.59 -73.54 19.36
C VAL G 267 -51.81 -74.16 18.73
N PHE G 268 -51.88 -74.06 17.40
CA PHE G 268 -53.01 -74.55 16.61
C PHE G 268 -52.50 -75.66 15.72
N ASN G 269 -53.09 -76.84 15.88
CA ASN G 269 -52.67 -78.05 15.16
C ASN G 269 -53.69 -78.36 14.09
N PHE G 270 -53.19 -78.45 12.88
CA PHE G 270 -54.00 -78.69 11.70
C PHE G 270 -53.70 -80.07 11.10
N GLY G 271 -54.21 -80.35 9.91
CA GLY G 271 -53.94 -81.65 9.28
C GLY G 271 -52.51 -81.81 8.84
N ASN G 272 -52.11 -83.05 8.56
CA ASN G 272 -50.84 -83.31 7.82
C ASN G 272 -49.60 -82.74 8.56
N GLY G 273 -49.69 -82.73 9.89
CA GLY G 273 -48.61 -82.28 10.76
C GLY G 273 -48.39 -80.79 10.92
N ALA G 274 -49.23 -79.97 10.30
CA ALA G 274 -49.03 -78.52 10.32
C ALA G 274 -49.42 -77.96 11.68
N LYS G 275 -48.65 -76.99 12.09
CA LYS G 275 -48.82 -76.31 13.38
C LYS G 275 -48.55 -74.84 13.17
N ILE G 276 -49.38 -73.97 13.75
CA ILE G 276 -49.11 -72.54 13.79
C ILE G 276 -49.10 -72.10 15.25
N THR G 277 -48.07 -71.36 15.62
CA THR G 277 -47.86 -70.90 16.98
CA THR G 277 -47.91 -70.88 16.99
C THR G 277 -48.13 -69.41 17.01
N VAL G 278 -48.93 -68.98 17.98
CA VAL G 278 -49.28 -67.58 18.10
C VAL G 278 -48.79 -67.05 19.47
N PRO G 279 -48.06 -65.93 19.52
CA PRO G 279 -47.64 -65.37 20.82
C PRO G 279 -48.85 -64.88 21.59
N ASN G 280 -48.80 -65.01 22.91
CA ASN G 280 -49.99 -64.74 23.69
C ASN G 280 -50.37 -63.28 23.81
N THR G 281 -49.49 -62.38 23.36
CA THR G 281 -49.84 -60.98 23.20
CA THR G 281 -49.88 -60.99 23.27
C THR G 281 -51.06 -60.78 22.32
N GLU G 282 -51.27 -61.70 21.38
CA GLU G 282 -52.38 -61.63 20.47
C GLU G 282 -53.75 -61.85 21.13
N TYR G 283 -53.75 -62.28 22.40
CA TYR G 283 -54.99 -62.53 23.13
C TYR G 283 -55.31 -61.49 24.16
N VAL G 284 -54.56 -60.40 24.21
CA VAL G 284 -54.86 -59.28 25.13
C VAL G 284 -54.99 -58.06 24.26
N TYR G 285 -56.24 -57.69 24.04
CA TYR G 285 -56.61 -56.64 23.12
C TYR G 285 -56.93 -55.41 23.95
N GLN G 286 -56.07 -54.40 23.89
CA GLN G 286 -56.24 -53.18 24.69
CA GLN G 286 -56.24 -53.18 24.69
C GLN G 286 -57.47 -52.39 24.24
N ASN G 287 -58.34 -52.05 25.20
CA ASN G 287 -59.51 -51.17 24.98
C ASN G 287 -59.16 -49.72 25.30
N GLY G 288 -58.00 -49.50 25.91
CA GLY G 288 -57.48 -48.16 26.17
C GLY G 288 -58.05 -47.46 27.41
N ASP G 289 -58.79 -48.19 28.24
CA ASP G 289 -59.50 -47.64 29.39
C ASP G 289 -59.27 -48.46 30.67
N GLY G 290 -58.15 -49.18 30.73
CA GLY G 290 -57.87 -50.11 31.83
C GLY G 290 -58.43 -51.51 31.71
N THR G 291 -59.26 -51.73 30.69
CA THR G 291 -59.79 -53.05 30.39
C THR G 291 -59.25 -53.53 29.06
N CYS G 292 -59.32 -54.85 28.89
CA CYS G 292 -58.84 -55.52 27.71
C CYS G 292 -59.80 -56.64 27.33
N LEU G 293 -60.08 -56.77 26.04
CA LEU G 293 -60.73 -57.96 25.51
C LEU G 293 -59.74 -59.11 25.42
N TRP G 294 -60.24 -60.30 25.66
CA TRP G 294 -59.55 -61.50 25.26
C TRP G 294 -59.59 -61.62 23.75
N GLY G 295 -58.55 -62.26 23.21
CA GLY G 295 -58.48 -62.43 21.75
C GLY G 295 -59.24 -63.60 21.21
N ILE G 296 -59.92 -64.35 22.08
CA ILE G 296 -60.85 -65.40 21.72
C ILE G 296 -62.24 -64.99 22.22
N GLN G 297 -63.24 -65.28 21.41
CA GLN G 297 -64.61 -64.88 21.66
C GLN G 297 -65.58 -65.98 21.23
N PRO G 298 -66.79 -66.03 21.80
CA PRO G 298 -67.71 -67.09 21.50
C PRO G 298 -68.52 -66.79 20.24
N SER G 299 -68.86 -67.82 19.52
CA SER G 299 -69.68 -67.68 18.31
C SER G 299 -70.22 -69.04 17.94
N ASP G 300 -71.27 -69.09 17.13
CA ASP G 300 -71.73 -70.35 16.56
CA ASP G 300 -71.71 -70.39 16.61
C ASP G 300 -70.76 -70.83 15.48
N ASP G 301 -70.02 -69.87 14.88
CA ASP G 301 -69.06 -70.10 13.78
C ASP G 301 -67.61 -69.89 14.23
N THR G 302 -66.75 -70.85 13.87
CA THR G 302 -65.34 -70.87 14.23
C THR G 302 -64.52 -70.10 13.22
N ILE G 303 -63.79 -69.11 13.71
CA ILE G 303 -63.08 -68.16 12.87
C ILE G 303 -61.70 -67.94 13.45
N LEU G 304 -60.67 -68.15 12.63
CA LEU G 304 -59.33 -67.71 12.94
C LEU G 304 -59.09 -66.44 12.17
N GLY G 305 -59.19 -65.32 12.88
CA GLY G 305 -59.04 -64.02 12.29
C GLY G 305 -57.62 -63.51 12.38
N ASP G 306 -57.48 -62.19 12.33
CA ASP G 306 -56.19 -61.59 12.09
C ASP G 306 -55.21 -61.88 13.19
N ASN G 307 -55.69 -62.02 14.42
CA ASN G 307 -54.76 -62.30 15.53
C ASN G 307 -54.17 -63.71 15.47
N PHE G 308 -54.75 -64.60 14.68
CA PHE G 308 -54.13 -65.86 14.26
C PHE G 308 -53.33 -65.67 12.98
N LEU G 309 -53.98 -65.10 11.96
CA LEU G 309 -53.42 -65.09 10.60
C LEU G 309 -52.12 -64.33 10.48
N ARG G 310 -51.89 -63.35 11.34
CA ARG G 310 -50.59 -62.65 11.36
C ARG G 310 -49.46 -63.62 11.57
N HIS G 311 -49.71 -64.79 12.13
CA HIS G 311 -48.63 -65.73 12.48
C HIS G 311 -48.42 -66.86 11.53
N ALA G 312 -49.18 -66.83 10.45
CA ALA G 312 -49.09 -67.83 9.39
C ALA G 312 -48.84 -67.13 8.06
N TYR G 313 -48.09 -67.81 7.18
CA TYR G 313 -48.13 -67.49 5.75
C TYR G 313 -49.13 -68.44 5.15
N LEU G 314 -50.07 -67.92 4.35
CA LEU G 314 -51.12 -68.75 3.78
C LEU G 314 -51.19 -68.59 2.29
N LEU G 315 -51.25 -69.72 1.60
CA LEU G 315 -51.52 -69.73 0.17
C LEU G 315 -52.88 -70.34 -0.01
N TYR G 316 -53.87 -69.49 -0.29
CA TYR G 316 -55.22 -69.93 -0.52
C TYR G 316 -55.31 -70.31 -1.99
N ASN G 317 -55.80 -71.50 -2.27
CA ASN G 317 -55.94 -71.94 -3.65
C ASN G 317 -57.38 -72.38 -3.85
N LEU G 318 -58.17 -71.48 -4.44
CA LEU G 318 -59.59 -71.71 -4.59
C LEU G 318 -59.87 -72.66 -5.75
N ASP G 319 -58.95 -72.81 -6.67
CA ASP G 319 -59.09 -73.80 -7.75
C ASP G 319 -58.83 -75.21 -7.21
N ALA G 320 -57.82 -75.35 -6.37
CA ALA G 320 -57.45 -76.67 -5.85
C ALA G 320 -58.22 -77.00 -4.60
N ASN G 321 -58.93 -76.05 -4.03
CA ASN G 321 -59.59 -76.25 -2.75
C ASN G 321 -58.63 -76.64 -1.64
N THR G 322 -57.51 -75.95 -1.58
CA THR G 322 -56.56 -76.14 -0.52
C THR G 322 -56.13 -74.79 0.02
N ILE G 323 -55.72 -74.76 1.28
CA ILE G 323 -55.03 -73.60 1.84
C ILE G 323 -53.73 -74.16 2.42
N SER G 324 -52.62 -73.67 1.92
CA SER G 324 -51.33 -74.11 2.39
C SER G 324 -50.82 -73.14 3.42
N ILE G 325 -50.33 -73.70 4.55
CA ILE G 325 -49.96 -72.87 5.69
C ILE G 325 -48.56 -73.22 6.18
N ALA G 326 -47.90 -72.21 6.72
CA ALA G 326 -46.60 -72.38 7.37
C ALA G 326 -46.43 -71.29 8.39
N GLN G 327 -45.59 -71.54 9.38
CA GLN G 327 -45.26 -70.53 10.38
C GLN G 327 -44.62 -69.31 9.69
N VAL G 328 -45.11 -68.12 9.96
CA VAL G 328 -44.65 -66.98 9.21
C VAL G 328 -43.20 -66.67 9.60
N LYS G 329 -42.46 -66.09 8.68
CA LYS G 329 -41.16 -65.52 8.95
C LYS G 329 -41.27 -64.06 8.52
N TYR G 330 -41.16 -63.13 9.46
CA TYR G 330 -41.26 -61.74 9.14
C TYR G 330 -39.94 -61.23 8.56
N THR G 331 -39.97 -60.85 7.29
CA THR G 331 -38.78 -60.40 6.60
C THR G 331 -39.18 -59.59 5.39
N THR G 332 -38.41 -58.56 5.11
CA THR G 332 -38.55 -57.82 3.85
C THR G 332 -37.86 -58.55 2.67
N ASP G 333 -37.09 -59.59 2.94
CA ASP G 333 -36.55 -60.43 1.87
C ASP G 333 -37.72 -60.99 1.13
N SER G 334 -37.55 -61.15 -0.18
CA SER G 334 -38.66 -61.59 -1.01
C SER G 334 -38.20 -62.51 -2.13
N SER G 335 -38.89 -63.64 -2.28
CA SER G 335 -38.58 -64.61 -3.30
C SER G 335 -39.92 -65.01 -3.88
N ILE G 336 -40.37 -64.28 -4.87
CA ILE G 336 -41.74 -64.41 -5.35
C ILE G 336 -41.80 -65.31 -6.58
N SER G 337 -42.73 -66.25 -6.57
CA SER G 337 -42.98 -67.14 -7.70
CA SER G 337 -42.98 -67.13 -7.71
C SER G 337 -44.45 -67.10 -8.01
N ALA G 338 -44.80 -67.18 -9.28
CA ALA G 338 -46.19 -67.34 -9.68
C ALA G 338 -46.69 -68.72 -9.31
N VAL G 339 -48.00 -68.79 -9.05
CA VAL G 339 -48.70 -70.04 -8.72
C VAL G 339 -49.59 -70.42 -9.94
N VAL H 2 -64.15 -56.54 14.24
CA VAL H 2 -65.14 -56.76 13.19
C VAL H 2 -65.14 -58.21 12.78
N VAL H 3 -66.24 -58.62 12.17
CA VAL H 3 -66.39 -59.95 11.64
C VAL H 3 -67.06 -59.87 10.27
N ALA H 5 -68.93 -63.22 6.10
CA ALA H 5 -70.30 -63.44 5.64
C ALA H 5 -70.63 -64.94 5.85
#